data_2X7Z
# 
_entry.id   2X7Z 
# 
_audit_conform.dict_name       mmcif_pdbx.dic 
_audit_conform.dict_version    5.383 
_audit_conform.dict_location   http://mmcif.pdb.org/dictionaries/ascii/mmcif_pdbx.dic 
# 
loop_
_database_2.database_id 
_database_2.database_code 
_database_2.pdbx_database_accession 
_database_2.pdbx_DOI 
PDB   2X7Z         pdb_00002x7z 10.2210/pdb2x7z/pdb 
PDBE  EBI-38822    ?            ?                   
WWPDB D_1290038822 ?            ?                   
# 
_pdbx_database_related.db_name        PDB 
_pdbx_database_related.db_id          1PDR 
_pdbx_database_related.content_type   unspecified 
_pdbx_database_related.details        'CRYSTAL STRUCTURE OF THE THIRD PDZ DOMAIN FROM THE HUMANHOMOLOG OF DISCS LARGE PROTEIN' 
# 
_pdbx_database_status.status_code                     REL 
_pdbx_database_status.entry_id                        2X7Z 
_pdbx_database_status.deposit_site                    PDBE 
_pdbx_database_status.process_site                    PDBE 
_pdbx_database_status.SG_entry                        . 
_pdbx_database_status.recvd_initial_deposition_date   2010-03-04 
_pdbx_database_status.pdb_format_compatible           Y 
_pdbx_database_status.status_code_sf                  REL 
_pdbx_database_status.status_code_mr                  ? 
_pdbx_database_status.status_code_cs                  ? 
_pdbx_database_status.methods_development_category    ? 
_pdbx_database_status.status_code_nmr_data            ? 
# 
loop_
_audit_author.name 
_audit_author.pdbx_ordinal 
'Haq, S.R.'     1 
'Jurgens, M.C.' 2 
'Chi, C.N.'     3 
'Elfstrom, L.'  4 
'Koh, C.S.'     5 
'Selmer, M.'    6 
'Gianni, S.'    7 
'Jemth, P.'     8 
# 
_citation.id                        primary 
_citation.title                     
;The Plastic Energy Landscape of Protein Folding: A Triangular Folding Mechanism with an Equilibrium Intermediate for a Small Protein Domain.
;
_citation.journal_abbrev            J.Biol.Chem. 
_citation.journal_volume            285 
_citation.page_first                18051 
_citation.page_last                 ? 
_citation.year                      2010 
_citation.journal_id_ASTM           JBCHA3 
_citation.country                   US 
_citation.journal_id_ISSN           0021-9258 
_citation.journal_id_CSD            0071 
_citation.book_publisher            ? 
_citation.pdbx_database_id_PubMed   20356847 
_citation.pdbx_database_id_DOI      10.1074/JBC.M110.110833 
# 
loop_
_citation_author.citation_id 
_citation_author.name 
_citation_author.ordinal 
_citation_author.identifier_ORCID 
primary 'Haq, S.R.'     1 ? 
primary 'Jurgens, M.C.' 2 ? 
primary 'Chi, C.N.'     3 ? 
primary 'Elfstrom, L.'  4 ? 
primary 'Koh, C.S.'     5 ? 
primary 'Selmer, M.'    6 ? 
primary 'Gianni, S.'    7 ? 
primary 'Jemth, P.'     8 ? 
# 
_cell.entry_id           2X7Z 
_cell.length_a           47.905 
_cell.length_b           47.905 
_cell.length_c           123.287 
_cell.angle_alpha        90.00 
_cell.angle_beta         90.00 
_cell.angle_gamma        90.00 
_cell.Z_PDB              8 
_cell.pdbx_unique_axis   ? 
# 
_symmetry.entry_id                         2X7Z 
_symmetry.space_group_name_H-M             'P 43 2 2' 
_symmetry.pdbx_full_space_group_name_H-M   ? 
_symmetry.cell_setting                     ? 
_symmetry.Int_Tables_number                95 
# 
loop_
_entity.id 
_entity.type 
_entity.src_method 
_entity.pdbx_description 
_entity.formula_weight 
_entity.pdbx_number_of_molecules 
_entity.pdbx_ec 
_entity.pdbx_mutation 
_entity.pdbx_fragment 
_entity.details 
1 polymer     man 'DISKS LARGE HOMOLOG 1' 10484.023 1  ? YES 'PDZ2 DOMAIN, RESIDUES 260-356' ? 
2 non-polymer syn 'AMMONIUM ION'          18.038    1  ? ?   ?                               ? 
3 non-polymer syn IMIDAZOLE               69.085    1  ? ?   ?                               ? 
4 water       nat water                   18.015    82 ? ?   ?                               ? 
# 
_entity_name_com.entity_id   1 
_entity_name_com.name        'SYNAPSE-ASSOCIATED PROTEIN 97, SAP97, SAP-97, HDLG' 
# 
_entity_poly.entity_id                      1 
_entity_poly.type                           'polypeptide(L)' 
_entity_poly.nstd_linkage                   no 
_entity_poly.nstd_monomer                   no 
_entity_poly.pdbx_seq_one_letter_code       
;GSKPVSEKIMEIKLIKGPKGLGFSIAGGVGNQHWPGDNSIYVTKIIEGGAAHKDGKLQIGDKLLAVNNVALEEVTHEEAV
TALKNTSDFVYLKVAKPTS
;
_entity_poly.pdbx_seq_one_letter_code_can   
;GSKPVSEKIMEIKLIKGPKGLGFSIAGGVGNQHWPGDNSIYVTKIIEGGAAHKDGKLQIGDKLLAVNNVALEEVTHEEAV
TALKNTSDFVYLKVAKPTS
;
_entity_poly.pdbx_strand_id                 A 
_entity_poly.pdbx_target_identifier         ? 
# 
loop_
_entity_poly_seq.entity_id 
_entity_poly_seq.num 
_entity_poly_seq.mon_id 
_entity_poly_seq.hetero 
1 1  GLY n 
1 2  SER n 
1 3  LYS n 
1 4  PRO n 
1 5  VAL n 
1 6  SER n 
1 7  GLU n 
1 8  LYS n 
1 9  ILE n 
1 10 MET n 
1 11 GLU n 
1 12 ILE n 
1 13 LYS n 
1 14 LEU n 
1 15 ILE n 
1 16 LYS n 
1 17 GLY n 
1 18 PRO n 
1 19 LYS n 
1 20 GLY n 
1 21 LEU n 
1 22 GLY n 
1 23 PHE n 
1 24 SER n 
1 25 ILE n 
1 26 ALA n 
1 27 GLY n 
1 28 GLY n 
1 29 VAL n 
1 30 GLY n 
1 31 ASN n 
1 32 GLN n 
1 33 HIS n 
1 34 TRP n 
1 35 PRO n 
1 36 GLY n 
1 37 ASP n 
1 38 ASN n 
1 39 SER n 
1 40 ILE n 
1 41 TYR n 
1 42 VAL n 
1 43 THR n 
1 44 LYS n 
1 45 ILE n 
1 46 ILE n 
1 47 GLU n 
1 48 GLY n 
1 49 GLY n 
1 50 ALA n 
1 51 ALA n 
1 52 HIS n 
1 53 LYS n 
1 54 ASP n 
1 55 GLY n 
1 56 LYS n 
1 57 LEU n 
1 58 GLN n 
1 59 ILE n 
1 60 GLY n 
1 61 ASP n 
1 62 LYS n 
1 63 LEU n 
1 64 LEU n 
1 65 ALA n 
1 66 VAL n 
1 67 ASN n 
1 68 ASN n 
1 69 VAL n 
1 70 ALA n 
1 71 LEU n 
1 72 GLU n 
1 73 GLU n 
1 74 VAL n 
1 75 THR n 
1 76 HIS n 
1 77 GLU n 
1 78 GLU n 
1 79 ALA n 
1 80 VAL n 
1 81 THR n 
1 82 ALA n 
1 83 LEU n 
1 84 LYS n 
1 85 ASN n 
1 86 THR n 
1 87 SER n 
1 88 ASP n 
1 89 PHE n 
1 90 VAL n 
1 91 TYR n 
1 92 LEU n 
1 93 LYS n 
1 94 VAL n 
1 95 ALA n 
1 96 LYS n 
1 97 PRO n 
1 98 THR n 
1 99 SER n 
# 
_entity_src_gen.entity_id                          1 
_entity_src_gen.pdbx_src_id                        1 
_entity_src_gen.pdbx_alt_source_flag               sample 
_entity_src_gen.pdbx_seq_type                      ? 
_entity_src_gen.pdbx_beg_seq_num                   ? 
_entity_src_gen.pdbx_end_seq_num                   ? 
_entity_src_gen.gene_src_common_name               HUMAN 
_entity_src_gen.gene_src_genus                     ? 
_entity_src_gen.pdbx_gene_src_gene                 ? 
_entity_src_gen.gene_src_species                   ? 
_entity_src_gen.gene_src_strain                    ? 
_entity_src_gen.gene_src_tissue                    ? 
_entity_src_gen.gene_src_tissue_fraction           ? 
_entity_src_gen.gene_src_details                   ? 
_entity_src_gen.pdbx_gene_src_fragment             ? 
_entity_src_gen.pdbx_gene_src_scientific_name      'HOMO SAPIENS' 
_entity_src_gen.pdbx_gene_src_ncbi_taxonomy_id     9606 
_entity_src_gen.pdbx_gene_src_variant              ? 
_entity_src_gen.pdbx_gene_src_cell_line            ? 
_entity_src_gen.pdbx_gene_src_atcc                 ? 
_entity_src_gen.pdbx_gene_src_organ                ? 
_entity_src_gen.pdbx_gene_src_organelle            ? 
_entity_src_gen.pdbx_gene_src_cell                 ? 
_entity_src_gen.pdbx_gene_src_cellular_location    ? 
_entity_src_gen.host_org_common_name               ? 
_entity_src_gen.pdbx_host_org_scientific_name      'ESCHERICHIA COLI' 
_entity_src_gen.pdbx_host_org_ncbi_taxonomy_id     469008 
_entity_src_gen.host_org_genus                     ? 
_entity_src_gen.pdbx_host_org_gene                 ? 
_entity_src_gen.pdbx_host_org_organ                ? 
_entity_src_gen.host_org_species                   ? 
_entity_src_gen.pdbx_host_org_tissue               ? 
_entity_src_gen.pdbx_host_org_tissue_fraction      ? 
_entity_src_gen.pdbx_host_org_strain               'BL21(DE3)PLYSS' 
_entity_src_gen.pdbx_host_org_variant              ? 
_entity_src_gen.pdbx_host_org_cell_line            ? 
_entity_src_gen.pdbx_host_org_atcc                 ? 
_entity_src_gen.pdbx_host_org_culture_collection   ? 
_entity_src_gen.pdbx_host_org_cell                 ? 
_entity_src_gen.pdbx_host_org_organelle            ? 
_entity_src_gen.pdbx_host_org_cellular_location    ? 
_entity_src_gen.pdbx_host_org_vector_type          ? 
_entity_src_gen.pdbx_host_org_vector               ? 
_entity_src_gen.host_org_details                   ? 
_entity_src_gen.expression_system_id               ? 
_entity_src_gen.plasmid_name                       PRSET-SAP97-PDZ2-I342W-C378A 
_entity_src_gen.plasmid_details                    ? 
_entity_src_gen.pdbx_description                   ? 
# 
loop_
_struct_ref.id 
_struct_ref.db_name 
_struct_ref.db_code 
_struct_ref.entity_id 
_struct_ref.pdbx_seq_one_letter_code 
_struct_ref.pdbx_align_begin 
_struct_ref.pdbx_db_accession 
_struct_ref.pdbx_db_isoform 
1 PDB 2X7Z       1 ? ? 2X7Z   ? 
2 UNP DLG1_HUMAN 1 ? ? Q12959 ? 
# 
loop_
_struct_ref_seq.align_id 
_struct_ref_seq.ref_id 
_struct_ref_seq.pdbx_PDB_id_code 
_struct_ref_seq.pdbx_strand_id 
_struct_ref_seq.seq_align_beg 
_struct_ref_seq.pdbx_seq_align_beg_ins_code 
_struct_ref_seq.seq_align_end 
_struct_ref_seq.pdbx_seq_align_end_ins_code 
_struct_ref_seq.pdbx_db_accession 
_struct_ref_seq.db_align_beg 
_struct_ref_seq.pdbx_db_align_beg_ins_code 
_struct_ref_seq.db_align_end 
_struct_ref_seq.pdbx_db_align_end_ins_code 
_struct_ref_seq.pdbx_auth_seq_align_beg 
_struct_ref_seq.pdbx_auth_seq_align_end 
1 1 2X7Z A 1 ? 2  ? 2X7Z   309 ? 310 ? 309 310 
2 2 2X7Z A 3 ? 99 ? Q12959 260 ? 356 ? 311 407 
# 
loop_
_struct_ref_seq_dif.align_id 
_struct_ref_seq_dif.pdbx_pdb_id_code 
_struct_ref_seq_dif.mon_id 
_struct_ref_seq_dif.pdbx_pdb_strand_id 
_struct_ref_seq_dif.seq_num 
_struct_ref_seq_dif.pdbx_pdb_ins_code 
_struct_ref_seq_dif.pdbx_seq_db_name 
_struct_ref_seq_dif.pdbx_seq_db_accession_code 
_struct_ref_seq_dif.db_mon_id 
_struct_ref_seq_dif.pdbx_seq_db_seq_num 
_struct_ref_seq_dif.details 
_struct_ref_seq_dif.pdbx_auth_seq_num 
_struct_ref_seq_dif.pdbx_ordinal 
1 2X7Z TRP A 34 ? UNP Q12959 ILE 291 'engineered mutation' 342 1 
1 2X7Z ALA A 70 ? UNP Q12959 CYS 327 'engineered mutation' 378 2 
# 
loop_
_chem_comp.id 
_chem_comp.type 
_chem_comp.mon_nstd_flag 
_chem_comp.name 
_chem_comp.pdbx_synonyms 
_chem_comp.formula 
_chem_comp.formula_weight 
ALA 'L-peptide linking' y ALANINE         ? 'C3 H7 N O2'     89.093  
ASN 'L-peptide linking' y ASPARAGINE      ? 'C4 H8 N2 O3'    132.118 
ASP 'L-peptide linking' y 'ASPARTIC ACID' ? 'C4 H7 N O4'     133.103 
CYS 'L-peptide linking' y CYSTEINE        ? 'C3 H7 N O2 S'   121.158 
GLN 'L-peptide linking' y GLUTAMINE       ? 'C5 H10 N2 O3'   146.144 
GLU 'L-peptide linking' y 'GLUTAMIC ACID' ? 'C5 H9 N O4'     147.129 
GLY 'peptide linking'   y GLYCINE         ? 'C2 H5 N O2'     75.067  
HIS 'L-peptide linking' y HISTIDINE       ? 'C6 H10 N3 O2 1' 156.162 
HOH non-polymer         . WATER           ? 'H2 O'           18.015  
ILE 'L-peptide linking' y ISOLEUCINE      ? 'C6 H13 N O2'    131.173 
IMD non-polymer         . IMIDAZOLE       ? 'C3 H5 N2 1'     69.085  
LEU 'L-peptide linking' y LEUCINE         ? 'C6 H13 N O2'    131.173 
LYS 'L-peptide linking' y LYSINE          ? 'C6 H15 N2 O2 1' 147.195 
MET 'L-peptide linking' y METHIONINE      ? 'C5 H11 N O2 S'  149.211 
NH4 non-polymer         . 'AMMONIUM ION'  ? 'H4 N 1'         18.038  
PHE 'L-peptide linking' y PHENYLALANINE   ? 'C9 H11 N O2'    165.189 
PRO 'L-peptide linking' y PROLINE         ? 'C5 H9 N O2'     115.130 
SER 'L-peptide linking' y SERINE          ? 'C3 H7 N O3'     105.093 
THR 'L-peptide linking' y THREONINE       ? 'C4 H9 N O3'     119.119 
TRP 'L-peptide linking' y TRYPTOPHAN      ? 'C11 H12 N2 O2'  204.225 
TYR 'L-peptide linking' y TYROSINE        ? 'C9 H11 N O3'    181.189 
VAL 'L-peptide linking' y VALINE          ? 'C5 H11 N O2'    117.146 
# 
_exptl.entry_id          2X7Z 
_exptl.method            'X-RAY DIFFRACTION' 
_exptl.crystals_number   1 
# 
_exptl_crystal.id                    1 
_exptl_crystal.density_meas          ? 
_exptl_crystal.density_Matthews      3.37 
_exptl_crystal.density_percent_sol   63.50 
_exptl_crystal.description           NONE 
# 
_exptl_crystal_grow.crystal_id      1 
_exptl_crystal_grow.method          'VAPOR DIFFUSION' 
_exptl_crystal_grow.temp            ? 
_exptl_crystal_grow.temp_details    ? 
_exptl_crystal_grow.pH              8.4 
_exptl_crystal_grow.pdbx_pH_range   ? 
_exptl_crystal_grow.pdbx_details    'VAPOR DIFFUSION, 100MM TRIS-HCL PH 8.4, 2.4M AMMONIUM SULPHATE' 
# 
_diffrn.id                     1 
_diffrn.ambient_temp           100 
_diffrn.ambient_temp_details   ? 
_diffrn.crystal_id             1 
# 
_diffrn_detector.diffrn_id              1 
_diffrn_detector.detector               CCD 
_diffrn_detector.type                   'MARRESEARCH SX-165' 
_diffrn_detector.pdbx_collection_date   2009-01-21 
_diffrn_detector.details                MIRRORS 
# 
_diffrn_radiation.diffrn_id                        1 
_diffrn_radiation.wavelength_id                    1 
_diffrn_radiation.pdbx_monochromatic_or_laue_m_l   M 
_diffrn_radiation.monochromator                    'SILICON CRYSTAL' 
_diffrn_radiation.pdbx_diffrn_protocol             'SINGLE WAVELENGTH' 
_diffrn_radiation.pdbx_scattering_type             x-ray 
# 
_diffrn_radiation_wavelength.id           1 
_diffrn_radiation_wavelength.wavelength   1.04 
_diffrn_radiation_wavelength.wt           1.0 
# 
_diffrn_source.diffrn_id                   1 
_diffrn_source.source                      SYNCHROTRON 
_diffrn_source.type                        'MAX II BEAMLINE I911-2' 
_diffrn_source.pdbx_synchrotron_site       'MAX II' 
_diffrn_source.pdbx_synchrotron_beamline   I911-2 
_diffrn_source.pdbx_wavelength             1.04 
_diffrn_source.pdbx_wavelength_list        ? 
# 
_reflns.pdbx_diffrn_id               1 
_reflns.pdbx_ordinal                 1 
_reflns.entry_id                     2X7Z 
_reflns.observed_criterion_sigma_I   0.000 
_reflns.observed_criterion_sigma_F   ? 
_reflns.d_resolution_low             29.900 
_reflns.d_resolution_high            2.000 
_reflns.number_obs                   10153 
_reflns.number_all                   ? 
_reflns.percent_possible_obs         96.6 
_reflns.pdbx_Rmerge_I_obs            0.08000 
_reflns.pdbx_Rsym_value              ? 
_reflns.pdbx_netI_over_sigmaI        31.5000 
_reflns.B_iso_Wilson_estimate        ? 
_reflns.pdbx_redundancy              20.400 
# 
_reflns_shell.pdbx_diffrn_id         1 
_reflns_shell.pdbx_ordinal           1 
_reflns_shell.d_res_high             2.00 
_reflns_shell.d_res_low              2.05 
_reflns_shell.percent_possible_all   96.8 
_reflns_shell.Rmerge_I_obs           0.22000 
_reflns_shell.pdbx_Rsym_value        ? 
_reflns_shell.meanI_over_sigI_obs    15.400 
_reflns_shell.pdbx_redundancy        20.80 
# 
_refine.pdbx_refine_id                           'X-RAY DIFFRACTION' 
_refine.entry_id                                 2X7Z 
_refine.pdbx_diffrn_id                           1 
_refine.pdbx_TLS_residual_ADP_flag               'LIKELY RESIDUAL' 
_refine.ls_number_reflns_obs                     9801 
_refine.ls_number_reflns_all                     ? 
_refine.pdbx_ls_sigma_I                          ? 
_refine.pdbx_ls_sigma_F                          ? 
_refine.pdbx_data_cutoff_high_absF               ? 
_refine.pdbx_data_cutoff_low_absF                ? 
_refine.pdbx_data_cutoff_high_rms_absF           ? 
_refine.ls_d_res_low                             29.69 
_refine.ls_d_res_high                            2.00 
_refine.ls_percent_reflns_obs                    100.00 
_refine.ls_R_factor_obs                          0.19576 
_refine.ls_R_factor_all                          ? 
_refine.ls_R_factor_R_work                       0.19381 
_refine.ls_R_factor_R_free                       0.23236 
_refine.ls_R_factor_R_free_error                 ? 
_refine.ls_R_factor_R_free_error_details         ? 
_refine.ls_percent_reflns_R_free                 5.0 
_refine.ls_number_reflns_R_free                  516 
_refine.ls_number_parameters                     ? 
_refine.ls_number_restraints                     ? 
_refine.occupancy_min                            ? 
_refine.occupancy_max                            ? 
_refine.correlation_coeff_Fo_to_Fc               0.947 
_refine.correlation_coeff_Fo_to_Fc_free          0.921 
_refine.B_iso_mean                               16.951 
_refine.aniso_B[1][1]                            0.10 
_refine.aniso_B[2][2]                            0.10 
_refine.aniso_B[3][3]                            -0.20 
_refine.aniso_B[1][2]                            0.00 
_refine.aniso_B[1][3]                            0.00 
_refine.aniso_B[2][3]                            0.00 
_refine.solvent_model_details                    MASK 
_refine.solvent_model_param_ksol                 ? 
_refine.solvent_model_param_bsol                 ? 
_refine.pdbx_solvent_vdw_probe_radii             1.40 
_refine.pdbx_solvent_ion_probe_radii             0.80 
_refine.pdbx_solvent_shrinkage_radii             0.80 
_refine.pdbx_ls_cross_valid_method               THROUGHOUT 
_refine.details                                  
'HYDROGENS HAVE BEEN ADDED IN THE RIDING POSITIONS ATOM RECORD CONTAINS RESIDUAL B FACTORS ONLY' 
_refine.pdbx_starting_model                      'PDB ENTRY 2AWU' 
_refine.pdbx_method_to_determine_struct          'MOLECULAR REPLACEMENT' 
_refine.pdbx_isotropic_thermal_model             ? 
_refine.pdbx_stereochemistry_target_values       'MAXIMUM LIKELIHOOD' 
_refine.pdbx_stereochem_target_val_spec_case     ? 
_refine.pdbx_R_Free_selection_details            RANDOM 
_refine.pdbx_overall_ESU_R                       0.141 
_refine.pdbx_overall_ESU_R_Free                  0.137 
_refine.overall_SU_ML                            0.092 
_refine.pdbx_overall_phase_error                 ? 
_refine.overall_SU_B                             7.174 
_refine.overall_SU_R_Cruickshank_DPI             ? 
_refine.pdbx_overall_SU_R_free_Cruickshank_DPI   ? 
_refine.pdbx_overall_SU_R_Blow_DPI               ? 
_refine.pdbx_overall_SU_R_free_Blow_DPI          ? 
# 
_refine_hist.pdbx_refine_id                   'X-RAY DIFFRACTION' 
_refine_hist.cycle_id                         LAST 
_refine_hist.pdbx_number_atoms_protein        738 
_refine_hist.pdbx_number_atoms_nucleic_acid   0 
_refine_hist.pdbx_number_atoms_ligand         6 
_refine_hist.number_atoms_solvent             82 
_refine_hist.number_atoms_total               826 
_refine_hist.d_res_high                       2.00 
_refine_hist.d_res_low                        29.69 
# 
loop_
_refine_ls_restr.type 
_refine_ls_restr.dev_ideal 
_refine_ls_restr.dev_ideal_target 
_refine_ls_restr.weight 
_refine_ls_restr.number 
_refine_ls_restr.pdbx_refine_id 
_refine_ls_restr.pdbx_restraint_function 
r_bond_refined_d             0.022  0.022  ? 755  'X-RAY DIFFRACTION' ? 
r_bond_other_d               ?      ?      ? ?    'X-RAY DIFFRACTION' ? 
r_angle_refined_deg          1.691  1.982  ? 1017 'X-RAY DIFFRACTION' ? 
r_angle_other_deg            ?      ?      ? ?    'X-RAY DIFFRACTION' ? 
r_dihedral_angle_1_deg       6.556  5.000  ? 98   'X-RAY DIFFRACTION' ? 
r_dihedral_angle_2_deg       38.528 26.923 ? 26   'X-RAY DIFFRACTION' ? 
r_dihedral_angle_3_deg       15.154 15.000 ? 138  'X-RAY DIFFRACTION' ? 
r_dihedral_angle_4_deg       ?      ?      ? ?    'X-RAY DIFFRACTION' ? 
r_chiral_restr               0.132  0.200  ? 117  'X-RAY DIFFRACTION' ? 
r_gen_planes_refined         0.009  0.021  ? 547  'X-RAY DIFFRACTION' ? 
r_gen_planes_other           ?      ?      ? ?    'X-RAY DIFFRACTION' ? 
r_nbd_refined                ?      ?      ? ?    'X-RAY DIFFRACTION' ? 
r_nbd_other                  ?      ?      ? ?    'X-RAY DIFFRACTION' ? 
r_nbtor_refined              ?      ?      ? ?    'X-RAY DIFFRACTION' ? 
r_nbtor_other                ?      ?      ? ?    'X-RAY DIFFRACTION' ? 
r_xyhbond_nbd_refined        ?      ?      ? ?    'X-RAY DIFFRACTION' ? 
r_xyhbond_nbd_other          ?      ?      ? ?    'X-RAY DIFFRACTION' ? 
r_metal_ion_refined          ?      ?      ? ?    'X-RAY DIFFRACTION' ? 
r_metal_ion_other            ?      ?      ? ?    'X-RAY DIFFRACTION' ? 
r_symmetry_vdw_refined       ?      ?      ? ?    'X-RAY DIFFRACTION' ? 
r_symmetry_vdw_other         ?      ?      ? ?    'X-RAY DIFFRACTION' ? 
r_symmetry_hbond_refined     ?      ?      ? ?    'X-RAY DIFFRACTION' ? 
r_symmetry_hbond_other       ?      ?      ? ?    'X-RAY DIFFRACTION' ? 
r_symmetry_metal_ion_refined ?      ?      ? ?    'X-RAY DIFFRACTION' ? 
r_symmetry_metal_ion_other   ?      ?      ? ?    'X-RAY DIFFRACTION' ? 
r_mcbond_it                  1.044  1.500  ? 487  'X-RAY DIFFRACTION' ? 
r_mcbond_other               ?      ?      ? ?    'X-RAY DIFFRACTION' ? 
r_mcangle_it                 1.764  2.000  ? 781  'X-RAY DIFFRACTION' ? 
r_mcangle_other              ?      ?      ? ?    'X-RAY DIFFRACTION' ? 
r_scbond_it                  2.999  3.000  ? 268  'X-RAY DIFFRACTION' ? 
r_scbond_other               ?      ?      ? ?    'X-RAY DIFFRACTION' ? 
r_scangle_it                 5.056  4.500  ? 236  'X-RAY DIFFRACTION' ? 
r_scangle_other              ?      ?      ? ?    'X-RAY DIFFRACTION' ? 
r_long_range_B_refined       ?      ?      ? ?    'X-RAY DIFFRACTION' ? 
r_long_range_B_other         ?      ?      ? ?    'X-RAY DIFFRACTION' ? 
r_rigid_bond_restr           ?      ?      ? ?    'X-RAY DIFFRACTION' ? 
r_sphericity_free            ?      ?      ? ?    'X-RAY DIFFRACTION' ? 
r_sphericity_bonded          ?      ?      ? ?    'X-RAY DIFFRACTION' ? 
# 
_refine_ls_shell.pdbx_refine_id                   'X-RAY DIFFRACTION' 
_refine_ls_shell.pdbx_total_number_of_bins_used   20 
_refine_ls_shell.d_res_high                       2.000 
_refine_ls_shell.d_res_low                        2.052 
_refine_ls_shell.number_reflns_R_work             686 
_refine_ls_shell.R_factor_R_work                  0.212 
_refine_ls_shell.percent_reflns_obs               100.00 
_refine_ls_shell.R_factor_R_free                  0.287 
_refine_ls_shell.R_factor_R_free_error            ? 
_refine_ls_shell.percent_reflns_R_free            ? 
_refine_ls_shell.number_reflns_R_free             36 
_refine_ls_shell.number_reflns_all                ? 
_refine_ls_shell.R_factor_all                     ? 
# 
_struct.entry_id                  2X7Z 
_struct.title                     'Crystal Structure of the SAP97 PDZ2 I342W C378A mutant protein domain' 
_struct.pdbx_model_details        ? 
_struct.pdbx_CASP_flag            ? 
_struct.pdbx_model_type_details   ? 
# 
_struct_keywords.entry_id        2X7Z 
_struct_keywords.pdbx_keywords   'STRUCTURAL PROTEIN' 
_struct_keywords.text            'SH3 DOMAIN, PHOSPHOPROTEIN, SYNAPTIC PROTEIN, HOST-VIRUS INTERACTION, STRUCTURAL PROTEIN' 
# 
loop_
_struct_asym.id 
_struct_asym.pdbx_blank_PDB_chainid_flag 
_struct_asym.pdbx_modified 
_struct_asym.entity_id 
_struct_asym.details 
A N N 1 ? 
B N N 2 ? 
C N N 3 ? 
D N N 4 ? 
# 
_struct_biol.id   1 
# 
loop_
_struct_conf.conf_type_id 
_struct_conf.id 
_struct_conf.pdbx_PDB_helix_id 
_struct_conf.beg_label_comp_id 
_struct_conf.beg_label_asym_id 
_struct_conf.beg_label_seq_id 
_struct_conf.pdbx_beg_PDB_ins_code 
_struct_conf.end_label_comp_id 
_struct_conf.end_label_asym_id 
_struct_conf.end_label_seq_id 
_struct_conf.pdbx_end_PDB_ins_code 
_struct_conf.beg_auth_comp_id 
_struct_conf.beg_auth_asym_id 
_struct_conf.beg_auth_seq_id 
_struct_conf.end_auth_comp_id 
_struct_conf.end_auth_asym_id 
_struct_conf.end_auth_seq_id 
_struct_conf.pdbx_PDB_helix_class 
_struct_conf.details 
_struct_conf.pdbx_PDB_helix_length 
HELX_P HELX_P1 1 GLY A 49 ? GLY A 55 ? GLY A 357 GLY A 363 1 ? 7  
HELX_P HELX_P2 2 THR A 75 ? ASN A 85 ? THR A 383 ASN A 393 1 ? 11 
# 
_struct_conf_type.id          HELX_P 
_struct_conf_type.criteria    ? 
_struct_conf_type.reference   ? 
# 
loop_
_struct_sheet.id 
_struct_sheet.type 
_struct_sheet.number_strands 
_struct_sheet.details 
AA ? 4 ? 
AB ? 5 ? 
AC ? 2 ? 
# 
loop_
_struct_sheet_order.sheet_id 
_struct_sheet_order.range_id_1 
_struct_sheet_order.range_id_2 
_struct_sheet_order.offset 
_struct_sheet_order.sense 
AA 1 2 ? anti-parallel 
AA 2 3 ? anti-parallel 
AA 3 4 ? anti-parallel 
AB 1 2 ? anti-parallel 
AB 2 3 ? anti-parallel 
AB 3 4 ? anti-parallel 
AB 4 5 ? anti-parallel 
AC 1 2 ? anti-parallel 
# 
loop_
_struct_sheet_range.sheet_id 
_struct_sheet_range.id 
_struct_sheet_range.beg_label_comp_id 
_struct_sheet_range.beg_label_asym_id 
_struct_sheet_range.beg_label_seq_id 
_struct_sheet_range.pdbx_beg_PDB_ins_code 
_struct_sheet_range.end_label_comp_id 
_struct_sheet_range.end_label_asym_id 
_struct_sheet_range.end_label_seq_id 
_struct_sheet_range.pdbx_end_PDB_ins_code 
_struct_sheet_range.beg_auth_comp_id 
_struct_sheet_range.beg_auth_asym_id 
_struct_sheet_range.beg_auth_seq_id 
_struct_sheet_range.end_auth_comp_id 
_struct_sheet_range.end_auth_asym_id 
_struct_sheet_range.end_auth_seq_id 
AA 1 ILE A 9  ? ILE A 15 ? ILE A 317 ILE A 323 
AA 2 PHE A 89 ? ALA A 95 ? PHE A 397 ALA A 403 
AA 3 LYS A 62 ? VAL A 66 ? LYS A 370 VAL A 374 
AA 4 VAL A 69 ? ALA A 70 ? VAL A 377 ALA A 378 
AB 1 ILE A 9  ? ILE A 15 ? ILE A 317 ILE A 323 
AB 2 PHE A 89 ? ALA A 95 ? PHE A 397 ALA A 403 
AB 3 LYS A 62 ? VAL A 66 ? LYS A 370 VAL A 374 
AB 4 ILE A 40 ? ILE A 45 ? ILE A 348 ILE A 353 
AB 5 PHE A 23 ? GLY A 27 ? PHE A 331 GLY A 335 
AC 1 VAL A 69 ? ALA A 70 ? VAL A 377 ALA A 378 
AC 2 LYS A 62 ? VAL A 66 ? LYS A 370 VAL A 374 
# 
loop_
_pdbx_struct_sheet_hbond.sheet_id 
_pdbx_struct_sheet_hbond.range_id_1 
_pdbx_struct_sheet_hbond.range_id_2 
_pdbx_struct_sheet_hbond.range_1_label_atom_id 
_pdbx_struct_sheet_hbond.range_1_label_comp_id 
_pdbx_struct_sheet_hbond.range_1_label_asym_id 
_pdbx_struct_sheet_hbond.range_1_label_seq_id 
_pdbx_struct_sheet_hbond.range_1_PDB_ins_code 
_pdbx_struct_sheet_hbond.range_1_auth_atom_id 
_pdbx_struct_sheet_hbond.range_1_auth_comp_id 
_pdbx_struct_sheet_hbond.range_1_auth_asym_id 
_pdbx_struct_sheet_hbond.range_1_auth_seq_id 
_pdbx_struct_sheet_hbond.range_2_label_atom_id 
_pdbx_struct_sheet_hbond.range_2_label_comp_id 
_pdbx_struct_sheet_hbond.range_2_label_asym_id 
_pdbx_struct_sheet_hbond.range_2_label_seq_id 
_pdbx_struct_sheet_hbond.range_2_PDB_ins_code 
_pdbx_struct_sheet_hbond.range_2_auth_atom_id 
_pdbx_struct_sheet_hbond.range_2_auth_comp_id 
_pdbx_struct_sheet_hbond.range_2_auth_asym_id 
_pdbx_struct_sheet_hbond.range_2_auth_seq_id 
AA 1 2 N LEU A 14 ? N LEU A 322 O VAL A 90 ? O VAL A 398 
AA 2 3 N ALA A 95 ? N ALA A 403 O LYS A 62 ? O LYS A 370 
AA 3 4 N VAL A 66 ? N VAL A 374 O VAL A 69 ? O VAL A 377 
AB 1 2 N LEU A 14 ? N LEU A 322 O VAL A 90 ? O VAL A 398 
AB 2 3 N ALA A 95 ? N ALA A 403 O LYS A 62 ? O LYS A 370 
AB 3 4 N LEU A 63 ? N LEU A 371 O ILE A 40 ? O ILE A 348 
AB 4 5 N THR A 43 ? N THR A 351 O SER A 24 ? O SER A 332 
AC 1 2 N VAL A 69 ? N VAL A 377 O VAL A 66 ? O VAL A 374 
# 
loop_
_struct_site.id 
_struct_site.pdbx_evidence_code 
_struct_site.pdbx_auth_asym_id 
_struct_site.pdbx_auth_comp_id 
_struct_site.pdbx_auth_seq_id 
_struct_site.pdbx_auth_ins_code 
_struct_site.pdbx_num_residues 
_struct_site.details 
AC1 Software A NH4 1408 ? 4 'BINDING SITE FOR RESIDUE NH4 A 1408' 
AC2 Software A IMD 1409 ? 4 'BINDING SITE FOR RESIDUE IMD A 1409' 
# 
loop_
_struct_site_gen.id 
_struct_site_gen.site_id 
_struct_site_gen.pdbx_num_res 
_struct_site_gen.label_comp_id 
_struct_site_gen.label_asym_id 
_struct_site_gen.label_seq_id 
_struct_site_gen.pdbx_auth_ins_code 
_struct_site_gen.auth_comp_id 
_struct_site_gen.auth_asym_id 
_struct_site_gen.auth_seq_id 
_struct_site_gen.label_atom_id 
_struct_site_gen.label_alt_id 
_struct_site_gen.symmetry 
_struct_site_gen.details 
1 AC1 4 PRO A 97 ? PRO A 405  . ? 1_555 ? 
2 AC1 4 HOH D .  ? HOH A 2017 . ? 1_555 ? 
3 AC1 4 HOH D .  ? HOH A 2081 . ? 1_555 ? 
4 AC1 4 HOH D .  ? HOH A 2082 . ? 1_555 ? 
5 AC2 4 TRP A 34 ? TRP A 342  . ? 1_555 ? 
6 AC2 4 TRP A 34 ? TRP A 342  . ? 7_555 ? 
7 AC2 4 TYR A 41 ? TYR A 349  . ? 7_555 ? 
8 AC2 4 GLY A 60 ? GLY A 368  . ? 7_555 ? 
# 
_atom_sites.entry_id                    2X7Z 
_atom_sites.fract_transf_matrix[1][1]   -0.00006508 
_atom_sites.fract_transf_matrix[1][2]   0.01875591 
_atom_sites.fract_transf_matrix[1][3]   -0.00916390 
_atom_sites.fract_transf_matrix[2][1]   -0.00461452 
_atom_sites.fract_transf_matrix[2][2]   -0.00895017 
_atom_sites.fract_transf_matrix[2][3]   -0.01828569 
_atom_sites.fract_transf_matrix[3][1]   -0.00791030 
_atom_sites.fract_transf_matrix[3][2]   0.00076495 
_atom_sites.fract_transf_matrix[3][3]   0.00162181 
_atom_sites.fract_transf_vector[1]      0.230954 
_atom_sites.fract_transf_vector[2]      -0.092175 
_atom_sites.fract_transf_vector[3]      0.088849 
# 
loop_
_atom_type.symbol 
C 
N 
O 
S 
# 
loop_
_atom_site.group_PDB 
_atom_site.id 
_atom_site.type_symbol 
_atom_site.label_atom_id 
_atom_site.label_alt_id 
_atom_site.label_comp_id 
_atom_site.label_asym_id 
_atom_site.label_entity_id 
_atom_site.label_seq_id 
_atom_site.pdbx_PDB_ins_code 
_atom_site.Cartn_x 
_atom_site.Cartn_y 
_atom_site.Cartn_z 
_atom_site.occupancy 
_atom_site.B_iso_or_equiv 
_atom_site.pdbx_formal_charge 
_atom_site.auth_seq_id 
_atom_site.auth_comp_id 
_atom_site.auth_asym_id 
_atom_site.auth_atom_id 
_atom_site.pdbx_PDB_model_num 
ATOM   1   N N   . GLY A 1 1  ? 9.226   -29.690 6.426   1.00 12.55 ? 309  GLY A N   1 
ATOM   2   C CA  . GLY A 1 1  ? 8.298   -28.851 5.635   1.00 13.84 ? 309  GLY A CA  1 
ATOM   3   C C   . GLY A 1 1  ? 8.874   -27.436 5.490   1.00 13.82 ? 309  GLY A C   1 
ATOM   4   O O   . GLY A 1 1  ? 9.829   -27.082 6.175   1.00 13.48 ? 309  GLY A O   1 
ATOM   5   N N   . SER A 1 2  ? 8.319   -26.661 4.572   1.00 15.03 ? 310  SER A N   1 
ATOM   6   C CA  . SER A 1 2  ? 8.682   -25.239 4.396   1.00 15.92 ? 310  SER A CA  1 
ATOM   7   C C   . SER A 1 2  ? 7.460   -24.319 4.466   1.00 15.89 ? 310  SER A C   1 
ATOM   8   O O   . SER A 1 2  ? 6.380   -24.698 3.988   1.00 17.74 ? 310  SER A O   1 
ATOM   9   C CB  . SER A 1 2  ? 9.396   -25.104 3.052   1.00 16.62 ? 310  SER A CB  1 
ATOM   10  O OG  . SER A 1 2  ? 10.053  -23.852 2.910   1.00 22.71 ? 310  SER A OG  1 
ATOM   11  N N   . LYS A 1 3  ? 7.586   -23.131 5.084   1.00 13.00 ? 311  LYS A N   1 
ATOM   12  C CA  . LYS A 1 3  ? 6.522   -22.145 5.084   1.00 11.95 ? 311  LYS A CA  1 
ATOM   13  C C   . LYS A 1 3  ? 7.113   -20.740 5.251   1.00 9.70  ? 311  LYS A C   1 
ATOM   14  O O   . LYS A 1 3  ? 8.175   -20.601 5.924   1.00 7.74  ? 311  LYS A O   1 
ATOM   15  C CB  . LYS A 1 3  ? 5.484   -22.431 6.177   1.00 14.88 ? 311  LYS A CB  1 
ATOM   16  C CG  . LYS A 1 3  ? 5.689   -21.755 7.516   1.00 19.10 ? 311  LYS A CG  1 
ATOM   17  C CD  . LYS A 1 3  ? 4.852   -22.521 8.605   1.00 27.34 ? 311  LYS A CD  1 
ATOM   18  C CE  . LYS A 1 3  ? 4.581   -21.649 9.855   1.00 30.88 ? 311  LYS A CE  1 
ATOM   19  N NZ  . LYS A 1 3  ? 5.816   -21.014 10.466  1.00 29.71 ? 311  LYS A NZ  1 
ATOM   20  N N   . PRO A 1 4  ? 6.491   -19.727 4.607   1.00 10.00 ? 312  PRO A N   1 
ATOM   21  C CA  . PRO A 1 4  ? 6.953   -18.331 4.717   1.00 8.97  ? 312  PRO A CA  1 
ATOM   22  C C   . PRO A 1 4  ? 6.742   -17.782 6.113   1.00 10.15 ? 312  PRO A C   1 
ATOM   23  O O   . PRO A 1 4  ? 5.662   -17.955 6.698   1.00 9.93  ? 312  PRO A O   1 
ATOM   24  C CB  . PRO A 1 4  ? 6.081   -17.562 3.736   1.00 7.83  ? 312  PRO A CB  1 
ATOM   25  C CG  . PRO A 1 4  ? 4.858   -18.440 3.524   1.00 12.53 ? 312  PRO A CG  1 
ATOM   26  C CD  . PRO A 1 4  ? 5.208   -19.838 3.863   1.00 9.51  ? 312  PRO A CD  1 
ATOM   27  N N   . VAL A 1 5  ? 7.781   -17.184 6.683   1.00 10.81 ? 313  VAL A N   1 
ATOM   28  C CA  . VAL A 1 5  ? 7.559   -16.408 7.915   1.00 11.82 ? 313  VAL A CA  1 
ATOM   29  C C   . VAL A 1 5  ? 7.499   -14.881 7.683   1.00 11.39 ? 313  VAL A C   1 
ATOM   30  O O   . VAL A 1 5  ? 6.888   -14.197 8.472   1.00 11.63 ? 313  VAL A O   1 
ATOM   31  C CB  . VAL A 1 5  ? 8.533   -16.783 8.989   1.00 12.77 ? 313  VAL A CB  1 
ATOM   32  C CG1 . VAL A 1 5  ? 8.252   -18.233 9.452   1.00 13.62 ? 313  VAL A CG1 1 
ATOM   33  C CG2 . VAL A 1 5  ? 9.913   -16.682 8.483   1.00 13.77 ? 313  VAL A CG2 1 
ATOM   34  N N   . SER A 1 6  ? 8.098   -14.367 6.607   1.00 10.29 ? 314  SER A N   1 
ATOM   35  C CA  . SER A 1 6  ? 7.849   -12.986 6.158   1.00 12.21 ? 314  SER A CA  1 
ATOM   36  C C   . SER A 1 6  ? 8.063   -12.839 4.669   1.00 12.16 ? 314  SER A C   1 
ATOM   37  O O   . SER A 1 6  ? 8.847   -13.588 4.037   1.00 12.03 ? 314  SER A O   1 
ATOM   38  C CB  . SER A 1 6  ? 8.694   -11.916 6.909   1.00 12.06 ? 314  SER A CB  1 
ATOM   39  O OG  . SER A 1 6  ? 9.955   -12.402 6.899   1.00 14.67 ? 314  SER A OG  1 
ATOM   40  N N   . GLU A 1 7  ? 7.394   -11.817 4.161   1.00 11.27 ? 315  GLU A N   1 
ATOM   41  C CA  . GLU A 1 7  ? 7.160   -11.631 2.736   1.00 10.25 ? 315  GLU A CA  1 
ATOM   42  C C   . GLU A 1 7  ? 8.344   -10.908 2.163   1.00 9.60  ? 315  GLU A C   1 
ATOM   43  O O   . GLU A 1 7  ? 9.031   -10.156 2.856   1.00 8.01  ? 315  GLU A O   1 
ATOM   44  C CB  . GLU A 1 7  ? 5.900   -10.758 2.512   1.00 10.72 ? 315  GLU A CB  1 
ATOM   45  C CG  . GLU A 1 7  ? 4.626   -11.334 3.173   1.00 8.57  ? 315  GLU A CG  1 
ATOM   46  C CD  . GLU A 1 7  ? 4.356   -10.745 4.592   1.00 15.91 ? 315  GLU A CD  1 
ATOM   47  O OE1 . GLU A 1 7  ? 5.319   -10.392 5.314   1.00 12.29 ? 315  GLU A OE1 1 
ATOM   48  O OE2 . GLU A 1 7  ? 3.162   -10.667 4.974   1.00 18.99 ? 315  GLU A OE2 1 
ATOM   49  N N   . LYS A 1 8  ? 8.544   -11.071 0.863   1.00 8.47  ? 316  LYS A N   1 
ATOM   50  C CA  . LYS A 1 8  ? 9.466   -10.215 0.153   1.00 7.93  ? 316  LYS A CA  1 
ATOM   51  C C   . LYS A 1 8  ? 8.916   -8.804  0.257   1.00 9.91  ? 316  LYS A C   1 
ATOM   52  O O   . LYS A 1 8  ? 7.716   -8.617  0.095   1.00 10.47 ? 316  LYS A O   1 
ATOM   53  C CB  . LYS A 1 8  ? 9.548   -10.639 -1.344  1.00 8.58  ? 316  LYS A CB  1 
ATOM   54  C CG  . LYS A 1 8  ? 10.545  -9.730  -2.105  1.00 7.68  ? 316  LYS A CG  1 
ATOM   55  C CD  . LYS A 1 8  ? 10.852  -10.110 -3.591  1.00 12.54 ? 316  LYS A CD  1 
ATOM   56  C CE  . LYS A 1 8  ? 9.601   -10.188 -4.488  1.00 15.66 ? 316  LYS A CE  1 
ATOM   57  N NZ  . LYS A 1 8  ? 10.065  -10.495 -5.943  1.00 15.14 ? 316  LYS A NZ  1 
ATOM   58  N N   . ILE A 1 9  ? 9.783   -7.829  0.513   1.00 9.30  ? 317  ILE A N   1 
ATOM   59  C CA  . ILE A 1 9  ? 9.350   -6.465  0.696   1.00 10.01 ? 317  ILE A CA  1 
ATOM   60  C C   . ILE A 1 9  ? 10.038  -5.633  -0.386  1.00 10.04 ? 317  ILE A C   1 
ATOM   61  O O   . ILE A 1 9  ? 11.277  -5.677  -0.531  1.00 8.73  ? 317  ILE A O   1 
ATOM   62  C CB  . ILE A 1 9  ? 9.725   -5.949  2.128   1.00 10.97 ? 317  ILE A CB  1 
ATOM   63  C CG1 . ILE A 1 9  ? 8.979   -6.789  3.196   1.00 13.94 ? 317  ILE A CG1 1 
ATOM   64  C CG2 . ILE A 1 9  ? 9.419   -4.372  2.246   1.00 8.98  ? 317  ILE A CG2 1 
ATOM   65  C CD1 . ILE A 1 9  ? 9.168   -6.273  4.650   1.00 23.13 ? 317  ILE A CD1 1 
ATOM   66  N N   . MET A 1 10 ? 9.197   -4.919  -1.147  1.00 10.21 ? 318  MET A N   1 
ATOM   67  C CA  . MET A 1 10 ? 9.638   -4.058  -2.275  1.00 12.02 ? 318  MET A CA  1 
ATOM   68  C C   . MET A 1 10 ? 9.489   -2.611  -1.880  1.00 12.35 ? 318  MET A C   1 
ATOM   69  O O   . MET A 1 10 ? 8.530   -2.232  -1.222  1.00 12.00 ? 318  MET A O   1 
ATOM   70  C CB  . MET A 1 10 ? 8.754   -4.284  -3.521  1.00 12.40 ? 318  MET A CB  1 
ATOM   71  C CG  . MET A 1 10 ? 8.712   -5.747  -4.035  1.00 13.18 ? 318  MET A CG  1 
ATOM   72  S SD  . MET A 1 10 ? 10.286  -6.393  -4.536  1.00 16.42 ? 318  MET A SD  1 
ATOM   73  C CE  . MET A 1 10 ? 10.584  -5.477  -6.094  1.00 16.18 ? 318  MET A CE  1 
ATOM   74  N N   . GLU A 1 11 ? 10.418  -1.780  -2.331  1.00 12.87 ? 319  GLU A N   1 
ATOM   75  C CA  . GLU A 1 11 ? 10.209  -0.363  -2.224  1.00 12.82 ? 319  GLU A CA  1 
ATOM   76  C C   . GLU A 1 11 ? 9.866   0.158   -3.587  1.00 13.76 ? 319  GLU A C   1 
ATOM   77  O O   . GLU A 1 11 ? 10.655  -0.026  -4.549  1.00 12.49 ? 319  GLU A O   1 
ATOM   78  C CB  . GLU A 1 11 ? 11.470  0.296   -1.684  1.00 13.79 ? 319  GLU A CB  1 
ATOM   79  C CG  . GLU A 1 11 ? 11.475  1.804   -1.771  1.00 16.01 ? 319  GLU A CG  1 
ATOM   80  C CD  . GLU A 1 11 ? 12.886  2.321   -1.666  1.00 23.35 ? 319  GLU A CD  1 
ATOM   81  O OE1 . GLU A 1 11 ? 13.329  2.417   -0.522  1.00 26.78 ? 319  GLU A OE1 1 
ATOM   82  O OE2 . GLU A 1 11 ? 13.553  2.572   -2.706  1.00 26.31 ? 319  GLU A OE2 1 
ATOM   83  N N   . ILE A 1 12 ? 8.710   0.828   -3.691  1.00 13.28 ? 320  ILE A N   1 
ATOM   84  C CA  . ILE A 1 12 ? 8.244   1.346   -4.966  1.00 12.45 ? 320  ILE A CA  1 
ATOM   85  C C   . ILE A 1 12 ? 8.359   2.851   -4.903  1.00 11.88 ? 320  ILE A C   1 
ATOM   86  O O   . ILE A 1 12 ? 7.773   3.489   -4.018  1.00 13.34 ? 320  ILE A O   1 
ATOM   87  C CB  . ILE A 1 12 ? 6.794   0.890   -5.299  1.00 13.35 ? 320  ILE A CB  1 
ATOM   88  C CG1 . ILE A 1 12 ? 6.710   -0.650  -5.392  1.00 16.59 ? 320  ILE A CG1 1 
ATOM   89  C CG2 . ILE A 1 12 ? 6.263   1.574   -6.615  1.00 13.97 ? 320  ILE A CG2 1 
ATOM   90  C CD1 . ILE A 1 12 ? 5.320   -1.176  -5.569  1.00 20.43 ? 320  ILE A CD1 1 
ATOM   91  N N   . LYS A 1 13 ? 9.112   3.421   -5.825  1.00 11.08 ? 321  LYS A N   1 
ATOM   92  C CA  . LYS A 1 13 ? 9.295   4.857   -5.876  1.00 11.66 ? 321  LYS A CA  1 
ATOM   93  C C   . LYS A 1 13 ? 8.455   5.433   -7.004  1.00 11.52 ? 321  LYS A C   1 
ATOM   94  O O   . LYS A 1 13 ? 8.631   5.031   -8.153  1.00 11.02 ? 321  LYS A O   1 
ATOM   95  C CB  . LYS A 1 13 ? 10.780  5.228   -6.054  1.00 12.06 ? 321  LYS A CB  1 
ATOM   96  C CG  . LYS A 1 13 ? 11.587  5.059   -4.723  1.00 14.65 ? 321  LYS A CG  1 
ATOM   97  C CD  . LYS A 1 13 ? 13.089  5.339   -4.845  1.00 22.47 ? 321  LYS A CD  1 
ATOM   98  C CE  . LYS A 1 13 ? 13.753  4.500   -5.946  1.00 28.10 ? 321  LYS A CE  1 
ATOM   99  N NZ  . LYS A 1 13 ? 15.080  3.827   -5.561  1.00 32.86 ? 321  LYS A NZ  1 
ATOM   100 N N   . LEU A 1 14 ? 7.593   6.404   -6.666  1.00 10.74 ? 322  LEU A N   1 
ATOM   101 C CA  . LEU A 1 14 ? 6.670   7.013   -7.619  1.00 9.57  ? 322  LEU A CA  1 
ATOM   102 C C   . LEU A 1 14 ? 6.806   8.498   -7.641  1.00 9.21  ? 322  LEU A C   1 
ATOM   103 O O   . LEU A 1 14 ? 7.078   9.114   -6.613  1.00 8.19  ? 322  LEU A O   1 
ATOM   104 C CB  . LEU A 1 14 ? 5.222   6.684   -7.228  1.00 9.07  ? 322  LEU A CB  1 
ATOM   105 C CG  . LEU A 1 14 ? 4.811   5.220   -7.274  1.00 11.64 ? 322  LEU A CG  1 
ATOM   106 C CD1 . LEU A 1 14 ? 3.341   5.149   -6.870  1.00 14.12 ? 322  LEU A CD1 1 
ATOM   107 C CD2 . LEU A 1 14 ? 5.021   4.707   -8.684  1.00 7.67  ? 322  LEU A CD2 1 
ATOM   108 N N   . ILE A 1 15 ? 6.577   9.071   -8.808  1.00 8.90  ? 323  ILE A N   1 
ATOM   109 C CA  . ILE A 1 15 ? 6.384   10.520  -8.931  1.00 10.39 ? 323  ILE A CA  1 
ATOM   110 C C   . ILE A 1 15 ? 4.882   10.739  -9.109  1.00 12.38 ? 323  ILE A C   1 
ATOM   111 O O   . ILE A 1 15 ? 4.229   10.168  -10.002 1.00 12.66 ? 323  ILE A O   1 
ATOM   112 C CB  . ILE A 1 15 ? 7.197   11.143  -10.059 1.00 8.75  ? 323  ILE A CB  1 
ATOM   113 C CG1 . ILE A 1 15 ? 8.694   10.949  -9.807  1.00 8.38  ? 323  ILE A CG1 1 
ATOM   114 C CG2 . ILE A 1 15 ? 6.859   12.707  -10.255 1.00 10.52 ? 323  ILE A CG2 1 
ATOM   115 C CD1 . ILE A 1 15 ? 9.543   11.036  -11.067 1.00 6.24  ? 323  ILE A CD1 1 
ATOM   116 N N   . LYS A 1 16 ? 4.339   11.543  -8.207  1.00 13.76 ? 324  LYS A N   1 
ATOM   117 C CA  . LYS A 1 16 ? 2.915   11.768  -8.144  1.00 15.35 ? 324  LYS A CA  1 
ATOM   118 C C   . LYS A 1 16 ? 2.708   12.913  -9.137  1.00 15.27 ? 324  LYS A C   1 
ATOM   119 O O   . LYS A 1 16 ? 3.375   13.946  -9.035  1.00 15.21 ? 324  LYS A O   1 
ATOM   120 C CB  . LYS A 1 16 ? 2.561   12.125  -6.690  1.00 15.91 ? 324  LYS A CB  1 
ATOM   121 C CG  . LYS A 1 16 ? 1.120   12.441  -6.348  1.00 18.13 ? 324  LYS A CG  1 
ATOM   122 C CD  . LYS A 1 16 ? 1.009   12.689  -4.818  1.00 21.14 ? 324  LYS A CD  1 
ATOM   123 C CE  . LYS A 1 16 ? -0.141  13.595  -4.504  1.00 24.57 ? 324  LYS A CE  1 
ATOM   124 N NZ  . LYS A 1 16 ? -0.530  13.587  -3.059  1.00 27.35 ? 324  LYS A NZ  1 
ATOM   125 N N   . GLY A 1 17 ? 1.854   12.708  -10.137 1.00 15.69 ? 325  GLY A N   1 
ATOM   126 C CA  . GLY A 1 17 ? 1.428   13.813  -11.038 1.00 14.44 ? 325  GLY A CA  1 
ATOM   127 C C   . GLY A 1 17 ? 0.041   14.354  -10.697 1.00 14.39 ? 325  GLY A C   1 
ATOM   128 O O   . GLY A 1 17 ? -0.547  13.973  -9.680  1.00 13.63 ? 325  GLY A O   1 
ATOM   129 N N   . PRO A 1 18 ? -0.501  15.242  -11.548 1.00 15.06 ? 326  PRO A N   1 
ATOM   130 C CA  . PRO A 1 18 ? -1.801  15.858  -11.248 1.00 15.67 ? 326  PRO A CA  1 
ATOM   131 C C   . PRO A 1 18 ? -2.902  14.846  -11.064 1.00 16.32 ? 326  PRO A C   1 
ATOM   132 O O   . PRO A 1 18 ? -3.833  15.083  -10.295 1.00 16.26 ? 326  PRO A O   1 
ATOM   133 C CB  . PRO A 1 18 ? -2.050  16.737  -12.470 1.00 15.27 ? 326  PRO A CB  1 
ATOM   134 C CG  . PRO A 1 18 ? -0.674  17.200  -12.837 1.00 15.72 ? 326  PRO A CG  1 
ATOM   135 C CD  . PRO A 1 18 ? 0.175   15.952  -12.660 1.00 14.82 ? 326  PRO A CD  1 
ATOM   136 N N   . LYS A 1 19 ? -2.763  13.702  -11.720 1.00 17.62 ? 327  LYS A N   1 
ATOM   137 C CA  . LYS A 1 19 ? -3.720  12.579  -11.553 1.00 18.19 ? 327  LYS A CA  1 
ATOM   138 C C   . LYS A 1 19 ? -3.597  11.811  -10.242 1.00 18.70 ? 327  LYS A C   1 
ATOM   139 O O   . LYS A 1 19 ? -4.467  10.990  -9.900  1.00 19.24 ? 327  LYS A O   1 
ATOM   140 C CB  . LYS A 1 19 ? -3.624  11.621  -12.752 1.00 18.54 ? 327  LYS A CB  1 
ATOM   141 C CG  . LYS A 1 19 ? -4.080  12.294  -14.083 1.00 18.93 ? 327  LYS A CG  1 
ATOM   142 C CD  . LYS A 1 19 ? -4.027  11.308  -15.228 1.00 19.20 ? 327  LYS A CD  1 
ATOM   143 C CE  . LYS A 1 19 ? -4.714  11.864  -16.422 1.00 18.44 ? 327  LYS A CE  1 
ATOM   144 N NZ  . LYS A 1 19 ? -4.425  11.061  -17.630 1.00 19.03 ? 327  LYS A NZ  1 
ATOM   145 N N   . GLY A 1 20 ? -2.518  12.056  -9.499  1.00 18.17 ? 328  GLY A N   1 
ATOM   146 C CA  . GLY A 1 20 ? -2.324  11.435  -8.198  1.00 16.99 ? 328  GLY A CA  1 
ATOM   147 C C   . GLY A 1 20 ? -1.654  10.065  -8.315  1.00 16.77 ? 328  GLY A C   1 
ATOM   148 O O   . GLY A 1 20 ? -1.376  9.579   -9.428  1.00 15.96 ? 328  GLY A O   1 
ATOM   149 N N   . LEU A 1 21 ? -1.464  9.436   -7.160  1.00 16.53 ? 329  LEU A N   1 
ATOM   150 C CA  . LEU A 1 21 ? -0.965  8.028   -7.063  1.00 16.82 ? 329  LEU A CA  1 
ATOM   151 C C   . LEU A 1 21 ? -1.903  7.000   -7.714  1.00 16.43 ? 329  LEU A C   1 
ATOM   152 O O   . LEU A 1 21 ? -1.433  5.980   -8.230  1.00 17.54 ? 329  LEU A O   1 
ATOM   153 C CB  . LEU A 1 21 ? -0.682  7.650   -5.614  1.00 17.07 ? 329  LEU A CB  1 
ATOM   154 C CG  . LEU A 1 21 ? 0.449   8.455   -4.957  1.00 17.21 ? 329  LEU A CG  1 
ATOM   155 C CD1 . LEU A 1 21 ? 0.505   8.114   -3.477  1.00 14.43 ? 329  LEU A CD1 1 
ATOM   156 C CD2 . LEU A 1 21 ? 1.833   8.274   -5.617  1.00 15.95 ? 329  LEU A CD2 1 
ATOM   157 N N   . GLY A 1 22 ? -3.210  7.268   -7.676  1.00 14.93 ? 330  GLY A N   1 
ATOM   158 C CA  . GLY A 1 22 ? -4.210  6.466   -8.374  1.00 14.72 ? 330  GLY A CA  1 
ATOM   159 C C   . GLY A 1 22 ? -4.251  5.003   -7.906  1.00 14.24 ? 330  GLY A C   1 
ATOM   160 O O   . GLY A 1 22 ? -4.103  4.066   -8.705  1.00 14.22 ? 330  GLY A O   1 
ATOM   161 N N   . PHE A 1 23 ? -4.413  4.813   -6.611  1.00 12.40 ? 331  PHE A N   1 
ATOM   162 C CA  . PHE A 1 23 ? -4.754  3.478   -6.105  1.00 12.80 ? 331  PHE A CA  1 
ATOM   163 C C   . PHE A 1 23 ? -5.639  3.644   -4.870  1.00 13.27 ? 331  PHE A C   1 
ATOM   164 O O   . PHE A 1 23 ? -5.662  4.745   -4.260  1.00 12.66 ? 331  PHE A O   1 
ATOM   165 C CB  . PHE A 1 23 ? -3.545  2.564   -5.875  1.00 9.17  ? 331  PHE A CB  1 
ATOM   166 C CG  . PHE A 1 23 ? -2.643  2.975   -4.731  1.00 12.48 ? 331  PHE A CG  1 
ATOM   167 C CD1 . PHE A 1 23 ? -2.860  2.504   -3.429  1.00 11.12 ? 331  PHE A CD1 1 
ATOM   168 C CD2 . PHE A 1 23 ? -1.538  3.813   -4.968  1.00 12.82 ? 331  PHE A CD2 1 
ATOM   169 C CE1 . PHE A 1 23 ? -2.004  2.892   -2.372  1.00 12.18 ? 331  PHE A CE1 1 
ATOM   170 C CE2 . PHE A 1 23 ? -0.631  4.170   -3.926  1.00 13.99 ? 331  PHE A CE2 1 
ATOM   171 C CZ  . PHE A 1 23 ? -0.859  3.722   -2.640  1.00 12.65 ? 331  PHE A CZ  1 
ATOM   172 N N   . SER A 1 24 ? -6.425  2.601   -4.606  1.00 12.22 ? 332  SER A N   1 
ATOM   173 C CA  . SER A 1 24 ? -7.360  2.557   -3.465  1.00 13.56 ? 332  SER A CA  1 
ATOM   174 C C   . SER A 1 24 ? -6.841  1.578   -2.453  1.00 11.37 ? 332  SER A C   1 
ATOM   175 O O   . SER A 1 24 ? -6.113  0.640   -2.830  1.00 10.58 ? 332  SER A O   1 
ATOM   176 C CB  . SER A 1 24 ? -8.781  2.132   -3.879  1.00 13.57 ? 332  SER A CB  1 
ATOM   177 O OG  . SER A 1 24 ? -9.312  3.092   -4.754  1.00 17.41 ? 332  SER A OG  1 
ATOM   178 N N   . ILE A 1 25 ? -7.174  1.803   -1.182  1.00 9.33  ? 333  ILE A N   1 
ATOM   179 C CA  . ILE A 1 25 ? -6.742  0.861   -0.142  1.00 11.82 ? 333  ILE A CA  1 
ATOM   180 C C   . ILE A 1 25 ? -7.969  0.425   0.706   1.00 11.51 ? 333  ILE A C   1 
ATOM   181 O O   . ILE A 1 25 ? -8.958  1.165   0.779   1.00 12.30 ? 333  ILE A O   1 
ATOM   182 C CB  . ILE A 1 25 ? -5.641  1.490   0.790   1.00 10.22 ? 333  ILE A CB  1 
ATOM   183 C CG1 . ILE A 1 25 ? -6.084  2.867   1.337   1.00 13.99 ? 333  ILE A CG1 1 
ATOM   184 C CG2 . ILE A 1 25 ? -4.236  1.504   0.065   1.00 11.94 ? 333  ILE A CG2 1 
ATOM   185 C CD1 . ILE A 1 25 ? -5.345  3.241   2.677   1.00 18.00 ? 333  ILE A CD1 1 
ATOM   186 N N   . ALA A 1 26 ? -7.873  -0.727  1.369   1.00 12.91 ? 334  ALA A N   1 
ATOM   187 C CA  . ALA A 1 26 ? -8.848  -1.122  2.388   1.00 13.47 ? 334  ALA A CA  1 
ATOM   188 C C   . ALA A 1 26 ? -8.072  -1.692  3.584   1.00 13.82 ? 334  ALA A C   1 
ATOM   189 O O   . ALA A 1 26 ? -6.890  -1.978  3.442   1.00 15.37 ? 334  ALA A O   1 
ATOM   190 C CB  . ALA A 1 26 ? -9.809  -2.190  1.818   1.00 13.06 ? 334  ALA A CB  1 
ATOM   191 N N   . GLY A 1 27 ? -8.726  -1.850  4.746   1.00 11.38 ? 335  GLY A N   1 
ATOM   192 C CA  . GLY A 1 27 ? -8.092  -2.501  5.890   1.00 11.25 ? 335  GLY A CA  1 
ATOM   193 C C   . GLY A 1 27 ? -7.660  -1.487  6.939   1.00 11.72 ? 335  GLY A C   1 
ATOM   194 O O   . GLY A 1 27 ? -7.940  -0.303  6.807   1.00 10.85 ? 335  GLY A O   1 
ATOM   195 N N   . GLY A 1 28 ? -6.960  -1.958  7.972   1.00 12.75 ? 336  GLY A N   1 
ATOM   196 C CA  . GLY A 1 28 ? -6.572  -1.090  9.090   1.00 12.47 ? 336  GLY A CA  1 
ATOM   197 C C   . GLY A 1 28 ? -7.387  -1.485  10.309  1.00 13.62 ? 336  GLY A C   1 
ATOM   198 O O   . GLY A 1 28 ? -8.414  -2.186  10.189  1.00 12.46 ? 336  GLY A O   1 
ATOM   199 N N   . VAL A 1 29 ? -6.912  -1.087  11.487  1.00 12.97 ? 337  VAL A N   1 
ATOM   200 C CA  . VAL A 1 29 ? -7.669  -1.219  12.735  1.00 14.22 ? 337  VAL A CA  1 
ATOM   201 C C   . VAL A 1 29 ? -9.023  -0.499  12.571  1.00 14.72 ? 337  VAL A C   1 
ATOM   202 O O   . VAL A 1 29 ? -9.118  0.679   12.157  1.00 14.51 ? 337  VAL A O   1 
ATOM   203 C CB  . VAL A 1 29 ? -6.844  -0.674  13.966  1.00 13.64 ? 337  VAL A CB  1 
ATOM   204 C CG1 . VAL A 1 29 ? -7.617  -0.793  15.265  1.00 15.39 ? 337  VAL A CG1 1 
ATOM   205 C CG2 . VAL A 1 29 ? -5.485  -1.373  14.039  1.00 15.98 ? 337  VAL A CG2 1 
ATOM   206 N N   . GLY A 1 30 ? -10.086 -1.242  12.839  1.00 16.24 ? 338  GLY A N   1 
ATOM   207 C CA  . GLY A 1 30 ? -11.423 -0.669  12.730  1.00 16.63 ? 338  GLY A CA  1 
ATOM   208 C C   . GLY A 1 30 ? -11.972 -0.721  11.317  1.00 16.80 ? 338  GLY A C   1 
ATOM   209 O O   . GLY A 1 30 ? -13.078 -0.250  11.091  1.00 17.56 ? 338  GLY A O   1 
ATOM   210 N N   . ASN A 1 31 ? -11.233 -1.320  10.374  1.00 15.71 ? 339  ASN A N   1 
ATOM   211 C CA  . ASN A 1 31 ? -11.731 -1.555  8.991   1.00 15.49 ? 339  ASN A CA  1 
ATOM   212 C C   . ASN A 1 31 ? -11.076 -2.838  8.445   1.00 13.60 ? 339  ASN A C   1 
ATOM   213 O O   . ASN A 1 31 ? -10.666 -2.882  7.271   1.00 13.59 ? 339  ASN A O   1 
ATOM   214 C CB  . ASN A 1 31 ? -11.423 -0.354  8.042   1.00 16.51 ? 339  ASN A CB  1 
ATOM   215 C CG  . ASN A 1 31 ? -12.062 -0.491  6.643   1.00 20.19 ? 339  ASN A CG  1 
ATOM   216 O OD1 . ASN A 1 31 ? -13.283 -0.657  6.535   1.00 23.47 ? 339  ASN A OD1 1 
ATOM   217 N ND2 . ASN A 1 31 ? -11.241 -0.438  5.562   1.00 16.65 ? 339  ASN A ND2 1 
ATOM   218 N N   . GLN A 1 32 ? -10.971 -3.853  9.293   1.00 11.34 ? 340  GLN A N   1 
ATOM   219 C CA  . GLN A 1 32 ? -10.203 -5.045  8.965   1.00 10.97 ? 340  GLN A CA  1 
ATOM   220 C C   . GLN A 1 32 ? -10.691 -5.635  7.602   1.00 9.70  ? 340  GLN A C   1 
ATOM   221 O O   . GLN A 1 32 ? -11.898 -5.842  7.380   1.00 11.07 ? 340  GLN A O   1 
ATOM   222 C CB  . GLN A 1 32 ? -10.338 -6.104  10.030  1.00 10.13 ? 340  GLN A CB  1 
ATOM   223 C CG  . GLN A 1 32 ? -9.678  -5.760  11.412  1.00 15.29 ? 340  GLN A CG  1 
ATOM   224 C CD  . GLN A 1 32 ? -9.621  -6.975  12.384  1.00 19.68 ? 340  GLN A CD  1 
ATOM   225 O OE1 . GLN A 1 32 ? -10.556 -7.796  12.491  1.00 22.11 ? 340  GLN A OE1 1 
ATOM   226 N NE2 . GLN A 1 32 ? -8.512  -7.071  13.117  1.00 19.73 ? 340  GLN A NE2 1 
ATOM   227 N N   . HIS A 1 33 ? -9.743  -5.964  6.756   1.00 10.33 ? 341  HIS A N   1 
ATOM   228 C CA  . HIS A 1 33 ? -10.011 -6.465  5.393   1.00 10.18 ? 341  HIS A CA  1 
ATOM   229 C C   . HIS A 1 33 ? -10.340 -7.947  5.423   1.00 10.04 ? 341  HIS A C   1 
ATOM   230 O O   . HIS A 1 33 ? -11.076 -8.427  4.551   1.00 9.24  ? 341  HIS A O   1 
ATOM   231 C CB  . HIS A 1 33 ? -8.810  -6.145  4.516   1.00 10.75 ? 341  HIS A CB  1 
ATOM   232 C CG  . HIS A 1 33 ? -8.998  -6.441  3.039   1.00 13.93 ? 341  HIS A CG  1 
ATOM   233 N ND1 . HIS A 1 33 ? -9.957  -5.827  2.266   1.00 15.15 ? 341  HIS A ND1 1 
ATOM   234 C CD2 . HIS A 1 33 ? -8.358  -7.309  2.218   1.00 16.78 ? 341  HIS A CD2 1 
ATOM   235 C CE1 . HIS A 1 33 ? -9.879  -6.276  1.025   1.00 15.05 ? 341  HIS A CE1 1 
ATOM   236 N NE2 . HIS A 1 33 ? -8.921  -7.177  0.968   1.00 13.58 ? 341  HIS A NE2 1 
ATOM   237 N N   . TRP A 1 34 ? -9.813  -8.667  6.427   1.00 7.56  ? 342  TRP A N   1 
ATOM   238 C CA  . TRP A 1 34 ? -10.196 -10.039 6.733   1.00 8.31  ? 342  TRP A CA  1 
ATOM   239 C C   . TRP A 1 34 ? -10.289 -10.146 8.273   1.00 8.00  ? 342  TRP A C   1 
ATOM   240 O O   . TRP A 1 34 ? -9.579  -9.423  8.949   1.00 9.63  ? 342  TRP A O   1 
ATOM   241 C CB  . TRP A 1 34 ? -9.115  -11.032 6.245   1.00 8.15  ? 342  TRP A CB  1 
ATOM   242 C CG  . TRP A 1 34 ? -8.962  -11.076 4.701   1.00 9.81  ? 342  TRP A CG  1 
ATOM   243 C CD1 . TRP A 1 34 ? -7.906  -10.613 3.935   1.00 10.34 ? 342  TRP A CD1 1 
ATOM   244 C CD2 . TRP A 1 34 ? -9.913  -11.619 3.797   1.00 9.68  ? 342  TRP A CD2 1 
ATOM   245 N NE1 . TRP A 1 34 ? -8.176  -10.861 2.578   1.00 12.33 ? 342  TRP A NE1 1 
ATOM   246 C CE2 . TRP A 1 34 ? -9.404  -11.436 2.469   1.00 12.43 ? 342  TRP A CE2 1 
ATOM   247 C CE3 . TRP A 1 34 ? -11.165 -12.229 3.971   1.00 9.79  ? 342  TRP A CE3 1 
ATOM   248 C CZ2 . TRP A 1 34 ? -10.104 -11.875 1.321   1.00 8.64  ? 342  TRP A CZ2 1 
ATOM   249 C CZ3 . TRP A 1 34 ? -11.838 -12.676 2.849   1.00 11.69 ? 342  TRP A CZ3 1 
ATOM   250 C CH2 . TRP A 1 34 ? -11.313 -12.500 1.554   1.00 8.97  ? 342  TRP A CH2 1 
ATOM   251 N N   . PRO A 1 35 ? -11.044 -11.116 8.797   1.00 8.39  ? 343  PRO A N   1 
ATOM   252 C CA  . PRO A 1 35 ? -11.058 -11.311 10.263  1.00 9.12  ? 343  PRO A CA  1 
ATOM   253 C C   . PRO A 1 35 ? -9.647  -11.500 10.864  1.00 8.65  ? 343  PRO A C   1 
ATOM   254 O O   . PRO A 1 35 ? -8.805  -12.253 10.338  1.00 8.99  ? 343  PRO A O   1 
ATOM   255 C CB  . PRO A 1 35 ? -11.942 -12.551 10.459  1.00 8.68  ? 343  PRO A CB  1 
ATOM   256 C CG  . PRO A 1 35 ? -12.938 -12.457 9.299   1.00 7.83  ? 343  PRO A CG  1 
ATOM   257 C CD  . PRO A 1 35 ? -12.049 -11.978 8.116   1.00 8.37  ? 343  PRO A CD  1 
ATOM   258 N N   . GLY A 1 36 ? -9.386  -10.757 11.925  1.00 9.87  ? 344  GLY A N   1 
ATOM   259 C CA  . GLY A 1 36 ? -8.074  -10.814 12.612  1.00 9.68  ? 344  GLY A CA  1 
ATOM   260 C C   . GLY A 1 36 ? -6.921  -10.173 11.850  1.00 11.44 ? 344  GLY A C   1 
ATOM   261 O O   . GLY A 1 36 ? -5.739  -10.377 12.229  1.00 10.83 ? 344  GLY A O   1 
ATOM   262 N N   . ASP A 1 37 ? -7.201  -9.392  10.790  1.00 9.41  ? 345  ASP A N   1 
ATOM   263 C CA  . ASP A 1 37 ? -6.136  -8.933  9.935   1.00 10.17 ? 345  ASP A CA  1 
ATOM   264 C C   . ASP A 1 37 ? -6.214  -7.412  9.893   1.00 11.40 ? 345  ASP A C   1 
ATOM   265 O O   . ASP A 1 37 ? -7.212  -6.849  9.443   1.00 10.59 ? 345  ASP A O   1 
ATOM   266 C CB  . ASP A 1 37 ? -6.322  -9.518  8.512   1.00 11.26 ? 345  ASP A CB  1 
ATOM   267 C CG  . ASP A 1 37 ? -5.209  -9.149  7.533   1.00 12.57 ? 345  ASP A CG  1 
ATOM   268 O OD1 . ASP A 1 37 ? -4.351  -8.269  7.797   1.00 13.84 ? 345  ASP A OD1 1 
ATOM   269 O OD2 . ASP A 1 37 ? -5.207  -9.769  6.439   1.00 12.77 ? 345  ASP A OD2 1 
ATOM   270 N N   . ASN A 1 38 ? -5.189  -6.745  10.396  1.00 10.47 ? 346  ASN A N   1 
ATOM   271 C CA  . ASN A 1 38 ? -5.178  -5.274  10.428  1.00 11.79 ? 346  ASN A CA  1 
ATOM   272 C C   . ASN A 1 38 ? -4.400  -4.611  9.315   1.00 12.21 ? 346  ASN A C   1 
ATOM   273 O O   . ASN A 1 38 ? -4.269  -3.360  9.281   1.00 13.42 ? 346  ASN A O   1 
ATOM   274 C CB  . ASN A 1 38 ? -4.641  -4.760  11.792  1.00 11.34 ? 346  ASN A CB  1 
ATOM   275 C CG  . ASN A 1 38 ? -5.524  -5.121  12.927  1.00 14.62 ? 346  ASN A CG  1 
ATOM   276 O OD1 . ASN A 1 38 ? -6.729  -4.809  12.943  1.00 14.33 ? 346  ASN A OD1 1 
ATOM   277 N ND2 . ASN A 1 38 ? -4.932  -5.772  13.931  1.00 15.99 ? 346  ASN A ND2 1 
ATOM   278 N N   . SER A 1 39 ? -3.860  -5.412  8.399   1.00 11.69 ? 347  SER A N   1 
ATOM   279 C CA  . SER A 1 39 ? -3.012  -4.876  7.330   1.00 13.45 ? 347  SER A CA  1 
ATOM   280 C C   . SER A 1 39 ? -3.754  -3.979  6.354   1.00 13.12 ? 347  SER A C   1 
ATOM   281 O O   . SER A 1 39 ? -4.954  -4.170  6.086   1.00 12.74 ? 347  SER A O   1 
ATOM   282 C CB  . SER A 1 39 ? -2.384  -6.030  6.509   1.00 12.35 ? 347  SER A CB  1 
ATOM   283 O OG  . SER A 1 39 ? -1.582  -6.812  7.401   1.00 15.55 ? 347  SER A OG  1 
ATOM   284 N N   . ILE A 1 40 ? -3.004  -3.030  5.792   1.00 11.48 ? 348  ILE A N   1 
ATOM   285 C CA  . ILE A 1 40 ? -3.522  -2.233  4.690   1.00 11.17 ? 348  ILE A CA  1 
ATOM   286 C C   . ILE A 1 40 ? -3.265  -2.963  3.357   1.00 12.19 ? 348  ILE A C   1 
ATOM   287 O O   . ILE A 1 40 ? -2.137  -3.352  3.081   1.00 12.67 ? 348  ILE A O   1 
ATOM   288 C CB  . ILE A 1 40 ? -2.874  -0.845  4.635   1.00 11.07 ? 348  ILE A CB  1 
ATOM   289 C CG1 . ILE A 1 40 ? -2.956  -0.146  6.013   1.00 11.39 ? 348  ILE A CG1 1 
ATOM   290 C CG2 . ILE A 1 40 ? -3.573  0.022   3.607   1.00 9.11  ? 348  ILE A CG2 1 
ATOM   291 C CD1 . ILE A 1 40 ? -4.457  0.208   6.440   1.00 12.00 ? 348  ILE A CD1 1 
ATOM   292 N N   . TYR A 1 41 ? -4.306  -3.105  2.536   1.00 9.95  ? 349  TYR A N   1 
ATOM   293 C CA  . TYR A 1 41 ? -4.161  -3.739  1.233   1.00 9.99  ? 349  TYR A CA  1 
ATOM   294 C C   . TYR A 1 41 ? -4.519  -2.818  0.108   1.00 10.42 ? 349  TYR A C   1 
ATOM   295 O O   . TYR A 1 41 ? -5.430  -2.017  0.253   1.00 10.83 ? 349  TYR A O   1 
ATOM   296 C CB  . TYR A 1 41 ? -5.124  -4.898  1.126   1.00 9.22  ? 349  TYR A CB  1 
ATOM   297 C CG  . TYR A 1 41 ? -4.737  -6.056  2.028   1.00 12.21 ? 349  TYR A CG  1 
ATOM   298 C CD1 . TYR A 1 41 ? -3.770  -7.008  1.623   1.00 14.81 ? 349  TYR A CD1 1 
ATOM   299 C CD2 . TYR A 1 41 ? -5.273  -6.155  3.329   1.00 12.29 ? 349  TYR A CD2 1 
ATOM   300 C CE1 . TYR A 1 41 ? -3.397  -8.146  2.498   1.00 16.25 ? 349  TYR A CE1 1 
ATOM   301 C CE2 . TYR A 1 41 ? -4.929  -7.269  4.221   1.00 13.37 ? 349  TYR A CE2 1 
ATOM   302 C CZ  . TYR A 1 41 ? -3.980  -8.235  3.800   1.00 17.43 ? 349  TYR A CZ  1 
ATOM   303 O OH  . TYR A 1 41 ? -3.653  -9.297  4.663   1.00 15.07 ? 349  TYR A OH  1 
ATOM   304 N N   . VAL A 1 42 ? -3.854  -3.008  -1.042  1.00 11.54 ? 350  VAL A N   1 
ATOM   305 C CA  . VAL A 1 42 ? -4.178  -2.253  -2.246  1.00 12.28 ? 350  VAL A CA  1 
ATOM   306 C C   . VAL A 1 42 ? -5.396  -2.913  -2.909  1.00 13.31 ? 350  VAL A C   1 
ATOM   307 O O   . VAL A 1 42 ? -5.375  -4.141  -3.167  1.00 13.98 ? 350  VAL A O   1 
ATOM   308 C CB  . VAL A 1 42 ? -2.948  -2.205  -3.198  1.00 13.14 ? 350  VAL A CB  1 
ATOM   309 C CG1 . VAL A 1 42 ? -3.329  -1.453  -4.531  1.00 9.85  ? 350  VAL A CG1 1 
ATOM   310 C CG2 . VAL A 1 42 ? -1.778  -1.504  -2.458  1.00 11.45 ? 350  VAL A CG2 1 
ATOM   311 N N   . THR A 1 43 ? -6.476  -2.160  -3.151  1.00 12.05 ? 351  THR A N   1 
ATOM   312 C CA  . THR A 1 43 ? -7.705  -2.836  -3.688  1.00 13.26 ? 351  THR A CA  1 
ATOM   313 C C   . THR A 1 43 ? -8.057  -2.498  -5.134  1.00 13.29 ? 351  THR A C   1 
ATOM   314 O O   . THR A 1 43 ? -8.824  -3.209  -5.773  1.00 11.74 ? 351  THR A O   1 
ATOM   315 C CB  . THR A 1 43 ? -8.929  -2.575  -2.809  1.00 14.40 ? 351  THR A CB  1 
ATOM   316 O OG1 . THR A 1 43 ? -9.115  -1.162  -2.686  1.00 15.78 ? 351  THR A OG1 1 
ATOM   317 C CG2 . THR A 1 43 ? -8.730  -3.177  -1.403  1.00 14.74 ? 351  THR A CG2 1 
ATOM   318 N N   . LYS A 1 44 ? -7.537  -1.365  -5.620  1.00 13.88 ? 352  LYS A N   1 
ATOM   319 C CA  . LYS A 1 44 ? -7.812  -0.863  -6.956  1.00 14.37 ? 352  LYS A CA  1 
ATOM   320 C C   . LYS A 1 44 ? -6.578  -0.099  -7.447  1.00 14.22 ? 352  LYS A C   1 
ATOM   321 O O   . LYS A 1 44 ? -5.950  0.618   -6.657  1.00 12.88 ? 352  LYS A O   1 
ATOM   322 C CB  . LYS A 1 44 ? -8.976  0.136   -6.957  1.00 15.35 ? 352  LYS A CB  1 
ATOM   323 C CG  . LYS A 1 44 ? -10.256 -0.295  -6.217  1.00 20.73 ? 352  LYS A CG  1 
ATOM   324 C CD  . LYS A 1 44 ? -11.319 0.882   -6.192  1.00 29.42 ? 352  LYS A CD  1 
ATOM   325 C CE  . LYS A 1 44 ? -12.423 0.649   -5.127  1.00 34.07 ? 352  LYS A CE  1 
ATOM   326 N NZ  . LYS A 1 44 ? -13.199 1.903   -4.851  1.00 35.55 ? 352  LYS A NZ  1 
ATOM   327 N N   . ILE A 1 45 ? -6.264  -0.217  -8.741  1.00 13.21 ? 353  ILE A N   1 
ATOM   328 C CA  . ILE A 1 45 ? -5.192  0.578   -9.365  1.00 14.21 ? 353  ILE A CA  1 
ATOM   329 C C   . ILE A 1 45 ? -5.919  1.323   -10.466 1.00 14.44 ? 353  ILE A C   1 
ATOM   330 O O   . ILE A 1 45 ? -6.574  0.702   -11.316 1.00 13.74 ? 353  ILE A O   1 
ATOM   331 C CB  . ILE A 1 45 ? -4.051  -0.283  -10.036 1.00 14.04 ? 353  ILE A CB  1 
ATOM   332 C CG1 . ILE A 1 45 ? -3.365  -1.278  -9.090  1.00 16.42 ? 353  ILE A CG1 1 
ATOM   333 C CG2 . ILE A 1 45 ? -2.987  0.600   -10.751 1.00 15.05 ? 353  ILE A CG2 1 
ATOM   334 C CD1 . ILE A 1 45 ? -2.512  -0.691  -8.020  1.00 15.65 ? 353  ILE A CD1 1 
ATOM   335 N N   . ILE A 1 46 ? -5.842  2.648   -10.453 1.00 14.66 ? 354  ILE A N   1 
ATOM   336 C CA  . ILE A 1 46 ? -6.649  3.439   -11.405 1.00 15.57 ? 354  ILE A CA  1 
ATOM   337 C C   . ILE A 1 46 ? -5.856  3.690   -12.663 1.00 14.78 ? 354  ILE A C   1 
ATOM   338 O O   . ILE A 1 46 ? -4.707  4.101   -12.588 1.00 13.70 ? 354  ILE A O   1 
ATOM   339 C CB  . ILE A 1 46 ? -7.165  4.751   -10.768 1.00 15.55 ? 354  ILE A CB  1 
ATOM   340 C CG1 . ILE A 1 46 ? -8.272  4.413   -9.760  1.00 17.84 ? 354  ILE A CG1 1 
ATOM   341 C CG2 . ILE A 1 46 ? -7.697  5.744   -11.845 1.00 17.82 ? 354  ILE A CG2 1 
ATOM   342 C CD1 . ILE A 1 46 ? -7.815  4.339   -8.302  1.00 21.59 ? 354  ILE A CD1 1 
ATOM   343 N N   . GLU A 1 47 ? -6.469  3.399   -13.813 1.00 15.66 ? 355  GLU A N   1 
ATOM   344 C CA  . GLU A 1 47 ? -5.836  3.573   -15.111 1.00 16.40 ? 355  GLU A CA  1 
ATOM   345 C C   . GLU A 1 47 ? -5.332  5.015   -15.270 1.00 16.20 ? 355  GLU A C   1 
ATOM   346 O O   . GLU A 1 47 ? -6.116  5.975   -15.093 1.00 16.14 ? 355  GLU A O   1 
ATOM   347 C CB  . GLU A 1 47 ? -6.853  3.285   -16.249 1.00 17.64 ? 355  GLU A CB  1 
ATOM   348 C CG  . GLU A 1 47 ? -6.273  3.496   -17.665 1.00 21.44 ? 355  GLU A CG  1 
ATOM   349 C CD  . GLU A 1 47 ? -7.269  4.083   -18.666 1.00 28.22 ? 355  GLU A CD  1 
ATOM   350 O OE1 . GLU A 1 47 ? -6.870  4.964   -19.471 1.00 30.07 ? 355  GLU A OE1 1 
ATOM   351 O OE2 . GLU A 1 47 ? -8.459  3.680   -18.645 1.00 31.55 ? 355  GLU A OE2 1 
ATOM   352 N N   . GLY A 1 48 ? -4.065  5.167   -15.662 1.00 15.27 ? 356  GLY A N   1 
ATOM   353 C CA  . GLY A 1 48 ? -3.509  6.501   -15.980 1.00 14.92 ? 356  GLY A CA  1 
ATOM   354 C C   . GLY A 1 48 ? -2.812  7.168   -14.790 1.00 14.94 ? 356  GLY A C   1 
ATOM   355 O O   . GLY A 1 48 ? -2.038  8.103   -14.975 1.00 14.47 ? 356  GLY A O   1 
ATOM   356 N N   . GLY A 1 49 ? -3.089  6.682   -13.572 1.00 13.80 ? 357  GLY A N   1 
ATOM   357 C CA  . GLY A 1 49 ? -2.448  7.202   -12.339 1.00 13.63 ? 357  GLY A CA  1 
ATOM   358 C C   . GLY A 1 49 ? -0.994  6.777   -12.253 1.00 12.67 ? 357  GLY A C   1 
ATOM   359 O O   . GLY A 1 49 ? -0.568  5.919   -13.010 1.00 12.25 ? 357  GLY A O   1 
ATOM   360 N N   . ALA A 1 50 ? -0.223  7.372   -11.339 1.00 12.25 ? 358  ALA A N   1 
ATOM   361 C CA  . ALA A 1 50 ? 1.199   7.032   -11.212 1.00 12.39 ? 358  ALA A CA  1 
ATOM   362 C C   . ALA A 1 50 ? 1.462   5.542   -10.937 1.00 11.71 ? 358  ALA A C   1 
ATOM   363 O O   . ALA A 1 50 ? 2.414   4.969   -11.467 1.00 12.11 ? 358  ALA A O   1 
ATOM   364 C CB  . ALA A 1 50 ? 1.878   7.881   -10.143 1.00 12.71 ? 358  ALA A CB  1 
ATOM   365 N N   . ALA A 1 51 ? 0.670   4.919   -10.064 1.00 12.19 ? 359  ALA A N   1 
ATOM   366 C CA  . ALA A 1 51 ? 0.894   3.500   -9.732  1.00 13.02 ? 359  ALA A CA  1 
ATOM   367 C C   . ALA A 1 51 ? 0.714   2.614   -10.977 1.00 13.39 ? 359  ALA A C   1 
ATOM   368 O O   . ALA A 1 51 ? 1.507   1.708   -11.211 1.00 14.75 ? 359  ALA A O   1 
ATOM   369 C CB  . ALA A 1 51 ? -0.044  3.022   -8.593  1.00 11.00 ? 359  ALA A CB  1 
ATOM   370 N N   . HIS A 1 52 ? -0.358  2.867   -11.726 1.00 15.61 ? 360  HIS A N   1 
ATOM   371 C CA  . HIS A 1 52 ? -0.663  2.093   -12.928 1.00 17.24 ? 360  HIS A CA  1 
ATOM   372 C C   . HIS A 1 52 ? 0.431   2.301   -13.985 1.00 17.87 ? 360  HIS A C   1 
ATOM   373 O O   . HIS A 1 52 ? 0.985   1.339   -14.517 1.00 17.82 ? 360  HIS A O   1 
ATOM   374 C CB  . HIS A 1 52 ? -2.026  2.499   -13.476 1.00 18.22 ? 360  HIS A CB  1 
ATOM   375 C CG  . HIS A 1 52 ? -2.343  1.886   -14.799 1.00 20.80 ? 360  HIS A CG  1 
ATOM   376 N ND1 . HIS A 1 52 ? -2.586  2.637   -15.926 1.00 23.82 ? 360  HIS A ND1 1 
ATOM   377 C CD2 . HIS A 1 52 ? -2.429  0.588   -15.178 1.00 24.02 ? 360  HIS A CD2 1 
ATOM   378 C CE1 . HIS A 1 52 ? -2.829  1.831   -16.945 1.00 25.26 ? 360  HIS A CE1 1 
ATOM   379 N NE2 . HIS A 1 52 ? -2.733  0.582   -16.520 1.00 23.33 ? 360  HIS A NE2 1 
ATOM   380 N N   . LYS A 1 53 ? 0.777   3.555   -14.229 1.00 18.37 ? 361  LYS A N   1 
ATOM   381 C CA  . LYS A 1 53 ? 1.831   3.878   -15.207 1.00 19.90 ? 361  LYS A CA  1 
ATOM   382 C C   . LYS A 1 53 ? 3.168   3.222   -14.888 1.00 19.85 ? 361  LYS A C   1 
ATOM   383 O O   . LYS A 1 53 ? 3.846   2.733   -15.782 1.00 19.75 ? 361  LYS A O   1 
ATOM   384 C CB  . LYS A 1 53 ? 1.996   5.381   -15.362 1.00 19.79 ? 361  LYS A CB  1 
ATOM   385 C CG  . LYS A 1 53 ? 0.877   5.973   -16.116 1.00 23.35 ? 361  LYS A CG  1 
ATOM   386 C CD  . LYS A 1 53 ? 1.229   7.308   -16.641 1.00 25.55 ? 361  LYS A CD  1 
ATOM   387 C CE  . LYS A 1 53 ? 0.364   7.585   -17.846 1.00 28.34 ? 361  LYS A CE  1 
ATOM   388 N NZ  . LYS A 1 53 ? 1.026   8.554   -18.752 1.00 29.51 ? 361  LYS A NZ  1 
ATOM   389 N N   . ASP A 1 54 ? 3.525   3.176   -13.608 1.00 19.80 ? 362  ASP A N   1 
ATOM   390 C CA  . ASP A 1 54 ? 4.772   2.588   -13.210 1.00 19.40 ? 362  ASP A CA  1 
ATOM   391 C C   . ASP A 1 54 ? 4.684   1.075   -13.340 1.00 19.93 ? 362  ASP A C   1 
ATOM   392 O O   . ASP A 1 54 ? 5.681   0.421   -13.645 1.00 19.28 ? 362  ASP A O   1 
ATOM   393 C CB  . ASP A 1 54 ? 5.099   2.961   -11.778 1.00 19.97 ? 362  ASP A CB  1 
ATOM   394 C CG  . ASP A 1 54 ? 6.156   2.064   -11.187 1.00 20.93 ? 362  ASP A CG  1 
ATOM   395 O OD1 . ASP A 1 54 ? 7.339   2.276   -11.493 1.00 24.91 ? 362  ASP A OD1 1 
ATOM   396 O OD2 . ASP A 1 54 ? 5.814   1.120   -10.447 1.00 21.28 ? 362  ASP A OD2 1 
ATOM   397 N N   . GLY A 1 55 ? 3.491   0.524   -13.104 1.00 19.73 ? 363  GLY A N   1 
ATOM   398 C CA  . GLY A 1 55 ? 3.251   -0.885  -13.360 1.00 19.06 ? 363  GLY A CA  1 
ATOM   399 C C   . GLY A 1 55 ? 3.632   -1.857  -12.263 1.00 19.50 ? 363  GLY A C   1 
ATOM   400 O O   . GLY A 1 55 ? 3.291   -3.032  -12.340 1.00 20.77 ? 363  GLY A O   1 
ATOM   401 N N   . LYS A 1 56 ? 4.285   -1.407  -11.192 1.00 17.91 ? 364  LYS A N   1 
ATOM   402 C CA  . LYS A 1 56 ? 4.770   -2.383  -10.227 1.00 16.16 ? 364  LYS A CA  1 
ATOM   403 C C   . LYS A 1 56 ? 3.780   -2.750  -9.087  1.00 15.31 ? 364  LYS A C   1 
ATOM   404 O O   . LYS A 1 56 ? 3.688   -3.884  -8.685  1.00 13.09 ? 364  LYS A O   1 
ATOM   405 C CB  . LYS A 1 56 ? 6.165   -1.980  -9.739  1.00 17.69 ? 364  LYS A CB  1 
ATOM   406 C CG  . LYS A 1 56 ? 7.174   -1.807  -10.921 1.00 18.46 ? 364  LYS A CG  1 
ATOM   407 C CD  . LYS A 1 56 ? 7.306   -3.090  -11.757 1.00 21.80 ? 364  LYS A CD  1 
ATOM   408 C CE  . LYS A 1 56 ? 8.217   -2.881  -12.953 1.00 24.66 ? 364  LYS A CE  1 
ATOM   409 N NZ  . LYS A 1 56 ? 7.388   -2.542  -14.144 1.00 31.27 ? 364  LYS A NZ  1 
ATOM   410 N N   . LEU A 1 57 ? 2.983   -1.797  -8.637  1.00 14.04 ? 365  LEU A N   1 
ATOM   411 C CA  . LEU A 1 57 ? 2.068   -2.082  -7.544  1.00 13.42 ? 365  LEU A CA  1 
ATOM   412 C C   . LEU A 1 57 ? 0.937   -2.957  -8.099  1.00 13.06 ? 365  LEU A C   1 
ATOM   413 O O   . LEU A 1 57 ? 0.543   -2.789  -9.231  1.00 12.74 ? 365  LEU A O   1 
ATOM   414 C CB  . LEU A 1 57 ? 1.503   -0.767  -7.014  1.00 13.53 ? 365  LEU A CB  1 
ATOM   415 C CG  . LEU A 1 57 ? 0.723   -0.797  -5.684  1.00 12.58 ? 365  LEU A CG  1 
ATOM   416 C CD1 . LEU A 1 57 ? 1.601   -1.068  -4.485  1.00 12.41 ? 365  LEU A CD1 1 
ATOM   417 C CD2 . LEU A 1 57 ? 0.036   0.598   -5.493  1.00 16.71 ? 365  LEU A CD2 1 
ATOM   418 N N   . GLN A 1 58 ? 0.441   -3.899  -7.293  1.00 13.52 ? 366  GLN A N   1 
ATOM   419 C CA  . GLN A 1 58 ? -0.617  -4.827  -7.748  1.00 13.72 ? 366  GLN A CA  1 
ATOM   420 C C   . GLN A 1 58 ? -1.733  -4.889  -6.728  1.00 13.17 ? 366  GLN A C   1 
ATOM   421 O O   . GLN A 1 58 ? -1.503  -4.771  -5.520  1.00 12.75 ? 366  GLN A O   1 
ATOM   422 C CB  . GLN A 1 58 ? -0.016  -6.245  -7.912  1.00 14.42 ? 366  GLN A CB  1 
ATOM   423 C CG  . GLN A 1 58 ? 1.109   -6.314  -8.993  1.00 15.35 ? 366  GLN A CG  1 
ATOM   424 C CD  . GLN A 1 58 ? 0.585   -6.100  -10.391 1.00 22.86 ? 366  GLN A CD  1 
ATOM   425 O OE1 . GLN A 1 58 ? 1.027   -5.189  -11.135 1.00 22.16 ? 366  GLN A OE1 1 
ATOM   426 N NE2 . GLN A 1 58 ? -0.388  -6.933  -10.777 1.00 25.92 ? 366  GLN A NE2 1 
ATOM   427 N N   . ILE A 1 59 ? -2.949  -5.079  -7.227  1.00 11.67 ? 367  ILE A N   1 
ATOM   428 C CA  . ILE A 1 59 ? -4.098  -5.261  -6.379  1.00 13.09 ? 367  ILE A CA  1 
ATOM   429 C C   . ILE A 1 59 ? -3.783  -6.450  -5.465  1.00 14.23 ? 367  ILE A C   1 
ATOM   430 O O   . ILE A 1 59 ? -3.255  -7.470  -5.965  1.00 13.44 ? 367  ILE A O   1 
ATOM   431 C CB  . ILE A 1 59 ? -5.347  -5.559  -7.258  1.00 12.83 ? 367  ILE A CB  1 
ATOM   432 C CG1 . ILE A 1 59 ? -5.801  -4.238  -7.901  1.00 12.57 ? 367  ILE A CG1 1 
ATOM   433 C CG2 . ILE A 1 59 ? -6.510  -6.068  -6.440  1.00 16.58 ? 367  ILE A CG2 1 
ATOM   434 C CD1 . ILE A 1 59 ? -6.530  -4.469  -9.249  1.00 15.72 ? 367  ILE A CD1 1 
ATOM   435 N N   . GLY A 1 60 ? -4.096  -6.318  -4.169  1.00 13.67 ? 368  GLY A N   1 
ATOM   436 C CA  . GLY A 1 60 ? -3.879  -7.441  -3.220  1.00 14.97 ? 368  GLY A CA  1 
ATOM   437 C C   . GLY A 1 60 ? -2.533  -7.314  -2.476  1.00 15.70 ? 368  GLY A C   1 
ATOM   438 O O   . GLY A 1 60 ? -2.354  -7.935  -1.433  1.00 16.80 ? 368  GLY A O   1 
ATOM   439 N N   . ASP A 1 61 ? -1.640  -6.445  -2.954  1.00 14.34 ? 369  ASP A N   1 
ATOM   440 C CA  . ASP A 1 61 ? -0.362  -6.108  -2.253  1.00 14.88 ? 369  ASP A CA  1 
ATOM   441 C C   . ASP A 1 61 ? -0.672  -5.455  -0.897  1.00 14.09 ? 369  ASP A C   1 
ATOM   442 O O   . ASP A 1 61 ? -1.694  -4.774  -0.740  1.00 13.67 ? 369  ASP A O   1 
ATOM   443 C CB  . ASP A 1 61 ? 0.472   -5.092  -3.073  1.00 15.50 ? 369  ASP A CB  1 
ATOM   444 C CG  . ASP A 1 61 ? 1.271   -5.718  -4.208  1.00 17.77 ? 369  ASP A CG  1 
ATOM   445 O OD1 . ASP A 1 61 ? 1.241   -6.950  -4.361  1.00 20.24 ? 369  ASP A OD1 1 
ATOM   446 O OD2 . ASP A 1 61 ? 1.976   -4.925  -4.889  1.00 17.78 ? 369  ASP A OD2 1 
ATOM   447 N N   . LYS A 1 62 ? 0.193   -5.715  0.082   1.00 13.07 ? 370  LYS A N   1 
ATOM   448 C CA  . LYS A 1 62 ? 0.033   -5.200  1.441   1.00 14.06 ? 370  LYS A CA  1 
ATOM   449 C C   . LYS A 1 62 ? 0.941   -3.981  1.577   1.00 15.09 ? 370  LYS A C   1 
ATOM   450 O O   . LYS A 1 62 ? 2.153   -4.033  1.272   1.00 14.32 ? 370  LYS A O   1 
ATOM   451 C CB  . LYS A 1 62 ? 0.437   -6.323  2.436   1.00 14.95 ? 370  LYS A CB  1 
ATOM   452 C CG  . LYS A 1 62 ? 0.454   -5.960  3.897   1.00 17.73 ? 370  LYS A CG  1 
ATOM   453 C CD  . LYS A 1 62 ? 0.864   -7.219  4.794   1.00 18.21 ? 370  LYS A CD  1 
ATOM   454 C CE  . LYS A 1 62 ? -0.001  -8.472  4.457   1.00 21.85 ? 370  LYS A CE  1 
ATOM   455 N NZ  . LYS A 1 62 ? 0.516   -9.741  5.195   1.00 19.36 ? 370  LYS A NZ  1 
ATOM   456 N N   . LEU A 1 63 ? 0.349   -2.852  1.960   1.00 13.41 ? 371  LEU A N   1 
ATOM   457 C CA  . LEU A 1 63 ? 1.097   -1.611  2.038   1.00 15.29 ? 371  LEU A CA  1 
ATOM   458 C C   . LEU A 1 63 ? 1.593   -1.460  3.469   1.00 14.10 ? 371  LEU A C   1 
ATOM   459 O O   . LEU A 1 63 ? 0.767   -1.291  4.392   1.00 14.37 ? 371  LEU A O   1 
ATOM   460 C CB  . LEU A 1 63 ? 0.195   -0.411  1.631   1.00 13.42 ? 371  LEU A CB  1 
ATOM   461 C CG  . LEU A 1 63 ? 0.815   0.968   1.644   1.00 16.32 ? 371  LEU A CG  1 
ATOM   462 C CD1 . LEU A 1 63 ? 1.920   1.053   0.595   1.00 13.74 ? 371  LEU A CD1 1 
ATOM   463 C CD2 . LEU A 1 63 ? -0.299  1.990   1.369   1.00 13.97 ? 371  LEU A CD2 1 
ATOM   464 N N   . LEU A 1 64 ? 2.926   -1.509  3.653   1.00 12.87 ? 372  LEU A N   1 
ATOM   465 C CA  . LEU A 1 64 ? 3.544   -1.428  4.975   1.00 12.89 ? 372  LEU A CA  1 
ATOM   466 C C   . LEU A 1 64 ? 3.963   -0.040  5.424   1.00 13.87 ? 372  LEU A C   1 
ATOM   467 O O   . LEU A 1 64 ? 4.110   0.206   6.638   1.00 14.81 ? 372  LEU A O   1 
ATOM   468 C CB  . LEU A 1 64 ? 4.798   -2.314  4.999   1.00 14.02 ? 372  LEU A CB  1 
ATOM   469 C CG  . LEU A 1 64 ? 4.485   -3.771  4.632   1.00 12.48 ? 372  LEU A CG  1 
ATOM   470 C CD1 . LEU A 1 64 ? 5.803   -4.579  4.616   1.00 15.39 ? 372  LEU A CD1 1 
ATOM   471 C CD2 . LEU A 1 64 ? 3.519   -4.384  5.607   1.00 17.90 ? 372  LEU A CD2 1 
ATOM   472 N N   . ALA A 1 65 ? 4.235   0.843   4.467   1.00 12.97 ? 373  ALA A N   1 
ATOM   473 C CA  . ALA A 1 65 ? 4.719   2.200   4.781   1.00 13.94 ? 373  ALA A CA  1 
ATOM   474 C C   . ALA A 1 65 ? 4.512   3.124   3.598   1.00 13.96 ? 373  ALA A C   1 
ATOM   475 O O   . ALA A 1 65 ? 4.539   2.692   2.443   1.00 13.83 ? 373  ALA A O   1 
ATOM   476 C CB  . ALA A 1 65 ? 6.231   2.223   5.266   1.00 14.27 ? 373  ALA A CB  1 
ATOM   477 N N   . VAL A 1 66 ? 4.245   4.391   3.903   1.00 14.75 ? 374  VAL A N   1 
ATOM   478 C CA  . VAL A 1 66 ? 4.328   5.433   2.902   1.00 14.95 ? 374  VAL A CA  1 
ATOM   479 C C   . VAL A 1 66 ? 5.336   6.448   3.420   1.00 15.29 ? 374  VAL A C   1 
ATOM   480 O O   . VAL A 1 66 ? 5.196   6.970   4.535   1.00 14.89 ? 374  VAL A O   1 
ATOM   481 C CB  . VAL A 1 66 ? 2.953   6.055   2.571   1.00 15.17 ? 374  VAL A CB  1 
ATOM   482 C CG1 . VAL A 1 66 ? 2.218   6.402   3.831   1.00 19.35 ? 374  VAL A CG1 1 
ATOM   483 C CG2 . VAL A 1 66 ? 3.136   7.317   1.740   1.00 14.51 ? 374  VAL A CG2 1 
ATOM   484 N N   . ASN A 1 67 ? 6.375   6.706   2.626   1.00 15.22 ? 375  ASN A N   1 
ATOM   485 C CA  . ASN A 1 67 ? 7.479   7.546   3.071   1.00 15.78 ? 375  ASN A CA  1 
ATOM   486 C C   . ASN A 1 67 ? 7.976   7.072   4.454   1.00 16.67 ? 375  ASN A C   1 
ATOM   487 O O   . ASN A 1 67 ? 8.225   5.868   4.651   1.00 16.58 ? 375  ASN A O   1 
ATOM   488 C CB  . ASN A 1 67 ? 7.052   9.027   3.029   1.00 16.03 ? 375  ASN A CB  1 
ATOM   489 C CG  . ASN A 1 67 ? 6.812   9.511   1.594   1.00 17.24 ? 375  ASN A CG  1 
ATOM   490 O OD1 . ASN A 1 67 ? 7.251   8.864   0.631   1.00 15.63 ? 375  ASN A OD1 1 
ATOM   491 N ND2 . ASN A 1 67 ? 6.117   10.629  1.443   1.00 14.89 ? 375  ASN A ND2 1 
ATOM   492 N N   . ASN A 1 68 ? 8.055   7.969   5.427   1.00 17.25 ? 376  ASN A N   1 
ATOM   493 C CA  . ASN A 1 68 ? 8.550   7.567   6.734   1.00 18.18 ? 376  ASN A CA  1 
ATOM   494 C C   . ASN A 1 68 ? 7.452   7.060   7.688   1.00 18.46 ? 376  ASN A C   1 
ATOM   495 O O   . ASN A 1 68 ? 7.698   6.917   8.881   1.00 18.61 ? 376  ASN A O   1 
ATOM   496 C CB  . ASN A 1 68 ? 9.347   8.713   7.365   1.00 19.90 ? 376  ASN A CB  1 
ATOM   497 C CG  . ASN A 1 68 ? 10.774  8.777   6.846   1.00 21.78 ? 376  ASN A CG  1 
ATOM   498 O OD1 . ASN A 1 68 ? 11.440  9.800   6.984   1.00 29.24 ? 376  ASN A OD1 1 
ATOM   499 N ND2 . ASN A 1 68 ? 11.256  7.674   6.257   1.00 25.80 ? 376  ASN A ND2 1 
ATOM   500 N N   . VAL A 1 69 ? 6.262   6.774   7.150   1.00 17.01 ? 377  VAL A N   1 
ATOM   501 C CA  . VAL A 1 69 ? 5.058   6.555   7.969   1.00 15.42 ? 377  VAL A CA  1 
ATOM   502 C C   . VAL A 1 69 ? 4.699   5.071   7.896   1.00 14.33 ? 377  VAL A C   1 
ATOM   503 O O   . VAL A 1 69 ? 4.310   4.566   6.850   1.00 13.92 ? 377  VAL A O   1 
ATOM   504 C CB  . VAL A 1 69 ? 3.846   7.454   7.521   1.00 15.27 ? 377  VAL A CB  1 
ATOM   505 C CG1 . VAL A 1 69 ? 2.564   7.198   8.404   1.00 14.58 ? 377  VAL A CG1 1 
ATOM   506 C CG2 . VAL A 1 69 ? 4.239   8.927   7.554   1.00 14.70 ? 377  VAL A CG2 1 
ATOM   507 N N   . ALA A 1 70 ? 4.876   4.394   9.025   1.00 14.05 ? 378  ALA A N   1 
ATOM   508 C CA  . ALA A 1 70 ? 4.621   2.977   9.166   1.00 14.55 ? 378  ALA A CA  1 
ATOM   509 C C   . ALA A 1 70 ? 3.110   2.778   9.144   1.00 15.08 ? 378  ALA A C   1 
ATOM   510 O O   . ALA A 1 70 ? 2.351   3.582   9.735   1.00 14.29 ? 378  ALA A O   1 
ATOM   511 C CB  . ALA A 1 70 ? 5.219   2.478   10.506  1.00 15.01 ? 378  ALA A CB  1 
ATOM   512 N N   . LEU A 1 71 ? 2.674   1.742   8.437   1.00 16.22 ? 379  LEU A N   1 
ATOM   513 C CA  . LEU A 1 71 ? 1.226   1.423   8.319   1.00 17.88 ? 379  LEU A CA  1 
ATOM   514 C C   . LEU A 1 71 ? 0.972   -0.005  8.760   1.00 19.84 ? 379  LEU A C   1 
ATOM   515 O O   . LEU A 1 71 ? 0.046   -0.671  8.270   1.00 20.67 ? 379  LEU A O   1 
ATOM   516 C CB  . LEU A 1 71 ? 0.769   1.586   6.868   1.00 16.21 ? 379  LEU A CB  1 
ATOM   517 C CG  . LEU A 1 71 ? 0.874   2.970   6.231   1.00 15.32 ? 379  LEU A CG  1 
ATOM   518 C CD1 . LEU A 1 71 ? 0.292   2.902   4.817   1.00 16.95 ? 379  LEU A CD1 1 
ATOM   519 C CD2 . LEU A 1 71 ? 0.164   4.017   7.055   1.00 14.79 ? 379  LEU A CD2 1 
ATOM   520 N N   . GLU A 1 72 ? 1.808   -0.498  9.662   1.00 22.03 ? 380  GLU A N   1 
ATOM   521 C CA  . GLU A 1 72 ? 1.719   -1.913  10.008  1.00 25.20 ? 380  GLU A CA  1 
ATOM   522 C C   . GLU A 1 72 ? 0.551   -2.289  10.891  1.00 25.32 ? 380  GLU A C   1 
ATOM   523 O O   . GLU A 1 72 ? -0.111  -3.321  10.642  1.00 27.77 ? 380  GLU A O   1 
ATOM   524 C CB  . GLU A 1 72 ? 3.039   -2.466  10.516  1.00 25.09 ? 380  GLU A CB  1 
ATOM   525 C CG  . GLU A 1 72 ? 3.834   -2.958  9.334   1.00 30.99 ? 380  GLU A CG  1 
ATOM   526 C CD  . GLU A 1 72 ? 5.152   -3.593  9.704   1.00 38.65 ? 380  GLU A CD  1 
ATOM   527 O OE1 . GLU A 1 72 ? 6.068   -3.580  8.841   1.00 42.04 ? 380  GLU A OE1 1 
ATOM   528 O OE2 . GLU A 1 72 ? 5.281   -4.088  10.854  1.00 40.33 ? 380  GLU A OE2 1 
ATOM   529 N N   . GLU A 1 73 ? 0.245   -1.429  11.851  1.00 24.43 ? 381  GLU A N   1 
ATOM   530 C CA  . GLU A 1 73 ? -0.893  -1.626  12.725  1.00 22.84 ? 381  GLU A CA  1 
ATOM   531 C C   . GLU A 1 73 ? -1.513  -0.260  13.006  1.00 21.05 ? 381  GLU A C   1 
ATOM   532 O O   . GLU A 1 73 ? -1.318  0.325   14.063  1.00 21.12 ? 381  GLU A O   1 
ATOM   533 C CB  . GLU A 1 73 ? -0.380  -2.230  14.024  1.00 23.87 ? 381  GLU A CB  1 
ATOM   534 C CG  . GLU A 1 73 ? -1.385  -2.953  14.837  1.00 25.85 ? 381  GLU A CG  1 
ATOM   535 C CD  . GLU A 1 73 ? -0.712  -3.748  15.915  1.00 30.17 ? 381  GLU A CD  1 
ATOM   536 O OE1 . GLU A 1 73 ? -0.024  -3.144  16.775  1.00 32.37 ? 381  GLU A OE1 1 
ATOM   537 O OE2 . GLU A 1 73 ? -0.846  -4.986  15.890  1.00 33.84 ? 381  GLU A OE2 1 
ATOM   538 N N   . VAL A 1 74 ? -2.257  0.265   12.046  1.00 18.73 ? 382  VAL A N   1 
ATOM   539 C CA  . VAL A 1 74 ? -2.798  1.617   12.144  1.00 16.30 ? 382  VAL A CA  1 
ATOM   540 C C   . VAL A 1 74 ? -4.280  1.592   11.772  1.00 15.91 ? 382  VAL A C   1 
ATOM   541 O O   . VAL A 1 74 ? -4.739  0.627   11.130  1.00 14.27 ? 382  VAL A O   1 
ATOM   542 C CB  . VAL A 1 74 ? -2.023  2.558   11.178  1.00 16.76 ? 382  VAL A CB  1 
ATOM   543 C CG1 . VAL A 1 74 ? -0.525  2.597   11.555  1.00 15.47 ? 382  VAL A CG1 1 
ATOM   544 C CG2 . VAL A 1 74 ? -2.207  2.126   9.704   1.00 14.91 ? 382  VAL A CG2 1 
ATOM   545 N N   . THR A 1 75 ? -5.015  2.646   12.118  1.00 14.71 ? 383  THR A N   1 
ATOM   546 C CA  . THR A 1 75 ? -6.427  2.722   11.702  1.00 14.34 ? 383  THR A CA  1 
ATOM   547 C C   . THR A 1 75 ? -6.515  2.954   10.197  1.00 14.68 ? 383  THR A C   1 
ATOM   548 O O   . THR A 1 75 ? -5.527  3.368   9.574   1.00 13.76 ? 383  THR A O   1 
ATOM   549 C CB  . THR A 1 75 ? -7.194  3.821   12.411  1.00 13.92 ? 383  THR A CB  1 
ATOM   550 O OG1 . THR A 1 75 ? -6.740  5.102   11.935  1.00 13.68 ? 383  THR A OG1 1 
ATOM   551 C CG2 . THR A 1 75 ? -7.038  3.697   13.970  1.00 14.20 ? 383  THR A CG2 1 
ATOM   552 N N   . HIS A 1 76 ? -7.678  2.683   9.598   1.00 14.42 ? 384  HIS A N   1 
ATOM   553 C CA  . HIS A 1 76 ? -7.869  2.992   8.169   1.00 15.00 ? 384  HIS A CA  1 
ATOM   554 C C   . HIS A 1 76 ? -7.643  4.507   7.914   1.00 15.01 ? 384  HIS A C   1 
ATOM   555 O O   . HIS A 1 76 ? -6.991  4.906   6.961   1.00 14.29 ? 384  HIS A O   1 
ATOM   556 C CB  . HIS A 1 76 ? -9.258  2.561   7.677   1.00 14.75 ? 384  HIS A CB  1 
ATOM   557 C CG  . HIS A 1 76 ? -9.424  2.714   6.192   1.00 16.15 ? 384  HIS A CG  1 
ATOM   558 N ND1 . HIS A 1 76 ? -8.891  1.820   5.284   1.00 17.35 ? 384  HIS A ND1 1 
ATOM   559 C CD2 . HIS A 1 76 ? -10.026 3.678   5.459   1.00 16.59 ? 384  HIS A CD2 1 
ATOM   560 C CE1 . HIS A 1 76 ? -9.161  2.230   4.054   1.00 16.53 ? 384  HIS A CE1 1 
ATOM   561 N NE2 . HIS A 1 76 ? -9.842  3.357   4.137   1.00 19.32 ? 384  HIS A NE2 1 
ATOM   562 N N   . GLU A 1 77 ? -8.155  5.345   8.815   1.00 15.44 ? 385  GLU A N   1 
ATOM   563 C CA  . GLU A 1 77 ? -8.115  6.786   8.628   1.00 15.89 ? 385  GLU A CA  1 
ATOM   564 C C   . GLU A 1 77 ? -6.663  7.286   8.637   1.00 15.85 ? 385  GLU A C   1 
ATOM   565 O O   . GLU A 1 77 ? -6.302  8.189   7.853   1.00 15.35 ? 385  GLU A O   1 
ATOM   566 C CB  . GLU A 1 77 ? -8.946  7.455   9.716   1.00 16.59 ? 385  GLU A CB  1 
ATOM   567 C CG  . GLU A 1 77 ? -9.181  8.929   9.504   1.00 22.28 ? 385  GLU A CG  1 
ATOM   568 C CD  . GLU A 1 77 ? -9.699  9.635   10.774  1.00 27.10 ? 385  GLU A CD  1 
ATOM   569 O OE1 . GLU A 1 77 ? -9.505  10.864  10.877  1.00 30.08 ? 385  GLU A OE1 1 
ATOM   570 O OE2 . GLU A 1 77 ? -10.309 8.961   11.654  1.00 30.24 ? 385  GLU A OE2 1 
ATOM   571 N N   . GLU A 1 78 ? -5.836  6.678   9.497   1.00 14.65 ? 386  GLU A N   1 
ATOM   572 C CA  . GLU A 1 78 ? -4.406  6.987   9.567   1.00 14.17 ? 386  GLU A CA  1 
ATOM   573 C C   . GLU A 1 78 ? -3.664  6.658   8.264   1.00 14.09 ? 386  GLU A C   1 
ATOM   574 O O   . GLU A 1 78 ? -2.830  7.437   7.835   1.00 12.67 ? 386  GLU A O   1 
ATOM   575 C CB  . GLU A 1 78 ? -3.753  6.266   10.758  1.00 15.07 ? 386  GLU A CB  1 
ATOM   576 C CG  . GLU A 1 78 ? -4.200  6.830   12.143  1.00 15.22 ? 386  GLU A CG  1 
ATOM   577 C CD  . GLU A 1 78 ? -3.672  6.020   13.353  1.00 19.09 ? 386  GLU A CD  1 
ATOM   578 O OE1 . GLU A 1 78 ? -3.473  6.643   14.422  1.00 22.45 ? 386  GLU A OE1 1 
ATOM   579 O OE2 . GLU A 1 78 ? -3.462  4.783   13.279  1.00 16.13 ? 386  GLU A OE2 1 
ATOM   580 N N   . ALA A 1 79 ? -3.982  5.515   7.642   1.00 13.37 ? 387  ALA A N   1 
ATOM   581 C CA  . ALA A 1 79 ? -3.417  5.143   6.337   1.00 14.72 ? 387  ALA A CA  1 
ATOM   582 C C   . ALA A 1 79 ? -3.835  6.141   5.251   1.00 15.25 ? 387  ALA A C   1 
ATOM   583 O O   . ALA A 1 79 ? -3.001  6.595   4.432   1.00 16.06 ? 387  ALA A O   1 
ATOM   584 C CB  . ALA A 1 79 ? -3.839  3.685   5.950   1.00 13.50 ? 387  ALA A CB  1 
ATOM   585 N N   . VAL A 1 80 ? -5.127  6.475   5.229   1.00 16.67 ? 388  VAL A N   1 
ATOM   586 C CA  . VAL A 1 80 ? -5.657  7.446   4.259   1.00 16.34 ? 388  VAL A CA  1 
ATOM   587 C C   . VAL A 1 80 ? -4.932  8.794   4.429   1.00 17.13 ? 388  VAL A C   1 
ATOM   588 O O   . VAL A 1 80 ? -4.508  9.396   3.446   1.00 17.26 ? 388  VAL A O   1 
ATOM   589 C CB  . VAL A 1 80 ? -7.230  7.541   4.325   1.00 16.58 ? 388  VAL A CB  1 
ATOM   590 C CG1 . VAL A 1 80 ? -7.787  8.647   3.383   1.00 16.71 ? 388  VAL A CG1 1 
ATOM   591 C CG2 . VAL A 1 80 ? -7.834  6.222   3.935   1.00 16.71 ? 388  VAL A CG2 1 
ATOM   592 N N   . THR A 1 81 ? -4.769  9.250   5.670   1.00 16.80 ? 389  THR A N   1 
ATOM   593 C CA  . THR A 1 81 ? -4.073  10.497  5.959   1.00 17.09 ? 389  THR A CA  1 
ATOM   594 C C   . THR A 1 81 ? -2.625  10.452  5.501   1.00 16.94 ? 389  THR A C   1 
ATOM   595 O O   . THR A 1 81 ? -2.109  11.442  4.977   1.00 15.63 ? 389  THR A O   1 
ATOM   596 C CB  . THR A 1 81 ? -4.056  10.797  7.458   1.00 16.98 ? 389  THR A CB  1 
ATOM   597 O OG1 . THR A 1 81 ? -5.404  10.845  7.933   1.00 19.00 ? 389  THR A OG1 1 
ATOM   598 C CG2 . THR A 1 81 ? -3.354  12.147  7.770   1.00 18.71 ? 389  THR A CG2 1 
ATOM   599 N N   . ALA A 1 82 ? -1.961  9.321   5.738   1.00 17.06 ? 390  ALA A N   1 
ATOM   600 C CA  . ALA A 1 82 ? -0.568  9.177   5.333   1.00 17.95 ? 390  ALA A CA  1 
ATOM   601 C C   . ALA A 1 82 ? -0.447  9.293   3.809   1.00 18.35 ? 390  ALA A C   1 
ATOM   602 O O   . ALA A 1 82 ? 0.415   10.006  3.315   1.00 19.90 ? 390  ALA A O   1 
ATOM   603 C CB  . ALA A 1 82 ? 0.004   7.858   5.851   1.00 18.06 ? 390  ALA A CB  1 
ATOM   604 N N   . LEU A 1 83 ? -1.328  8.631   3.067   1.00 18.91 ? 391  LEU A N   1 
ATOM   605 C CA  . LEU A 1 83 ? -1.340  8.746   1.605   1.00 19.74 ? 391  LEU A CA  1 
ATOM   606 C C   . LEU A 1 83 ? -1.633  10.163  1.102   1.00 21.64 ? 391  LEU A C   1 
ATOM   607 O O   . LEU A 1 83 ? -0.912  10.669  0.233   1.00 22.64 ? 391  LEU A O   1 
ATOM   608 C CB  . LEU A 1 83 ? -2.314  7.731   1.002   1.00 19.78 ? 391  LEU A CB  1 
ATOM   609 C CG  . LEU A 1 83 ? -1.786  6.295   1.077   1.00 19.36 ? 391  LEU A CG  1 
ATOM   610 C CD1 . LEU A 1 83 ? -2.906  5.328   0.745   1.00 20.46 ? 391  LEU A CD1 1 
ATOM   611 C CD2 . LEU A 1 83 ? -0.587  6.066   0.140   1.00 17.85 ? 391  LEU A CD2 1 
ATOM   612 N N   . LYS A 1 84 ? -2.645  10.826  1.674   1.00 21.54 ? 392  LYS A N   1 
ATOM   613 C CA  . LYS A 1 84 ? -2.996  12.185  1.254   1.00 22.79 ? 392  LYS A CA  1 
ATOM   614 C C   . LYS A 1 84 ? -1.876  13.173  1.527   1.00 22.44 ? 392  LYS A C   1 
ATOM   615 O O   . LYS A 1 84 ? -1.645  14.071  0.727   1.00 22.87 ? 392  LYS A O   1 
ATOM   616 C CB  . LYS A 1 84 ? -4.300  12.661  1.909   1.00 22.94 ? 392  LYS A CB  1 
ATOM   617 C CG  . LYS A 1 84 ? -5.540  12.044  1.283   1.00 25.86 ? 392  LYS A CG  1 
ATOM   618 C CD  . LYS A 1 84 ? -6.844  12.741  1.733   1.00 29.40 ? 392  LYS A CD  1 
ATOM   619 C CE  . LYS A 1 84 ? -8.069  11.919  1.300   1.00 31.49 ? 392  LYS A CE  1 
ATOM   620 N NZ  . LYS A 1 84 ? -9.203  12.085  2.273   1.00 30.75 ? 392  LYS A NZ  1 
ATOM   621 N N   . ASN A 1 85 ? -1.164  12.990  2.637   1.00 22.92 ? 393  ASN A N   1 
ATOM   622 C CA  . ASN A 1 85 ? -0.036  13.865  3.024   1.00 24.13 ? 393  ASN A CA  1 
ATOM   623 C C   . ASN A 1 85 ? 1.273   13.650  2.241   1.00 24.26 ? 393  ASN A C   1 
ATOM   624 O O   . ASN A 1 85 ? 2.360   13.929  2.753   1.00 24.55 ? 393  ASN A O   1 
ATOM   625 C CB  . ASN A 1 85 ? 0.287   13.692  4.507   1.00 24.04 ? 393  ASN A CB  1 
ATOM   626 C CG  . ASN A 1 85 ? -0.695  14.384  5.407   1.00 28.48 ? 393  ASN A CG  1 
ATOM   627 O OD1 . ASN A 1 85 ? -1.695  14.977  4.958   1.00 31.17 ? 393  ASN A OD1 1 
ATOM   628 N ND2 . ASN A 1 85 ? -0.425  14.317  6.707   1.00 32.16 ? 393  ASN A ND2 1 
ATOM   629 N N   . THR A 1 86 ? 1.183   13.121  1.025   1.00 24.21 ? 394  THR A N   1 
ATOM   630 C CA  . THR A 1 86 ? 2.377   12.929  0.198   1.00 23.37 ? 394  THR A CA  1 
ATOM   631 C C   . THR A 1 86 ? 2.645   14.149  -0.679  1.00 23.94 ? 394  THR A C   1 
ATOM   632 O O   . THR A 1 86 ? 1.720   14.822  -1.117  1.00 23.31 ? 394  THR A O   1 
ATOM   633 C CB  . THR A 1 86 ? 2.259   11.719  -0.704  1.00 23.35 ? 394  THR A CB  1 
ATOM   634 O OG1 . THR A 1 86 ? 0.997   11.739  -1.395  1.00 23.40 ? 394  THR A OG1 1 
ATOM   635 C CG2 . THR A 1 86 ? 2.396   10.419  0.127   1.00 22.83 ? 394  THR A CG2 1 
ATOM   636 N N   . SER A 1 87 ? 3.936   14.389  -0.896  1.00 23.18 ? 395  SER A N   1 
ATOM   637 C CA  . SER A 1 87 ? 4.501   15.301  -1.882  1.00 23.36 ? 395  SER A CA  1 
ATOM   638 C C   . SER A 1 87 ? 4.538   14.683  -3.281  1.00 21.32 ? 395  SER A C   1 
ATOM   639 O O   . SER A 1 87 ? 3.873   13.684  -3.551  1.00 23.17 ? 395  SER A O   1 
ATOM   640 C CB  . SER A 1 87 ? 5.950   15.566  -1.478  1.00 23.05 ? 395  SER A CB  1 
ATOM   641 O OG  . SER A 1 87 ? 6.177   16.946  -1.441  1.00 27.18 ? 395  SER A OG  1 
ATOM   642 N N   . ASP A 1 88 ? 5.352   15.275  -4.136  1.00 18.16 ? 396  ASP A N   1 
ATOM   643 C CA  . ASP A 1 88 ? 5.606   14.848  -5.494  1.00 16.31 ? 396  ASP A CA  1 
ATOM   644 C C   . ASP A 1 88 ? 6.257   13.461  -5.519  1.00 15.19 ? 396  ASP A C   1 
ATOM   645 O O   . ASP A 1 88 ? 5.840   12.568  -6.255  1.00 16.24 ? 396  ASP A O   1 
ATOM   646 C CB  . ASP A 1 88 ? 6.583   15.839  -6.082  1.00 16.40 ? 396  ASP A CB  1 
ATOM   647 C CG  . ASP A 1 88 ? 5.952   17.190  -6.303  1.00 17.66 ? 396  ASP A CG  1 
ATOM   648 O OD1 . ASP A 1 88 ? 4.826   17.174  -6.836  1.00 17.74 ? 396  ASP A OD1 1 
ATOM   649 O OD2 . ASP A 1 88 ? 6.563   18.221  -5.946  1.00 17.45 ? 396  ASP A OD2 1 
ATOM   650 N N   . PHE A 1 89 ? 7.243   13.265  -4.662  1.00 12.63 ? 397  PHE A N   1 
ATOM   651 C CA  . PHE A 1 89 ? 7.982   12.025  -4.649  1.00 12.20 ? 397  PHE A CA  1 
ATOM   652 C C   . PHE A 1 89 ? 7.470   11.163  -3.486  1.00 12.10 ? 397  PHE A C   1 
ATOM   653 O O   . PHE A 1 89 ? 7.377   11.671  -2.359  1.00 12.58 ? 397  PHE A O   1 
ATOM   654 C CB  . PHE A 1 89 ? 9.449   12.347  -4.433  1.00 10.68 ? 397  PHE A CB  1 
ATOM   655 C CG  . PHE A 1 89 ? 10.107  13.095  -5.567  1.00 10.15 ? 397  PHE A CG  1 
ATOM   656 C CD1 . PHE A 1 89 ? 10.342  12.470  -6.801  1.00 12.41 ? 397  PHE A CD1 1 
ATOM   657 C CD2 . PHE A 1 89 ? 10.600  14.365  -5.357  1.00 6.09  ? 397  PHE A CD2 1 
ATOM   658 C CE1 . PHE A 1 89 ? 11.043  13.137  -7.820  1.00 8.46  ? 397  PHE A CE1 1 
ATOM   659 C CE2 . PHE A 1 89 ? 11.289  15.072  -6.392  1.00 7.22  ? 397  PHE A CE2 1 
ATOM   660 C CZ  . PHE A 1 89 ? 11.499  14.453  -7.615  1.00 6.85  ? 397  PHE A CZ  1 
ATOM   661 N N   . VAL A 1 90 ? 7.139   9.892   -3.755  1.00 12.43 ? 398  VAL A N   1 
ATOM   662 C CA  . VAL A 1 90 ? 6.593   8.970   -2.744  1.00 11.40 ? 398  VAL A CA  1 
ATOM   663 C C   . VAL A 1 90 ? 7.361   7.639   -2.754  1.00 13.06 ? 398  VAL A C   1 
ATOM   664 O O   . VAL A 1 90 ? 7.543   7.051   -3.828  1.00 12.21 ? 398  VAL A O   1 
ATOM   665 C CB  . VAL A 1 90 ? 5.079   8.709   -3.041  1.00 12.08 ? 398  VAL A CB  1 
ATOM   666 C CG1 . VAL A 1 90 ? 4.419   7.735   -2.044  1.00 9.27  ? 398  VAL A CG1 1 
ATOM   667 C CG2 . VAL A 1 90 ? 4.287   10.079  -3.130  1.00 12.21 ? 398  VAL A CG2 1 
ATOM   668 N N   . TYR A 1 91 ? 7.768   7.163   -1.564  1.00 13.35 ? 399  TYR A N   1 
ATOM   669 C CA  . TYR A 1 91 ? 8.337   5.822   -1.354  1.00 14.34 ? 399  TYR A CA  1 
ATOM   670 C C   . TYR A 1 91 ? 7.228   4.984   -0.732  1.00 14.74 ? 399  TYR A C   1 
ATOM   671 O O   . TYR A 1 91 ? 6.680   5.348   0.362   1.00 13.89 ? 399  TYR A O   1 
ATOM   672 C CB  . TYR A 1 91 ? 9.410   5.795   -0.255  1.00 15.64 ? 399  TYR A CB  1 
ATOM   673 C CG  . TYR A 1 91 ? 10.693  6.483   -0.491  1.00 21.41 ? 399  TYR A CG  1 
ATOM   674 C CD1 . TYR A 1 91 ? 11.790  5.776   -1.025  1.00 25.64 ? 399  TYR A CD1 1 
ATOM   675 C CD2 . TYR A 1 91 ? 10.876  7.841   -0.135  1.00 23.66 ? 399  TYR A CD2 1 
ATOM   676 C CE1 . TYR A 1 91 ? 13.034  6.404   -1.242  1.00 26.25 ? 399  TYR A CE1 1 
ATOM   677 C CE2 . TYR A 1 91 ? 12.143  8.477   -0.339  1.00 26.40 ? 399  TYR A CE2 1 
ATOM   678 C CZ  . TYR A 1 91 ? 13.210  7.731   -0.896  1.00 27.27 ? 399  TYR A CZ  1 
ATOM   679 O OH  . TYR A 1 91 ? 14.451  8.293   -1.129  1.00 29.12 ? 399  TYR A OH  1 
ATOM   680 N N   . LEU A 1 92 ? 6.851   3.907   -1.409  1.00 13.25 ? 400  LEU A N   1 
ATOM   681 C CA  . LEU A 1 92 ? 5.910   2.958   -0.839  1.00 13.63 ? 400  LEU A CA  1 
ATOM   682 C C   . LEU A 1 92 ? 6.695   1.705   -0.443  1.00 15.16 ? 400  LEU A C   1 
ATOM   683 O O   . LEU A 1 92 ? 7.533   1.255   -1.201  1.00 14.89 ? 400  LEU A O   1 
ATOM   684 C CB  . LEU A 1 92 ? 4.857   2.590   -1.889  1.00 13.10 ? 400  LEU A CB  1 
ATOM   685 C CG  . LEU A 1 92 ? 3.954   3.702   -2.472  1.00 13.73 ? 400  LEU A CG  1 
ATOM   686 C CD1 . LEU A 1 92 ? 2.956   3.116   -3.492  1.00 13.88 ? 400  LEU A CD1 1 
ATOM   687 C CD2 . LEU A 1 92 ? 3.172   4.374   -1.351  1.00 12.26 ? 400  LEU A CD2 1 
ATOM   688 N N   . LYS A 1 93 ? 6.383   1.117   0.709   1.00 15.77 ? 401  LYS A N   1 
ATOM   689 C CA  . LYS A 1 93 ? 6.970   -0.160  1.111   1.00 15.51 ? 401  LYS A CA  1 
ATOM   690 C C   . LYS A 1 93 ? 5.831   -1.181  1.043   1.00 15.14 ? 401  LYS A C   1 
ATOM   691 O O   . LYS A 1 93 ? 4.804   -0.996  1.660   1.00 12.58 ? 401  LYS A O   1 
ATOM   692 C CB  . LYS A 1 93 ? 7.530   -0.020  2.524   1.00 16.37 ? 401  LYS A CB  1 
ATOM   693 C CG  . LYS A 1 93 ? 8.490   -1.083  2.955   1.00 21.23 ? 401  LYS A CG  1 
ATOM   694 C CD  . LYS A 1 93 ? 9.587   -0.439  3.835   1.00 28.65 ? 401  LYS A CD  1 
ATOM   695 C CE  . LYS A 1 93 ? 9.393   -0.829  5.284   1.00 33.37 ? 401  LYS A CE  1 
ATOM   696 N NZ  . LYS A 1 93 ? 8.994   -2.296  5.385   1.00 35.74 ? 401  LYS A NZ  1 
ATOM   697 N N   . VAL A 1 94 ? 6.004   -2.234  0.255   1.00 13.71 ? 402  VAL A N   1 
ATOM   698 C CA  . VAL A 1 94 ? 4.905   -3.155  -0.007  1.00 13.34 ? 402  VAL A CA  1 
ATOM   699 C C   . VAL A 1 94 ? 5.369   -4.576  0.328   1.00 13.53 ? 402  VAL A C   1 
ATOM   700 O O   . VAL A 1 94 ? 6.454   -4.923  -0.065  1.00 13.41 ? 402  VAL A O   1 
ATOM   701 C CB  . VAL A 1 94 ? 4.546   -3.017  -1.498  1.00 13.67 ? 402  VAL A CB  1 
ATOM   702 C CG1 . VAL A 1 94 ? 3.482   -3.919  -1.887  1.00 16.43 ? 402  VAL A CG1 1 
ATOM   703 C CG2 . VAL A 1 94 ? 4.068   -1.486  -1.785  1.00 14.20 ? 402  VAL A CG2 1 
ATOM   704 N N   . ALA A 1 95 ? 4.532   -5.405  0.976   1.00 14.08 ? 403  ALA A N   1 
ATOM   705 C CA  . ALA A 1 95 ? 4.774   -6.857  1.031   1.00 13.96 ? 403  ALA A CA  1 
ATOM   706 C C   . ALA A 1 95 ? 4.069   -7.597  -0.095  1.00 12.64 ? 403  ALA A C   1 
ATOM   707 O O   . ALA A 1 95 ? 2.876   -7.385  -0.356  1.00 12.48 ? 403  ALA A O   1 
ATOM   708 C CB  . ALA A 1 95 ? 4.324   -7.454  2.450   1.00 12.80 ? 403  ALA A CB  1 
ATOM   709 N N   . LYS A 1 96 ? 4.802   -8.487  -0.750  1.00 12.21 ? 404  LYS A N   1 
ATOM   710 C CA  . LYS A 1 96 ? 4.241   -9.285  -1.836  1.00 12.20 ? 404  LYS A CA  1 
ATOM   711 C C   . LYS A 1 96 ? 3.753   -10.587 -1.255  1.00 13.05 ? 404  LYS A C   1 
ATOM   712 O O   . LYS A 1 96 ? 4.394   -11.156 -0.356  1.00 12.95 ? 404  LYS A O   1 
ATOM   713 C CB  . LYS A 1 96 ? 5.294   -9.574  -2.907  1.00 12.07 ? 404  LYS A CB  1 
ATOM   714 C CG  . LYS A 1 96 ? 5.952   -8.275  -3.555  1.00 13.38 ? 404  LYS A CG  1 
ATOM   715 C CD  . LYS A 1 96 ? 4.984   -7.442  -4.403  1.00 16.32 ? 404  LYS A CD  1 
ATOM   716 C CE  . LYS A 1 96 ? 4.346   -8.203  -5.538  1.00 17.72 ? 404  LYS A CE  1 
ATOM   717 N NZ  . LYS A 1 96 ? 3.483   -7.143  -6.336  1.00 20.09 ? 404  LYS A NZ  1 
ATOM   718 N N   . PRO A 1 97 ? 2.670   -11.133 -1.843  1.00 14.23 ? 405  PRO A N   1 
ATOM   719 C CA  . PRO A 1 97 ? 2.237   -12.492 -1.531  1.00 13.12 ? 405  PRO A CA  1 
ATOM   720 C C   . PRO A 1 97 ? 3.377   -13.510 -1.602  1.00 13.63 ? 405  PRO A C   1 
ATOM   721 O O   . PRO A 1 97 ? 4.263   -13.411 -2.461  1.00 12.00 ? 405  PRO A O   1 
ATOM   722 C CB  . PRO A 1 97 ? 1.206   -12.801 -2.622  1.00 11.85 ? 405  PRO A CB  1 
ATOM   723 C CG  . PRO A 1 97 ? 0.630   -11.431 -2.969  1.00 15.24 ? 405  PRO A CG  1 
ATOM   724 C CD  . PRO A 1 97 ? 1.833   -10.498 -2.886  1.00 13.57 ? 405  PRO A CD  1 
ATOM   725 N N   . THR A 1 98 ? 3.315   -14.497 -0.697  1.00 11.94 ? 406  THR A N   1 
ATOM   726 C CA  . THR A 1 98 ? 4.349   -15.492 -0.610  1.00 12.40 ? 406  THR A CA  1 
ATOM   727 C C   . THR A 1 98 ? 4.123   -16.728 -1.453  1.00 13.19 ? 406  THR A C   1 
ATOM   728 O O   . THR A 1 98 ? 4.930   -17.692 -1.368  1.00 13.06 ? 406  THR A O   1 
ATOM   729 C CB  . THR A 1 98 ? 4.551   -15.931 0.867   1.00 11.35 ? 406  THR A CB  1 
ATOM   730 O OG1 . THR A 1 98 ? 3.273   -16.106 1.477   1.00 9.05  ? 406  THR A OG1 1 
ATOM   731 C CG2 . THR A 1 98 ? 5.258   -14.817 1.648   1.00 10.48 ? 406  THR A CG2 1 
ATOM   732 N N   . SER A 1 99 ? 3.063   -16.733 -2.271  1.00 13.74 ? 407  SER A N   1 
ATOM   733 C CA  . SER A 1 99 ? 2.742   -17.943 -3.069  1.00 18.02 ? 407  SER A CA  1 
ATOM   734 C C   . SER A 1 99 ? 3.607   -17.888 -4.324  1.00 19.95 ? 407  SER A C   1 
ATOM   735 O O   . SER A 1 99 ? 4.419   -16.958 -4.502  1.00 20.71 ? 407  SER A O   1 
ATOM   736 C CB  . SER A 1 99 ? 1.270   -17.914 -3.463  1.00 17.79 ? 407  SER A CB  1 
ATOM   737 O OG  . SER A 1 99 ? 0.932   -16.544 -3.801  1.00 17.29 ? 407  SER A OG  1 
ATOM   738 O OXT . SER A 1 99 ? 3.526   -18.743 -5.210  1.00 22.36 ? 407  SER A OXT 1 
HETATM 739 N N   . NH4 B 2 .  ? 7.832   -13.568 -3.076  1.00 9.21  ? 1408 NH4 A N   1 
HETATM 740 N N1  . IMD C 3 .  ? -7.232  -10.732 -0.142  0.50 24.27 ? 1409 IMD A N1  1 
HETATM 741 C C2  . IMD C 3 .  ? -6.702  -11.364 -1.214  0.50 27.27 ? 1409 IMD A C2  1 
HETATM 742 N N3  . IMD C 3 .  ? -5.379  -11.098 -1.302  0.50 29.45 ? 1409 IMD A N3  1 
HETATM 743 C C4  . IMD C 3 .  ? -5.067  -10.277 -0.247  0.50 29.59 ? 1409 IMD A C4  1 
HETATM 744 C C5  . IMD C 3 .  ? -6.235  -10.036 0.502   0.50 25.38 ? 1409 IMD A C5  1 
HETATM 745 O O   . HOH D 4 .  ? 2.634   -7.040  8.088   1.00 26.60 ? 2001 HOH A O   1 
HETATM 746 O O   . HOH D 4 .  ? -10.125 -6.283  -9.024  1.00 22.30 ? 2002 HOH A O   1 
HETATM 747 O O   . HOH D 4 .  ? 2.453   8.851   -14.042 1.00 21.56 ? 2003 HOH A O   1 
HETATM 748 O O   . HOH D 4 .  ? -0.122  7.216   11.659  1.00 24.72 ? 2004 HOH A O   1 
HETATM 749 O O   . HOH D 4 .  ? -2.841  10.395  11.276  1.00 18.21 ? 2005 HOH A O   1 
HETATM 750 O O   . HOH D 4 .  ? 2.255   -11.601 -6.402  1.00 23.60 ? 2006 HOH A O   1 
HETATM 751 O O   . HOH D 4 .  ? 8.437   -13.950 -7.335  1.00 34.42 ? 2007 HOH A O   1 
HETATM 752 O O   . HOH D 4 .  ? 9.189   -23.701 -0.894  1.00 37.73 ? 2008 HOH A O   1 
HETATM 753 O O   . HOH D 4 .  ? -10.753 -6.238  -2.412  1.00 26.72 ? 2009 HOH A O   1 
HETATM 754 O O   . HOH D 4 .  ? 6.357   -28.420 2.842   1.00 36.79 ? 2010 HOH A O   1 
HETATM 755 O O   . HOH D 4 .  ? 11.397  -23.010 0.689   1.00 22.43 ? 2011 HOH A O   1 
HETATM 756 O O   . HOH D 4 .  ? 5.429   -15.373 10.484  1.00 28.01 ? 2012 HOH A O   1 
HETATM 757 O O   . HOH D 4 .  ? 5.170   -11.946 8.869   1.00 30.53 ? 2013 HOH A O   1 
HETATM 758 O O   . HOH D 4 .  ? 2.844   -11.383 7.552   1.00 20.52 ? 2014 HOH A O   1 
HETATM 759 O O   . HOH D 4 .  ? 10.469  -9.733  4.844   0.50 4.41  ? 2015 HOH A O   1 
HETATM 760 O O   . HOH D 4 .  ? 7.466   -9.257  -7.148  1.00 26.22 ? 2016 HOH A O   1 
HETATM 761 O O   . HOH D 4 .  ? 6.834   -12.643 -0.570  1.00 6.72  ? 2017 HOH A O   1 
HETATM 762 O O   . HOH D 4 .  ? 12.515  1.435   -5.631  1.00 17.54 ? 2018 HOH A O   1 
HETATM 763 O O   . HOH D 4 .  ? 13.452  2.460   -8.377  1.00 38.05 ? 2019 HOH A O   1 
HETATM 764 O O   . HOH D 4 .  ? 6.509   7.368   -11.126 1.00 6.04  ? 2020 HOH A O   1 
HETATM 765 O O   . HOH D 4 .  ? 0.408   10.803  -11.318 1.00 14.03 ? 2021 HOH A O   1 
HETATM 766 O O   . HOH D 4 .  ? -1.951  9.765   -17.369 1.00 24.14 ? 2022 HOH A O   1 
HETATM 767 O O   . HOH D 4 .  ? -5.145  8.349   -10.872 1.00 23.80 ? 2023 HOH A O   1 
HETATM 768 O O   . HOH D 4 .  ? -0.477  12.880  -13.707 1.00 4.69  ? 2024 HOH A O   1 
HETATM 769 O O   . HOH D 4 .  ? -2.695  10.764  -5.028  1.00 30.86 ? 2025 HOH A O   1 
HETATM 770 O O   . HOH D 4 .  ? -4.663  9.327   -6.571  1.00 20.79 ? 2026 HOH A O   1 
HETATM 771 O O   . HOH D 4 .  ? -3.594  6.541   -2.665  1.00 25.22 ? 2027 HOH A O   1 
HETATM 772 O O   . HOH D 4 .  ? -8.572  4.315   -0.767  1.00 17.40 ? 2028 HOH A O   1 
HETATM 773 O O   . HOH D 4 .  ? -11.963 0.112   3.355   1.00 30.14 ? 2029 HOH A O   1 
HETATM 774 O O   . HOH D 4 .  ? -14.027 -4.869  8.861   1.00 16.30 ? 2030 HOH A O   1 
HETATM 775 O O   . HOH D 4 .  ? -12.745 -3.883  11.925  1.00 14.25 ? 2031 HOH A O   1 
HETATM 776 O O   . HOH D 4 .  ? -8.156  -9.135  15.836  1.00 31.98 ? 2032 HOH A O   1 
HETATM 777 O O   . HOH D 4 .  ? -6.102  -13.009 9.758   1.00 26.34 ? 2033 HOH A O   1 
HETATM 778 O O   . HOH D 4 .  ? -9.151  -14.252 8.404   1.00 16.78 ? 2034 HOH A O   1 
HETATM 779 O O   . HOH D 4 .  ? -9.799  -13.803 13.505  1.00 38.37 ? 2035 HOH A O   1 
HETATM 780 O O   . HOH D 4 .  ? -5.671  -12.293 6.567   1.00 18.04 ? 2036 HOH A O   1 
HETATM 781 O O   . HOH D 4 .  ? -1.948  -9.473  8.023   1.00 26.79 ? 2037 HOH A O   1 
HETATM 782 O O   . HOH D 4 .  ? -9.007  -4.067  14.057  1.00 28.78 ? 2038 HOH A O   1 
HETATM 783 O O   . HOH D 4 .  ? -5.994  -7.828  16.027  1.00 35.11 ? 2039 HOH A O   1 
HETATM 784 O O   . HOH D 4 .  ? -2.397  -1.401  9.652   1.00 13.16 ? 2040 HOH A O   1 
HETATM 785 O O   . HOH D 4 .  ? -2.730  -7.912  11.425  1.00 19.86 ? 2041 HOH A O   1 
HETATM 786 O O   . HOH D 4 .  ? 0.593   -4.863  7.947   1.00 18.85 ? 2042 HOH A O   1 
HETATM 787 O O   . HOH D 4 .  ? -7.112  -5.065  7.421   1.00 12.76 ? 2043 HOH A O   1 
HETATM 788 O O   . HOH D 4 .  ? -1.826  -11.235 5.325   1.00 26.01 ? 2044 HOH A O   1 
HETATM 789 O O   . HOH D 4 .  ? -9.305  -5.896  -4.764  1.00 17.24 ? 2045 HOH A O   1 
HETATM 790 O O   . HOH D 4 .  ? -9.994  -3.447  -8.286  1.00 25.82 ? 2046 HOH A O   1 
HETATM 791 O O   . HOH D 4 .  ? -11.362 -0.432  -1.763  1.00 25.56 ? 2047 HOH A O   1 
HETATM 792 O O   . HOH D 4 .  ? -5.302  -0.428  -13.792 1.00 37.56 ? 2048 HOH A O   1 
HETATM 793 O O   . HOH D 4 .  ? -7.932  -1.790  -10.167 1.00 22.40 ? 2049 HOH A O   1 
HETATM 794 O O   . HOH D 4 .  ? -2.628  4.522   -11.017 1.00 12.58 ? 2050 HOH A O   1 
HETATM 795 O O   . HOH D 4 .  ? -6.006  8.663   -13.731 1.00 13.02 ? 2051 HOH A O   1 
HETATM 796 O O   . HOH D 4 .  ? -9.264  2.418   -13.417 1.00 28.28 ? 2052 HOH A O   1 
HETATM 797 O O   . HOH D 4 .  ? -0.073  9.674   -14.037 1.00 20.83 ? 2053 HOH A O   1 
HETATM 798 O O   . HOH D 4 .  ? 4.552   6.414   -12.537 1.00 19.57 ? 2054 HOH A O   1 
HETATM 799 O O   . HOH D 4 .  ? 0.615   -0.827  -11.220 1.00 16.66 ? 2055 HOH A O   1 
HETATM 800 O O   . HOH D 4 .  ? 3.198   0.990   -9.376  1.00 17.51 ? 2056 HOH A O   1 
HETATM 801 O O   . HOH D 4 .  ? -0.533  -9.557  -8.802  1.00 27.03 ? 2057 HOH A O   1 
HETATM 802 O O   . HOH D 4 .  ? -3.062  -5.265  -10.110 1.00 11.84 ? 2058 HOH A O   1 
HETATM 803 O O   . HOH D 4 .  ? -3.154  -8.795  -8.390  1.00 16.70 ? 2059 HOH A O   1 
HETATM 804 O O   . HOH D 4 .  ? -7.345  -7.567  -3.422  1.00 37.52 ? 2060 HOH A O   1 
HETATM 805 O O   . HOH D 4 .  ? -0.927  -8.916  -4.824  1.00 23.81 ? 2061 HOH A O   1 
HETATM 806 O O   . HOH D 4 .  ? 0.882   -8.820  7.951   1.00 23.31 ? 2062 HOH A O   1 
HETATM 807 O O   . HOH D 4 .  ? 6.401   -0.652  8.148   1.00 36.48 ? 2063 HOH A O   1 
HETATM 808 O O   . HOH D 4 .  ? 7.077   14.119  1.647   1.00 21.40 ? 2064 HOH A O   1 
HETATM 809 O O   . HOH D 4 .  ? 7.997   3.845   2.765   1.00 22.17 ? 2065 HOH A O   1 
HETATM 810 O O   . HOH D 4 .  ? 11.084  7.699   3.294   1.00 23.17 ? 2066 HOH A O   1 
HETATM 811 O O   . HOH D 4 .  ? 5.406   5.933   11.677  1.00 23.70 ? 2067 HOH A O   1 
HETATM 812 O O   . HOH D 4 .  ? 2.299   5.204   11.781  1.00 14.10 ? 2068 HOH A O   1 
HETATM 813 O O   . HOH D 4 .  ? -0.251  -2.764  6.557   1.00 10.69 ? 2069 HOH A O   1 
HETATM 814 O O   . HOH D 4 .  ? 2.494   0.788   12.258  1.00 20.73 ? 2070 HOH A O   1 
HETATM 815 O O   . HOH D 4 .  ? -8.382  7.284   12.995  1.00 19.97 ? 2071 HOH A O   1 
HETATM 816 O O   . HOH D 4 .  ? -10.268 4.736   10.731  1.00 13.04 ? 2072 HOH A O   1 
HETATM 817 O O   . HOH D 4 .  ? -2.232  6.548   17.109  1.00 22.02 ? 2073 HOH A O   1 
HETATM 818 O O   . HOH D 4 .  ? -1.267  8.722   9.816   1.00 19.78 ? 2074 HOH A O   1 
HETATM 819 O O   . HOH D 4 .  ? -5.504  9.057   0.977   1.00 23.84 ? 2075 HOH A O   1 
HETATM 820 O O   . HOH D 4 .  ? -5.271  10.392  10.546  1.00 22.67 ? 2076 HOH A O   1 
HETATM 821 O O   . HOH D 4 .  ? 5.719   12.591  -0.470  1.00 21.72 ? 2077 HOH A O   1 
HETATM 822 O O   . HOH D 4 .  ? 3.870   -8.570  -8.641  1.00 28.04 ? 2078 HOH A O   1 
HETATM 823 O O   . HOH D 4 .  ? 4.284   -12.495 -5.019  1.00 15.60 ? 2079 HOH A O   1 
HETATM 824 O O   . HOH D 4 .  ? 6.532   -19.414 -0.023  1.00 25.56 ? 2080 HOH A O   1 
HETATM 825 O O   . HOH D 4 .  ? 6.990   -11.851 -5.353  1.00 22.39 ? 2081 HOH A O   1 
HETATM 826 O O   . HOH D 4 .  ? 6.789   -15.787 -3.617  1.00 20.19 ? 2082 HOH A O   1 
# 
loop_
_pdbx_poly_seq_scheme.asym_id 
_pdbx_poly_seq_scheme.entity_id 
_pdbx_poly_seq_scheme.seq_id 
_pdbx_poly_seq_scheme.mon_id 
_pdbx_poly_seq_scheme.ndb_seq_num 
_pdbx_poly_seq_scheme.pdb_seq_num 
_pdbx_poly_seq_scheme.auth_seq_num 
_pdbx_poly_seq_scheme.pdb_mon_id 
_pdbx_poly_seq_scheme.auth_mon_id 
_pdbx_poly_seq_scheme.pdb_strand_id 
_pdbx_poly_seq_scheme.pdb_ins_code 
_pdbx_poly_seq_scheme.hetero 
A 1 1  GLY 1  309 309 GLY GLY A . n 
A 1 2  SER 2  310 310 SER SER A . n 
A 1 3  LYS 3  311 311 LYS LYS A . n 
A 1 4  PRO 4  312 312 PRO PRO A . n 
A 1 5  VAL 5  313 313 VAL VAL A . n 
A 1 6  SER 6  314 314 SER SER A . n 
A 1 7  GLU 7  315 315 GLU GLU A . n 
A 1 8  LYS 8  316 316 LYS LYS A . n 
A 1 9  ILE 9  317 317 ILE ILE A . n 
A 1 10 MET 10 318 318 MET MET A . n 
A 1 11 GLU 11 319 319 GLU GLU A . n 
A 1 12 ILE 12 320 320 ILE ILE A . n 
A 1 13 LYS 13 321 321 LYS LYS A . n 
A 1 14 LEU 14 322 322 LEU LEU A . n 
A 1 15 ILE 15 323 323 ILE ILE A . n 
A 1 16 LYS 16 324 324 LYS LYS A . n 
A 1 17 GLY 17 325 325 GLY GLY A . n 
A 1 18 PRO 18 326 326 PRO PRO A . n 
A 1 19 LYS 19 327 327 LYS LYS A . n 
A 1 20 GLY 20 328 328 GLY GLY A . n 
A 1 21 LEU 21 329 329 LEU LEU A . n 
A 1 22 GLY 22 330 330 GLY GLY A . n 
A 1 23 PHE 23 331 331 PHE PHE A . n 
A 1 24 SER 24 332 332 SER SER A . n 
A 1 25 ILE 25 333 333 ILE ILE A . n 
A 1 26 ALA 26 334 334 ALA ALA A . n 
A 1 27 GLY 27 335 335 GLY GLY A . n 
A 1 28 GLY 28 336 336 GLY GLY A . n 
A 1 29 VAL 29 337 337 VAL VAL A . n 
A 1 30 GLY 30 338 338 GLY GLY A . n 
A 1 31 ASN 31 339 339 ASN ASN A . n 
A 1 32 GLN 32 340 340 GLN GLN A . n 
A 1 33 HIS 33 341 341 HIS HIS A . n 
A 1 34 TRP 34 342 342 TRP TRP A . n 
A 1 35 PRO 35 343 343 PRO PRO A . n 
A 1 36 GLY 36 344 344 GLY GLY A . n 
A 1 37 ASP 37 345 345 ASP ASP A . n 
A 1 38 ASN 38 346 346 ASN ASN A . n 
A 1 39 SER 39 347 347 SER SER A . n 
A 1 40 ILE 40 348 348 ILE ILE A . n 
A 1 41 TYR 41 349 349 TYR TYR A . n 
A 1 42 VAL 42 350 350 VAL VAL A . n 
A 1 43 THR 43 351 351 THR THR A . n 
A 1 44 LYS 44 352 352 LYS LYS A . n 
A 1 45 ILE 45 353 353 ILE ILE A . n 
A 1 46 ILE 46 354 354 ILE ILE A . n 
A 1 47 GLU 47 355 355 GLU GLU A . n 
A 1 48 GLY 48 356 356 GLY GLY A . n 
A 1 49 GLY 49 357 357 GLY GLY A . n 
A 1 50 ALA 50 358 358 ALA ALA A . n 
A 1 51 ALA 51 359 359 ALA ALA A . n 
A 1 52 HIS 52 360 360 HIS HIS A . n 
A 1 53 LYS 53 361 361 LYS LYS A . n 
A 1 54 ASP 54 362 362 ASP ASP A . n 
A 1 55 GLY 55 363 363 GLY GLY A . n 
A 1 56 LYS 56 364 364 LYS LYS A . n 
A 1 57 LEU 57 365 365 LEU LEU A . n 
A 1 58 GLN 58 366 366 GLN GLN A . n 
A 1 59 ILE 59 367 367 ILE ILE A . n 
A 1 60 GLY 60 368 368 GLY GLY A . n 
A 1 61 ASP 61 369 369 ASP ASP A . n 
A 1 62 LYS 62 370 370 LYS LYS A . n 
A 1 63 LEU 63 371 371 LEU LEU A . n 
A 1 64 LEU 64 372 372 LEU LEU A . n 
A 1 65 ALA 65 373 373 ALA ALA A . n 
A 1 66 VAL 66 374 374 VAL VAL A . n 
A 1 67 ASN 67 375 375 ASN ASN A . n 
A 1 68 ASN 68 376 376 ASN ASN A . n 
A 1 69 VAL 69 377 377 VAL VAL A . n 
A 1 70 ALA 70 378 378 ALA ALA A . n 
A 1 71 LEU 71 379 379 LEU LEU A . n 
A 1 72 GLU 72 380 380 GLU GLU A . n 
A 1 73 GLU 73 381 381 GLU GLU A . n 
A 1 74 VAL 74 382 382 VAL VAL A . n 
A 1 75 THR 75 383 383 THR THR A . n 
A 1 76 HIS 76 384 384 HIS HIS A . n 
A 1 77 GLU 77 385 385 GLU GLU A . n 
A 1 78 GLU 78 386 386 GLU GLU A . n 
A 1 79 ALA 79 387 387 ALA ALA A . n 
A 1 80 VAL 80 388 388 VAL VAL A . n 
A 1 81 THR 81 389 389 THR THR A . n 
A 1 82 ALA 82 390 390 ALA ALA A . n 
A 1 83 LEU 83 391 391 LEU LEU A . n 
A 1 84 LYS 84 392 392 LYS LYS A . n 
A 1 85 ASN 85 393 393 ASN ASN A . n 
A 1 86 THR 86 394 394 THR THR A . n 
A 1 87 SER 87 395 395 SER SER A . n 
A 1 88 ASP 88 396 396 ASP ASP A . n 
A 1 89 PHE 89 397 397 PHE PHE A . n 
A 1 90 VAL 90 398 398 VAL VAL A . n 
A 1 91 TYR 91 399 399 TYR TYR A . n 
A 1 92 LEU 92 400 400 LEU LEU A . n 
A 1 93 LYS 93 401 401 LYS LYS A . n 
A 1 94 VAL 94 402 402 VAL VAL A . n 
A 1 95 ALA 95 403 403 ALA ALA A . n 
A 1 96 LYS 96 404 404 LYS LYS A . n 
A 1 97 PRO 97 405 405 PRO PRO A . n 
A 1 98 THR 98 406 406 THR THR A . n 
A 1 99 SER 99 407 407 SER SER A . n 
# 
loop_
_pdbx_nonpoly_scheme.asym_id 
_pdbx_nonpoly_scheme.entity_id 
_pdbx_nonpoly_scheme.mon_id 
_pdbx_nonpoly_scheme.ndb_seq_num 
_pdbx_nonpoly_scheme.pdb_seq_num 
_pdbx_nonpoly_scheme.auth_seq_num 
_pdbx_nonpoly_scheme.pdb_mon_id 
_pdbx_nonpoly_scheme.auth_mon_id 
_pdbx_nonpoly_scheme.pdb_strand_id 
_pdbx_nonpoly_scheme.pdb_ins_code 
B 2 NH4 1  1408 1408 NH4 NH4 A . 
C 3 IMD 1  1409 1409 IMD IMD A . 
D 4 HOH 1  2001 2001 HOH HOH A . 
D 4 HOH 2  2002 2002 HOH HOH A . 
D 4 HOH 3  2003 2003 HOH HOH A . 
D 4 HOH 4  2004 2004 HOH HOH A . 
D 4 HOH 5  2005 2005 HOH HOH A . 
D 4 HOH 6  2006 2006 HOH HOH A . 
D 4 HOH 7  2007 2007 HOH HOH A . 
D 4 HOH 8  2008 2008 HOH HOH A . 
D 4 HOH 9  2009 2009 HOH HOH A . 
D 4 HOH 10 2010 2010 HOH HOH A . 
D 4 HOH 11 2011 2011 HOH HOH A . 
D 4 HOH 12 2012 2012 HOH HOH A . 
D 4 HOH 13 2013 2013 HOH HOH A . 
D 4 HOH 14 2014 2014 HOH HOH A . 
D 4 HOH 15 2015 2015 HOH HOH A . 
D 4 HOH 16 2016 2016 HOH HOH A . 
D 4 HOH 17 2017 2017 HOH HOH A . 
D 4 HOH 18 2018 2018 HOH HOH A . 
D 4 HOH 19 2019 2019 HOH HOH A . 
D 4 HOH 20 2020 2020 HOH HOH A . 
D 4 HOH 21 2021 2021 HOH HOH A . 
D 4 HOH 22 2022 2022 HOH HOH A . 
D 4 HOH 23 2023 2023 HOH HOH A . 
D 4 HOH 24 2024 2024 HOH HOH A . 
D 4 HOH 25 2025 2025 HOH HOH A . 
D 4 HOH 26 2026 2026 HOH HOH A . 
D 4 HOH 27 2027 2027 HOH HOH A . 
D 4 HOH 28 2028 2028 HOH HOH A . 
D 4 HOH 29 2029 2029 HOH HOH A . 
D 4 HOH 30 2030 2030 HOH HOH A . 
D 4 HOH 31 2031 2031 HOH HOH A . 
D 4 HOH 32 2032 2032 HOH HOH A . 
D 4 HOH 33 2033 2033 HOH HOH A . 
D 4 HOH 34 2034 2034 HOH HOH A . 
D 4 HOH 35 2035 2035 HOH HOH A . 
D 4 HOH 36 2036 2036 HOH HOH A . 
D 4 HOH 37 2037 2037 HOH HOH A . 
D 4 HOH 38 2038 2038 HOH HOH A . 
D 4 HOH 39 2039 2039 HOH HOH A . 
D 4 HOH 40 2040 2040 HOH HOH A . 
D 4 HOH 41 2041 2041 HOH HOH A . 
D 4 HOH 42 2042 2042 HOH HOH A . 
D 4 HOH 43 2043 2043 HOH HOH A . 
D 4 HOH 44 2044 2044 HOH HOH A . 
D 4 HOH 45 2045 2045 HOH HOH A . 
D 4 HOH 46 2046 2046 HOH HOH A . 
D 4 HOH 47 2047 2047 HOH HOH A . 
D 4 HOH 48 2048 2048 HOH HOH A . 
D 4 HOH 49 2049 2049 HOH HOH A . 
D 4 HOH 50 2050 2050 HOH HOH A . 
D 4 HOH 51 2051 2051 HOH HOH A . 
D 4 HOH 52 2052 2052 HOH HOH A . 
D 4 HOH 53 2053 2053 HOH HOH A . 
D 4 HOH 54 2054 2054 HOH HOH A . 
D 4 HOH 55 2055 2055 HOH HOH A . 
D 4 HOH 56 2056 2056 HOH HOH A . 
D 4 HOH 57 2057 2057 HOH HOH A . 
D 4 HOH 58 2058 2058 HOH HOH A . 
D 4 HOH 59 2059 2059 HOH HOH A . 
D 4 HOH 60 2060 2060 HOH HOH A . 
D 4 HOH 61 2061 2061 HOH HOH A . 
D 4 HOH 62 2062 2062 HOH HOH A . 
D 4 HOH 63 2063 2063 HOH HOH A . 
D 4 HOH 64 2064 2064 HOH HOH A . 
D 4 HOH 65 2065 2065 HOH HOH A . 
D 4 HOH 66 2066 2066 HOH HOH A . 
D 4 HOH 67 2067 2067 HOH HOH A . 
D 4 HOH 68 2068 2068 HOH HOH A . 
D 4 HOH 69 2069 2069 HOH HOH A . 
D 4 HOH 70 2070 2070 HOH HOH A . 
D 4 HOH 71 2071 2071 HOH HOH A . 
D 4 HOH 72 2072 2072 HOH HOH A . 
D 4 HOH 73 2073 2073 HOH HOH A . 
D 4 HOH 74 2074 2074 HOH HOH A . 
D 4 HOH 75 2075 2075 HOH HOH A . 
D 4 HOH 76 2076 2076 HOH HOH A . 
D 4 HOH 77 2077 2077 HOH HOH A . 
D 4 HOH 78 2078 2078 HOH HOH A . 
D 4 HOH 79 2079 2079 HOH HOH A . 
D 4 HOH 80 2080 2080 HOH HOH A . 
D 4 HOH 81 2081 2081 HOH HOH A . 
D 4 HOH 82 2082 2082 HOH HOH A . 
# 
_pdbx_struct_assembly.id                   1 
_pdbx_struct_assembly.details              author_and_software_defined_assembly 
_pdbx_struct_assembly.method_details       PISA 
_pdbx_struct_assembly.oligomeric_details   dimeric 
_pdbx_struct_assembly.oligomeric_count     2 
# 
_pdbx_struct_assembly_gen.assembly_id       1 
_pdbx_struct_assembly_gen.oper_expression   1,2 
_pdbx_struct_assembly_gen.asym_id_list      A,B,C,D 
# 
loop_
_pdbx_struct_assembly_prop.biol_id 
_pdbx_struct_assembly_prop.type 
_pdbx_struct_assembly_prop.value 
_pdbx_struct_assembly_prop.details 
1 'ABSA (A^2)' 2180  ? 
1 MORE         2.0   ? 
1 'SSA (A^2)'  11230 ? 
# 
loop_
_pdbx_struct_oper_list.id 
_pdbx_struct_oper_list.type 
_pdbx_struct_oper_list.name 
_pdbx_struct_oper_list.symmetry_operation 
_pdbx_struct_oper_list.matrix[1][1] 
_pdbx_struct_oper_list.matrix[1][2] 
_pdbx_struct_oper_list.matrix[1][3] 
_pdbx_struct_oper_list.vector[1] 
_pdbx_struct_oper_list.matrix[2][1] 
_pdbx_struct_oper_list.matrix[2][2] 
_pdbx_struct_oper_list.matrix[2][3] 
_pdbx_struct_oper_list.vector[2] 
_pdbx_struct_oper_list.matrix[3][1] 
_pdbx_struct_oper_list.matrix[3][2] 
_pdbx_struct_oper_list.matrix[3][3] 
_pdbx_struct_oper_list.vector[3] 
1 'identity operation'         1_555 x,y,z   1.0000000000  0.0000000000 0.0000000000 0.0000000000  0.0000000000 1.0000000000  0.0000000000 0.0000000000   0.0000000000 0.0000000000 1.0000000000 0.0000000000 
2 'crystal symmetry operation' 5_555 -x,y,-z -0.9022693120 0.1895549485 0.3872712357 21.4351329308 0.1895549485 -0.6323459983 0.7511374441 -21.9473223164 0.3872712357 0.7511374441 0.5346153103 5.3330923501 
# 
loop_
_pdbx_audit_revision_history.ordinal 
_pdbx_audit_revision_history.data_content_type 
_pdbx_audit_revision_history.major_revision 
_pdbx_audit_revision_history.minor_revision 
_pdbx_audit_revision_history.revision_date 
1 'Structure model' 1 0 2010-03-31 
2 'Structure model' 1 1 2011-07-13 
3 'Structure model' 1 2 2018-01-17 
4 'Structure model' 1 3 2019-03-06 
5 'Structure model' 1 4 2023-12-20 
# 
_pdbx_audit_revision_details.ordinal             1 
_pdbx_audit_revision_details.revision_ordinal    1 
_pdbx_audit_revision_details.data_content_type   'Structure model' 
_pdbx_audit_revision_details.provider            repository 
_pdbx_audit_revision_details.type                'Initial release' 
_pdbx_audit_revision_details.description         ? 
_pdbx_audit_revision_details.details             ? 
# 
loop_
_pdbx_audit_revision_group.ordinal 
_pdbx_audit_revision_group.revision_ordinal 
_pdbx_audit_revision_group.data_content_type 
_pdbx_audit_revision_group.group 
1  2 'Structure model' Advisory                    
2  2 'Structure model' 'Version format compliance' 
3  3 'Structure model' 'Data collection'           
4  4 'Structure model' 'Data collection'           
5  4 'Structure model' 'Experimental preparation'  
6  5 'Structure model' 'Data collection'           
7  5 'Structure model' 'Database references'       
8  5 'Structure model' 'Derived calculations'      
9  5 'Structure model' Other                       
10 5 'Structure model' 'Refinement description'    
# 
loop_
_pdbx_audit_revision_category.ordinal 
_pdbx_audit_revision_category.revision_ordinal 
_pdbx_audit_revision_category.data_content_type 
_pdbx_audit_revision_category.category 
1 3 'Structure model' diffrn_source                 
2 4 'Structure model' exptl_crystal_grow            
3 5 'Structure model' chem_comp_atom                
4 5 'Structure model' chem_comp_bond                
5 5 'Structure model' database_2                    
6 5 'Structure model' pdbx_database_status          
7 5 'Structure model' pdbx_initial_refinement_model 
8 5 'Structure model' struct_site                   
# 
loop_
_pdbx_audit_revision_item.ordinal 
_pdbx_audit_revision_item.revision_ordinal 
_pdbx_audit_revision_item.data_content_type 
_pdbx_audit_revision_item.item 
1 3 'Structure model' '_diffrn_source.pdbx_synchrotron_site' 
2 4 'Structure model' '_exptl_crystal_grow.method'           
3 5 'Structure model' '_database_2.pdbx_DOI'                 
4 5 'Structure model' '_database_2.pdbx_database_accession'  
5 5 'Structure model' '_pdbx_database_status.status_code_sf' 
6 5 'Structure model' '_struct_site.pdbx_auth_asym_id'       
7 5 'Structure model' '_struct_site.pdbx_auth_comp_id'       
8 5 'Structure model' '_struct_site.pdbx_auth_seq_id'        
# 
_pdbx_refine_tls.pdbx_refine_id   'X-RAY DIFFRACTION' 
_pdbx_refine_tls.id               1 
_pdbx_refine_tls.details          ? 
_pdbx_refine_tls.method           refined 
_pdbx_refine_tls.origin_x         0.0463 
_pdbx_refine_tls.origin_y         -0.2283 
_pdbx_refine_tls.origin_z         -0.0756 
_pdbx_refine_tls.T[1][1]          0.0810 
_pdbx_refine_tls.T[2][2]          0.0229 
_pdbx_refine_tls.T[3][3]          0.0727 
_pdbx_refine_tls.T[1][2]          0.0087 
_pdbx_refine_tls.T[1][3]          0.0183 
_pdbx_refine_tls.T[2][3]          0.0073 
_pdbx_refine_tls.L[1][1]          4.7350 
_pdbx_refine_tls.L[2][2]          3.9540 
_pdbx_refine_tls.L[3][3]          1.5690 
_pdbx_refine_tls.L[1][2]          0.7686 
_pdbx_refine_tls.L[1][3]          -0.5669 
_pdbx_refine_tls.L[2][3]          -1.0331 
_pdbx_refine_tls.S[1][1]          0.1001 
_pdbx_refine_tls.S[1][2]          0.0339 
_pdbx_refine_tls.S[1][3]          0.5627 
_pdbx_refine_tls.S[2][1]          -0.0490 
_pdbx_refine_tls.S[2][2]          -0.0715 
_pdbx_refine_tls.S[2][3]          0.0311 
_pdbx_refine_tls.S[3][1]          -0.2564 
_pdbx_refine_tls.S[3][2]          0.0014 
_pdbx_refine_tls.S[3][3]          -0.0286 
# 
_pdbx_refine_tls_group.pdbx_refine_id      'X-RAY DIFFRACTION' 
_pdbx_refine_tls_group.id                  1 
_pdbx_refine_tls_group.refine_tls_id       1 
_pdbx_refine_tls_group.beg_auth_asym_id    A 
_pdbx_refine_tls_group.beg_auth_seq_id     309 
_pdbx_refine_tls_group.beg_label_asym_id   ? 
_pdbx_refine_tls_group.beg_label_seq_id    ? 
_pdbx_refine_tls_group.end_auth_asym_id    A 
_pdbx_refine_tls_group.end_auth_seq_id     2082 
_pdbx_refine_tls_group.end_label_asym_id   ? 
_pdbx_refine_tls_group.end_label_seq_id    ? 
_pdbx_refine_tls_group.selection           ? 
_pdbx_refine_tls_group.selection_details   ? 
# 
loop_
_software.name 
_software.classification 
_software.version 
_software.citation_id 
_software.pdbx_ordinal 
REFMAC refinement       5.5.0102 ? 1 
XDS    'data reduction' .        ? 2 
XSCALE 'data scaling'   .        ? 3 
PHASER phasing          .        ? 4 
# 
_pdbx_validate_rmsd_bond.id                        1 
_pdbx_validate_rmsd_bond.PDB_model_num             1 
_pdbx_validate_rmsd_bond.auth_atom_id_1            CD1 
_pdbx_validate_rmsd_bond.auth_asym_id_1            A 
_pdbx_validate_rmsd_bond.auth_comp_id_1            TYR 
_pdbx_validate_rmsd_bond.auth_seq_id_1             349 
_pdbx_validate_rmsd_bond.PDB_ins_code_1            ? 
_pdbx_validate_rmsd_bond.label_alt_id_1            ? 
_pdbx_validate_rmsd_bond.auth_atom_id_2            CE1 
_pdbx_validate_rmsd_bond.auth_asym_id_2            A 
_pdbx_validate_rmsd_bond.auth_comp_id_2            TYR 
_pdbx_validate_rmsd_bond.auth_seq_id_2             349 
_pdbx_validate_rmsd_bond.PDB_ins_code_2            ? 
_pdbx_validate_rmsd_bond.label_alt_id_2            ? 
_pdbx_validate_rmsd_bond.bond_value                1.482 
_pdbx_validate_rmsd_bond.bond_target_value         1.389 
_pdbx_validate_rmsd_bond.bond_deviation            0.093 
_pdbx_validate_rmsd_bond.bond_standard_deviation   0.015 
_pdbx_validate_rmsd_bond.linker_flag               N 
# 
loop_
_pdbx_validate_torsion.id 
_pdbx_validate_torsion.PDB_model_num 
_pdbx_validate_torsion.auth_comp_id 
_pdbx_validate_torsion.auth_asym_id 
_pdbx_validate_torsion.auth_seq_id 
_pdbx_validate_torsion.PDB_ins_code 
_pdbx_validate_torsion.label_alt_id 
_pdbx_validate_torsion.phi 
_pdbx_validate_torsion.psi 
1 1 ASN A 339 ? ? -149.06 41.00   
2 1 ASN A 375 ? ? 49.73   -127.01 
3 1 ASN A 393 ? ? -75.79  24.60   
# 
loop_
_chem_comp_atom.comp_id 
_chem_comp_atom.atom_id 
_chem_comp_atom.type_symbol 
_chem_comp_atom.pdbx_aromatic_flag 
_chem_comp_atom.pdbx_stereo_config 
_chem_comp_atom.pdbx_ordinal 
ALA N    N N N 1   
ALA CA   C N S 2   
ALA C    C N N 3   
ALA O    O N N 4   
ALA CB   C N N 5   
ALA OXT  O N N 6   
ALA H    H N N 7   
ALA H2   H N N 8   
ALA HA   H N N 9   
ALA HB1  H N N 10  
ALA HB2  H N N 11  
ALA HB3  H N N 12  
ALA HXT  H N N 13  
ASN N    N N N 14  
ASN CA   C N S 15  
ASN C    C N N 16  
ASN O    O N N 17  
ASN CB   C N N 18  
ASN CG   C N N 19  
ASN OD1  O N N 20  
ASN ND2  N N N 21  
ASN OXT  O N N 22  
ASN H    H N N 23  
ASN H2   H N N 24  
ASN HA   H N N 25  
ASN HB2  H N N 26  
ASN HB3  H N N 27  
ASN HD21 H N N 28  
ASN HD22 H N N 29  
ASN HXT  H N N 30  
ASP N    N N N 31  
ASP CA   C N S 32  
ASP C    C N N 33  
ASP O    O N N 34  
ASP CB   C N N 35  
ASP CG   C N N 36  
ASP OD1  O N N 37  
ASP OD2  O N N 38  
ASP OXT  O N N 39  
ASP H    H N N 40  
ASP H2   H N N 41  
ASP HA   H N N 42  
ASP HB2  H N N 43  
ASP HB3  H N N 44  
ASP HD2  H N N 45  
ASP HXT  H N N 46  
CYS N    N N N 47  
CYS CA   C N R 48  
CYS C    C N N 49  
CYS O    O N N 50  
CYS CB   C N N 51  
CYS SG   S N N 52  
CYS OXT  O N N 53  
CYS H    H N N 54  
CYS H2   H N N 55  
CYS HA   H N N 56  
CYS HB2  H N N 57  
CYS HB3  H N N 58  
CYS HG   H N N 59  
CYS HXT  H N N 60  
GLN N    N N N 61  
GLN CA   C N S 62  
GLN C    C N N 63  
GLN O    O N N 64  
GLN CB   C N N 65  
GLN CG   C N N 66  
GLN CD   C N N 67  
GLN OE1  O N N 68  
GLN NE2  N N N 69  
GLN OXT  O N N 70  
GLN H    H N N 71  
GLN H2   H N N 72  
GLN HA   H N N 73  
GLN HB2  H N N 74  
GLN HB3  H N N 75  
GLN HG2  H N N 76  
GLN HG3  H N N 77  
GLN HE21 H N N 78  
GLN HE22 H N N 79  
GLN HXT  H N N 80  
GLU N    N N N 81  
GLU CA   C N S 82  
GLU C    C N N 83  
GLU O    O N N 84  
GLU CB   C N N 85  
GLU CG   C N N 86  
GLU CD   C N N 87  
GLU OE1  O N N 88  
GLU OE2  O N N 89  
GLU OXT  O N N 90  
GLU H    H N N 91  
GLU H2   H N N 92  
GLU HA   H N N 93  
GLU HB2  H N N 94  
GLU HB3  H N N 95  
GLU HG2  H N N 96  
GLU HG3  H N N 97  
GLU HE2  H N N 98  
GLU HXT  H N N 99  
GLY N    N N N 100 
GLY CA   C N N 101 
GLY C    C N N 102 
GLY O    O N N 103 
GLY OXT  O N N 104 
GLY H    H N N 105 
GLY H2   H N N 106 
GLY HA2  H N N 107 
GLY HA3  H N N 108 
GLY HXT  H N N 109 
HIS N    N N N 110 
HIS CA   C N S 111 
HIS C    C N N 112 
HIS O    O N N 113 
HIS CB   C N N 114 
HIS CG   C Y N 115 
HIS ND1  N Y N 116 
HIS CD2  C Y N 117 
HIS CE1  C Y N 118 
HIS NE2  N Y N 119 
HIS OXT  O N N 120 
HIS H    H N N 121 
HIS H2   H N N 122 
HIS HA   H N N 123 
HIS HB2  H N N 124 
HIS HB3  H N N 125 
HIS HD1  H N N 126 
HIS HD2  H N N 127 
HIS HE1  H N N 128 
HIS HE2  H N N 129 
HIS HXT  H N N 130 
HOH O    O N N 131 
HOH H1   H N N 132 
HOH H2   H N N 133 
ILE N    N N N 134 
ILE CA   C N S 135 
ILE C    C N N 136 
ILE O    O N N 137 
ILE CB   C N S 138 
ILE CG1  C N N 139 
ILE CG2  C N N 140 
ILE CD1  C N N 141 
ILE OXT  O N N 142 
ILE H    H N N 143 
ILE H2   H N N 144 
ILE HA   H N N 145 
ILE HB   H N N 146 
ILE HG12 H N N 147 
ILE HG13 H N N 148 
ILE HG21 H N N 149 
ILE HG22 H N N 150 
ILE HG23 H N N 151 
ILE HD11 H N N 152 
ILE HD12 H N N 153 
ILE HD13 H N N 154 
ILE HXT  H N N 155 
IMD N1   N Y N 156 
IMD C2   C Y N 157 
IMD N3   N Y N 158 
IMD C4   C Y N 159 
IMD C5   C Y N 160 
IMD HN1  H N N 161 
IMD H2   H N N 162 
IMD HN3  H N N 163 
IMD H4   H N N 164 
IMD H5   H N N 165 
LEU N    N N N 166 
LEU CA   C N S 167 
LEU C    C N N 168 
LEU O    O N N 169 
LEU CB   C N N 170 
LEU CG   C N N 171 
LEU CD1  C N N 172 
LEU CD2  C N N 173 
LEU OXT  O N N 174 
LEU H    H N N 175 
LEU H2   H N N 176 
LEU HA   H N N 177 
LEU HB2  H N N 178 
LEU HB3  H N N 179 
LEU HG   H N N 180 
LEU HD11 H N N 181 
LEU HD12 H N N 182 
LEU HD13 H N N 183 
LEU HD21 H N N 184 
LEU HD22 H N N 185 
LEU HD23 H N N 186 
LEU HXT  H N N 187 
LYS N    N N N 188 
LYS CA   C N S 189 
LYS C    C N N 190 
LYS O    O N N 191 
LYS CB   C N N 192 
LYS CG   C N N 193 
LYS CD   C N N 194 
LYS CE   C N N 195 
LYS NZ   N N N 196 
LYS OXT  O N N 197 
LYS H    H N N 198 
LYS H2   H N N 199 
LYS HA   H N N 200 
LYS HB2  H N N 201 
LYS HB3  H N N 202 
LYS HG2  H N N 203 
LYS HG3  H N N 204 
LYS HD2  H N N 205 
LYS HD3  H N N 206 
LYS HE2  H N N 207 
LYS HE3  H N N 208 
LYS HZ1  H N N 209 
LYS HZ2  H N N 210 
LYS HZ3  H N N 211 
LYS HXT  H N N 212 
MET N    N N N 213 
MET CA   C N S 214 
MET C    C N N 215 
MET O    O N N 216 
MET CB   C N N 217 
MET CG   C N N 218 
MET SD   S N N 219 
MET CE   C N N 220 
MET OXT  O N N 221 
MET H    H N N 222 
MET H2   H N N 223 
MET HA   H N N 224 
MET HB2  H N N 225 
MET HB3  H N N 226 
MET HG2  H N N 227 
MET HG3  H N N 228 
MET HE1  H N N 229 
MET HE2  H N N 230 
MET HE3  H N N 231 
MET HXT  H N N 232 
NH4 N    N N N 233 
NH4 HN1  H N N 234 
NH4 HN2  H N N 235 
NH4 HN3  H N N 236 
NH4 HN4  H N N 237 
PHE N    N N N 238 
PHE CA   C N S 239 
PHE C    C N N 240 
PHE O    O N N 241 
PHE CB   C N N 242 
PHE CG   C Y N 243 
PHE CD1  C Y N 244 
PHE CD2  C Y N 245 
PHE CE1  C Y N 246 
PHE CE2  C Y N 247 
PHE CZ   C Y N 248 
PHE OXT  O N N 249 
PHE H    H N N 250 
PHE H2   H N N 251 
PHE HA   H N N 252 
PHE HB2  H N N 253 
PHE HB3  H N N 254 
PHE HD1  H N N 255 
PHE HD2  H N N 256 
PHE HE1  H N N 257 
PHE HE2  H N N 258 
PHE HZ   H N N 259 
PHE HXT  H N N 260 
PRO N    N N N 261 
PRO CA   C N S 262 
PRO C    C N N 263 
PRO O    O N N 264 
PRO CB   C N N 265 
PRO CG   C N N 266 
PRO CD   C N N 267 
PRO OXT  O N N 268 
PRO H    H N N 269 
PRO HA   H N N 270 
PRO HB2  H N N 271 
PRO HB3  H N N 272 
PRO HG2  H N N 273 
PRO HG3  H N N 274 
PRO HD2  H N N 275 
PRO HD3  H N N 276 
PRO HXT  H N N 277 
SER N    N N N 278 
SER CA   C N S 279 
SER C    C N N 280 
SER O    O N N 281 
SER CB   C N N 282 
SER OG   O N N 283 
SER OXT  O N N 284 
SER H    H N N 285 
SER H2   H N N 286 
SER HA   H N N 287 
SER HB2  H N N 288 
SER HB3  H N N 289 
SER HG   H N N 290 
SER HXT  H N N 291 
THR N    N N N 292 
THR CA   C N S 293 
THR C    C N N 294 
THR O    O N N 295 
THR CB   C N R 296 
THR OG1  O N N 297 
THR CG2  C N N 298 
THR OXT  O N N 299 
THR H    H N N 300 
THR H2   H N N 301 
THR HA   H N N 302 
THR HB   H N N 303 
THR HG1  H N N 304 
THR HG21 H N N 305 
THR HG22 H N N 306 
THR HG23 H N N 307 
THR HXT  H N N 308 
TRP N    N N N 309 
TRP CA   C N S 310 
TRP C    C N N 311 
TRP O    O N N 312 
TRP CB   C N N 313 
TRP CG   C Y N 314 
TRP CD1  C Y N 315 
TRP CD2  C Y N 316 
TRP NE1  N Y N 317 
TRP CE2  C Y N 318 
TRP CE3  C Y N 319 
TRP CZ2  C Y N 320 
TRP CZ3  C Y N 321 
TRP CH2  C Y N 322 
TRP OXT  O N N 323 
TRP H    H N N 324 
TRP H2   H N N 325 
TRP HA   H N N 326 
TRP HB2  H N N 327 
TRP HB3  H N N 328 
TRP HD1  H N N 329 
TRP HE1  H N N 330 
TRP HE3  H N N 331 
TRP HZ2  H N N 332 
TRP HZ3  H N N 333 
TRP HH2  H N N 334 
TRP HXT  H N N 335 
TYR N    N N N 336 
TYR CA   C N S 337 
TYR C    C N N 338 
TYR O    O N N 339 
TYR CB   C N N 340 
TYR CG   C Y N 341 
TYR CD1  C Y N 342 
TYR CD2  C Y N 343 
TYR CE1  C Y N 344 
TYR CE2  C Y N 345 
TYR CZ   C Y N 346 
TYR OH   O N N 347 
TYR OXT  O N N 348 
TYR H    H N N 349 
TYR H2   H N N 350 
TYR HA   H N N 351 
TYR HB2  H N N 352 
TYR HB3  H N N 353 
TYR HD1  H N N 354 
TYR HD2  H N N 355 
TYR HE1  H N N 356 
TYR HE2  H N N 357 
TYR HH   H N N 358 
TYR HXT  H N N 359 
VAL N    N N N 360 
VAL CA   C N S 361 
VAL C    C N N 362 
VAL O    O N N 363 
VAL CB   C N N 364 
VAL CG1  C N N 365 
VAL CG2  C N N 366 
VAL OXT  O N N 367 
VAL H    H N N 368 
VAL H2   H N N 369 
VAL HA   H N N 370 
VAL HB   H N N 371 
VAL HG11 H N N 372 
VAL HG12 H N N 373 
VAL HG13 H N N 374 
VAL HG21 H N N 375 
VAL HG22 H N N 376 
VAL HG23 H N N 377 
VAL HXT  H N N 378 
# 
loop_
_chem_comp_bond.comp_id 
_chem_comp_bond.atom_id_1 
_chem_comp_bond.atom_id_2 
_chem_comp_bond.value_order 
_chem_comp_bond.pdbx_aromatic_flag 
_chem_comp_bond.pdbx_stereo_config 
_chem_comp_bond.pdbx_ordinal 
ALA N   CA   sing N N 1   
ALA N   H    sing N N 2   
ALA N   H2   sing N N 3   
ALA CA  C    sing N N 4   
ALA CA  CB   sing N N 5   
ALA CA  HA   sing N N 6   
ALA C   O    doub N N 7   
ALA C   OXT  sing N N 8   
ALA CB  HB1  sing N N 9   
ALA CB  HB2  sing N N 10  
ALA CB  HB3  sing N N 11  
ALA OXT HXT  sing N N 12  
ASN N   CA   sing N N 13  
ASN N   H    sing N N 14  
ASN N   H2   sing N N 15  
ASN CA  C    sing N N 16  
ASN CA  CB   sing N N 17  
ASN CA  HA   sing N N 18  
ASN C   O    doub N N 19  
ASN C   OXT  sing N N 20  
ASN CB  CG   sing N N 21  
ASN CB  HB2  sing N N 22  
ASN CB  HB3  sing N N 23  
ASN CG  OD1  doub N N 24  
ASN CG  ND2  sing N N 25  
ASN ND2 HD21 sing N N 26  
ASN ND2 HD22 sing N N 27  
ASN OXT HXT  sing N N 28  
ASP N   CA   sing N N 29  
ASP N   H    sing N N 30  
ASP N   H2   sing N N 31  
ASP CA  C    sing N N 32  
ASP CA  CB   sing N N 33  
ASP CA  HA   sing N N 34  
ASP C   O    doub N N 35  
ASP C   OXT  sing N N 36  
ASP CB  CG   sing N N 37  
ASP CB  HB2  sing N N 38  
ASP CB  HB3  sing N N 39  
ASP CG  OD1  doub N N 40  
ASP CG  OD2  sing N N 41  
ASP OD2 HD2  sing N N 42  
ASP OXT HXT  sing N N 43  
CYS N   CA   sing N N 44  
CYS N   H    sing N N 45  
CYS N   H2   sing N N 46  
CYS CA  C    sing N N 47  
CYS CA  CB   sing N N 48  
CYS CA  HA   sing N N 49  
CYS C   O    doub N N 50  
CYS C   OXT  sing N N 51  
CYS CB  SG   sing N N 52  
CYS CB  HB2  sing N N 53  
CYS CB  HB3  sing N N 54  
CYS SG  HG   sing N N 55  
CYS OXT HXT  sing N N 56  
GLN N   CA   sing N N 57  
GLN N   H    sing N N 58  
GLN N   H2   sing N N 59  
GLN CA  C    sing N N 60  
GLN CA  CB   sing N N 61  
GLN CA  HA   sing N N 62  
GLN C   O    doub N N 63  
GLN C   OXT  sing N N 64  
GLN CB  CG   sing N N 65  
GLN CB  HB2  sing N N 66  
GLN CB  HB3  sing N N 67  
GLN CG  CD   sing N N 68  
GLN CG  HG2  sing N N 69  
GLN CG  HG3  sing N N 70  
GLN CD  OE1  doub N N 71  
GLN CD  NE2  sing N N 72  
GLN NE2 HE21 sing N N 73  
GLN NE2 HE22 sing N N 74  
GLN OXT HXT  sing N N 75  
GLU N   CA   sing N N 76  
GLU N   H    sing N N 77  
GLU N   H2   sing N N 78  
GLU CA  C    sing N N 79  
GLU CA  CB   sing N N 80  
GLU CA  HA   sing N N 81  
GLU C   O    doub N N 82  
GLU C   OXT  sing N N 83  
GLU CB  CG   sing N N 84  
GLU CB  HB2  sing N N 85  
GLU CB  HB3  sing N N 86  
GLU CG  CD   sing N N 87  
GLU CG  HG2  sing N N 88  
GLU CG  HG3  sing N N 89  
GLU CD  OE1  doub N N 90  
GLU CD  OE2  sing N N 91  
GLU OE2 HE2  sing N N 92  
GLU OXT HXT  sing N N 93  
GLY N   CA   sing N N 94  
GLY N   H    sing N N 95  
GLY N   H2   sing N N 96  
GLY CA  C    sing N N 97  
GLY CA  HA2  sing N N 98  
GLY CA  HA3  sing N N 99  
GLY C   O    doub N N 100 
GLY C   OXT  sing N N 101 
GLY OXT HXT  sing N N 102 
HIS N   CA   sing N N 103 
HIS N   H    sing N N 104 
HIS N   H2   sing N N 105 
HIS CA  C    sing N N 106 
HIS CA  CB   sing N N 107 
HIS CA  HA   sing N N 108 
HIS C   O    doub N N 109 
HIS C   OXT  sing N N 110 
HIS CB  CG   sing N N 111 
HIS CB  HB2  sing N N 112 
HIS CB  HB3  sing N N 113 
HIS CG  ND1  sing Y N 114 
HIS CG  CD2  doub Y N 115 
HIS ND1 CE1  doub Y N 116 
HIS ND1 HD1  sing N N 117 
HIS CD2 NE2  sing Y N 118 
HIS CD2 HD2  sing N N 119 
HIS CE1 NE2  sing Y N 120 
HIS CE1 HE1  sing N N 121 
HIS NE2 HE2  sing N N 122 
HIS OXT HXT  sing N N 123 
HOH O   H1   sing N N 124 
HOH O   H2   sing N N 125 
ILE N   CA   sing N N 126 
ILE N   H    sing N N 127 
ILE N   H2   sing N N 128 
ILE CA  C    sing N N 129 
ILE CA  CB   sing N N 130 
ILE CA  HA   sing N N 131 
ILE C   O    doub N N 132 
ILE C   OXT  sing N N 133 
ILE CB  CG1  sing N N 134 
ILE CB  CG2  sing N N 135 
ILE CB  HB   sing N N 136 
ILE CG1 CD1  sing N N 137 
ILE CG1 HG12 sing N N 138 
ILE CG1 HG13 sing N N 139 
ILE CG2 HG21 sing N N 140 
ILE CG2 HG22 sing N N 141 
ILE CG2 HG23 sing N N 142 
ILE CD1 HD11 sing N N 143 
ILE CD1 HD12 sing N N 144 
ILE CD1 HD13 sing N N 145 
ILE OXT HXT  sing N N 146 
IMD N1  C2   sing Y N 147 
IMD N1  C5   sing Y N 148 
IMD N1  HN1  sing N N 149 
IMD C2  N3   doub Y N 150 
IMD C2  H2   sing N N 151 
IMD N3  C4   sing Y N 152 
IMD N3  HN3  sing N N 153 
IMD C4  C5   doub Y N 154 
IMD C4  H4   sing N N 155 
IMD C5  H5   sing N N 156 
LEU N   CA   sing N N 157 
LEU N   H    sing N N 158 
LEU N   H2   sing N N 159 
LEU CA  C    sing N N 160 
LEU CA  CB   sing N N 161 
LEU CA  HA   sing N N 162 
LEU C   O    doub N N 163 
LEU C   OXT  sing N N 164 
LEU CB  CG   sing N N 165 
LEU CB  HB2  sing N N 166 
LEU CB  HB3  sing N N 167 
LEU CG  CD1  sing N N 168 
LEU CG  CD2  sing N N 169 
LEU CG  HG   sing N N 170 
LEU CD1 HD11 sing N N 171 
LEU CD1 HD12 sing N N 172 
LEU CD1 HD13 sing N N 173 
LEU CD2 HD21 sing N N 174 
LEU CD2 HD22 sing N N 175 
LEU CD2 HD23 sing N N 176 
LEU OXT HXT  sing N N 177 
LYS N   CA   sing N N 178 
LYS N   H    sing N N 179 
LYS N   H2   sing N N 180 
LYS CA  C    sing N N 181 
LYS CA  CB   sing N N 182 
LYS CA  HA   sing N N 183 
LYS C   O    doub N N 184 
LYS C   OXT  sing N N 185 
LYS CB  CG   sing N N 186 
LYS CB  HB2  sing N N 187 
LYS CB  HB3  sing N N 188 
LYS CG  CD   sing N N 189 
LYS CG  HG2  sing N N 190 
LYS CG  HG3  sing N N 191 
LYS CD  CE   sing N N 192 
LYS CD  HD2  sing N N 193 
LYS CD  HD3  sing N N 194 
LYS CE  NZ   sing N N 195 
LYS CE  HE2  sing N N 196 
LYS CE  HE3  sing N N 197 
LYS NZ  HZ1  sing N N 198 
LYS NZ  HZ2  sing N N 199 
LYS NZ  HZ3  sing N N 200 
LYS OXT HXT  sing N N 201 
MET N   CA   sing N N 202 
MET N   H    sing N N 203 
MET N   H2   sing N N 204 
MET CA  C    sing N N 205 
MET CA  CB   sing N N 206 
MET CA  HA   sing N N 207 
MET C   O    doub N N 208 
MET C   OXT  sing N N 209 
MET CB  CG   sing N N 210 
MET CB  HB2  sing N N 211 
MET CB  HB3  sing N N 212 
MET CG  SD   sing N N 213 
MET CG  HG2  sing N N 214 
MET CG  HG3  sing N N 215 
MET SD  CE   sing N N 216 
MET CE  HE1  sing N N 217 
MET CE  HE2  sing N N 218 
MET CE  HE3  sing N N 219 
MET OXT HXT  sing N N 220 
NH4 N   HN1  sing N N 221 
NH4 N   HN2  sing N N 222 
NH4 N   HN3  sing N N 223 
NH4 N   HN4  sing N N 224 
PHE N   CA   sing N N 225 
PHE N   H    sing N N 226 
PHE N   H2   sing N N 227 
PHE CA  C    sing N N 228 
PHE CA  CB   sing N N 229 
PHE CA  HA   sing N N 230 
PHE C   O    doub N N 231 
PHE C   OXT  sing N N 232 
PHE CB  CG   sing N N 233 
PHE CB  HB2  sing N N 234 
PHE CB  HB3  sing N N 235 
PHE CG  CD1  doub Y N 236 
PHE CG  CD2  sing Y N 237 
PHE CD1 CE1  sing Y N 238 
PHE CD1 HD1  sing N N 239 
PHE CD2 CE2  doub Y N 240 
PHE CD2 HD2  sing N N 241 
PHE CE1 CZ   doub Y N 242 
PHE CE1 HE1  sing N N 243 
PHE CE2 CZ   sing Y N 244 
PHE CE2 HE2  sing N N 245 
PHE CZ  HZ   sing N N 246 
PHE OXT HXT  sing N N 247 
PRO N   CA   sing N N 248 
PRO N   CD   sing N N 249 
PRO N   H    sing N N 250 
PRO CA  C    sing N N 251 
PRO CA  CB   sing N N 252 
PRO CA  HA   sing N N 253 
PRO C   O    doub N N 254 
PRO C   OXT  sing N N 255 
PRO CB  CG   sing N N 256 
PRO CB  HB2  sing N N 257 
PRO CB  HB3  sing N N 258 
PRO CG  CD   sing N N 259 
PRO CG  HG2  sing N N 260 
PRO CG  HG3  sing N N 261 
PRO CD  HD2  sing N N 262 
PRO CD  HD3  sing N N 263 
PRO OXT HXT  sing N N 264 
SER N   CA   sing N N 265 
SER N   H    sing N N 266 
SER N   H2   sing N N 267 
SER CA  C    sing N N 268 
SER CA  CB   sing N N 269 
SER CA  HA   sing N N 270 
SER C   O    doub N N 271 
SER C   OXT  sing N N 272 
SER CB  OG   sing N N 273 
SER CB  HB2  sing N N 274 
SER CB  HB3  sing N N 275 
SER OG  HG   sing N N 276 
SER OXT HXT  sing N N 277 
THR N   CA   sing N N 278 
THR N   H    sing N N 279 
THR N   H2   sing N N 280 
THR CA  C    sing N N 281 
THR CA  CB   sing N N 282 
THR CA  HA   sing N N 283 
THR C   O    doub N N 284 
THR C   OXT  sing N N 285 
THR CB  OG1  sing N N 286 
THR CB  CG2  sing N N 287 
THR CB  HB   sing N N 288 
THR OG1 HG1  sing N N 289 
THR CG2 HG21 sing N N 290 
THR CG2 HG22 sing N N 291 
THR CG2 HG23 sing N N 292 
THR OXT HXT  sing N N 293 
TRP N   CA   sing N N 294 
TRP N   H    sing N N 295 
TRP N   H2   sing N N 296 
TRP CA  C    sing N N 297 
TRP CA  CB   sing N N 298 
TRP CA  HA   sing N N 299 
TRP C   O    doub N N 300 
TRP C   OXT  sing N N 301 
TRP CB  CG   sing N N 302 
TRP CB  HB2  sing N N 303 
TRP CB  HB3  sing N N 304 
TRP CG  CD1  doub Y N 305 
TRP CG  CD2  sing Y N 306 
TRP CD1 NE1  sing Y N 307 
TRP CD1 HD1  sing N N 308 
TRP CD2 CE2  doub Y N 309 
TRP CD2 CE3  sing Y N 310 
TRP NE1 CE2  sing Y N 311 
TRP NE1 HE1  sing N N 312 
TRP CE2 CZ2  sing Y N 313 
TRP CE3 CZ3  doub Y N 314 
TRP CE3 HE3  sing N N 315 
TRP CZ2 CH2  doub Y N 316 
TRP CZ2 HZ2  sing N N 317 
TRP CZ3 CH2  sing Y N 318 
TRP CZ3 HZ3  sing N N 319 
TRP CH2 HH2  sing N N 320 
TRP OXT HXT  sing N N 321 
TYR N   CA   sing N N 322 
TYR N   H    sing N N 323 
TYR N   H2   sing N N 324 
TYR CA  C    sing N N 325 
TYR CA  CB   sing N N 326 
TYR CA  HA   sing N N 327 
TYR C   O    doub N N 328 
TYR C   OXT  sing N N 329 
TYR CB  CG   sing N N 330 
TYR CB  HB2  sing N N 331 
TYR CB  HB3  sing N N 332 
TYR CG  CD1  doub Y N 333 
TYR CG  CD2  sing Y N 334 
TYR CD1 CE1  sing Y N 335 
TYR CD1 HD1  sing N N 336 
TYR CD2 CE2  doub Y N 337 
TYR CD2 HD2  sing N N 338 
TYR CE1 CZ   doub Y N 339 
TYR CE1 HE1  sing N N 340 
TYR CE2 CZ   sing Y N 341 
TYR CE2 HE2  sing N N 342 
TYR CZ  OH   sing N N 343 
TYR OH  HH   sing N N 344 
TYR OXT HXT  sing N N 345 
VAL N   CA   sing N N 346 
VAL N   H    sing N N 347 
VAL N   H2   sing N N 348 
VAL CA  C    sing N N 349 
VAL CA  CB   sing N N 350 
VAL CA  HA   sing N N 351 
VAL C   O    doub N N 352 
VAL C   OXT  sing N N 353 
VAL CB  CG1  sing N N 354 
VAL CB  CG2  sing N N 355 
VAL CB  HB   sing N N 356 
VAL CG1 HG11 sing N N 357 
VAL CG1 HG12 sing N N 358 
VAL CG1 HG13 sing N N 359 
VAL CG2 HG21 sing N N 360 
VAL CG2 HG22 sing N N 361 
VAL CG2 HG23 sing N N 362 
VAL OXT HXT  sing N N 363 
# 
loop_
_pdbx_entity_nonpoly.entity_id 
_pdbx_entity_nonpoly.name 
_pdbx_entity_nonpoly.comp_id 
2 'AMMONIUM ION' NH4 
3 IMIDAZOLE      IMD 
4 water          HOH 
# 
_pdbx_initial_refinement_model.id               1 
_pdbx_initial_refinement_model.entity_id_list   ? 
_pdbx_initial_refinement_model.type             'experimental model' 
_pdbx_initial_refinement_model.source_name      PDB 
_pdbx_initial_refinement_model.accession_code   2AWU 
_pdbx_initial_refinement_model.details          'PDB ENTRY 2AWU' 
# 
